data_8CFM
#
_entry.id   8CFM
#
_cell.length_a   74.050
_cell.length_b   133.220
_cell.length_c   98.280
_cell.angle_alpha   90.00
_cell.angle_beta   100.94
_cell.angle_gamma   90.00
#
_symmetry.space_group_name_H-M   'P 1 21 1'
#
loop_
_entity.id
_entity.type
_entity.pdbx_description
1 polymer Adenosylhomocysteinase
2 non-polymer NICOTINAMIDE-ADENINE-DINUCLEOTIDE
3 non-polymer ADENINE
4 non-polymer 5-(2-methoxyethyl)-1,3,4-oxadiazol-2-amine
5 non-polymer 'POTASSIUM ION'
6 non-polymer 'PHOSPHATE ION'
7 non-polymer GLYCEROL
8 non-polymer 'DIMETHYL SULFOXIDE'
9 water water
#
_entity_poly.entity_id   1
_entity_poly.type   'polypeptide(L)'
_entity_poly.pdbx_seq_one_letter_code
;SNAMSAVMTPAGFTDYKVADITLAAWGRRELIIAESEMPALMGLRRKYAGQQPLKGAKILGCIHMTIQTGVLIETLVALG
AEVRWSSCNIFSTQDQAAAAIAAAGIPVFAWKGETEEEYEWCIEQTILKDGQPWDANMVLDDGGDLTEILHKKYPQMLER
IHGITEETTTGVHRLLDMLKNGTLKVPAINVNDSVTKSKNDNKYGCRHSLNDAIKRGTDHLLSGKQALVIGYGDVGKGSS
QSLRQEGMIVKVAEVDPICAMQACMDGFEVVSPYKNGINDGTEASIDAALLGKIDLIVTTTGNVNVCDANMLKALKKRAV
VCNIGHFDNEIDTAFMRKNWAWEEVKPQVHKIHRTGKDGFDAHNDDYLILLAEGRLVNLGNATGHPSRIMDGSFANQVLA
QIHLFEQKYADLPAAEKAKRLSVEVLPKKLDEEVALEMVKGFGGVVTQLTPKQAEYIGVSVEGPFKPDTYRY
;
_entity_poly.pdbx_strand_id   A,B,C,D
#
loop_
_chem_comp.id
_chem_comp.type
_chem_comp.name
_chem_comp.formula
ADE non-polymer ADENINE 'C5 H5 N5'
DMS non-polymer 'DIMETHYL SULFOXIDE' 'C2 H6 O S'
GOL non-polymer GLYCEROL 'C3 H8 O3'
K non-polymer 'POTASSIUM ION' 'K 1'
NAD non-polymer NICOTINAMIDE-ADENINE-DINUCLEOTIDE 'C21 H27 N7 O14 P2'
PO4 non-polymer 'PHOSPHATE ION' 'O4 P -3'
UHL non-polymer 5-(2-methoxyethyl)-1,3,4-oxadiazol-2-amine 'C5 H9 N3 O2'
#
# COMPACT_ATOMS: atom_id res chain seq x y z
N THR A 9 -14.02 34.24 30.25
CA THR A 9 -14.54 35.61 30.29
C THR A 9 -15.07 36.08 31.67
N PRO A 10 -15.79 35.21 32.45
CA PRO A 10 -16.36 35.67 33.73
C PRO A 10 -15.41 36.50 34.57
N ALA A 11 -15.94 37.53 35.20
CA ALA A 11 -15.10 38.50 35.92
C ALA A 11 -14.44 37.83 37.11
N GLY A 12 -13.13 38.02 37.24
CA GLY A 12 -12.40 37.48 38.38
C GLY A 12 -12.26 35.97 38.40
N PHE A 13 -12.47 35.30 37.27
CA PHE A 13 -12.36 33.85 37.22
C PHE A 13 -10.94 33.38 37.57
N THR A 14 -10.83 32.56 38.61
CA THR A 14 -9.57 31.95 39.00
C THR A 14 -9.67 30.44 39.23
N ASP A 15 -10.83 29.85 38.98
CA ASP A 15 -11.09 28.45 39.33
C ASP A 15 -10.51 27.53 38.24
N TYR A 16 -9.19 27.52 38.14
CA TYR A 16 -8.50 26.73 37.13
C TYR A 16 -7.01 26.69 37.46
N LYS A 17 -6.28 25.89 36.69
CA LYS A 17 -4.82 25.85 36.79
C LYS A 17 -4.29 25.31 35.47
N VAL A 18 -3.59 26.16 34.70
CA VAL A 18 -3.02 25.78 33.42
C VAL A 18 -1.60 26.31 33.33
N ALA A 19 -0.91 25.94 32.24
CA ALA A 19 0.50 26.30 32.10
C ALA A 19 0.67 27.79 31.81
N ASP A 20 -0.13 28.34 30.89
CA ASP A 20 0.14 29.68 30.37
C ASP A 20 -1.15 30.20 29.73
N ILE A 21 -1.85 31.07 30.45
CA ILE A 21 -3.13 31.59 29.97
C ILE A 21 -2.97 32.42 28.71
N THR A 22 -1.77 32.95 28.43
CA THR A 22 -1.59 33.76 27.24
C THR A 22 -1.70 32.95 25.95
N LEU A 23 -1.71 31.63 26.05
CA LEU A 23 -1.93 30.78 24.88
C LEU A 23 -3.40 30.68 24.49
N ALA A 24 -4.29 31.39 25.18
CA ALA A 24 -5.73 31.17 25.01
C ALA A 24 -6.19 31.53 23.61
N ALA A 25 -5.71 32.67 23.07
CA ALA A 25 -6.17 33.09 21.76
C ALA A 25 -5.73 32.12 20.67
N TRP A 26 -4.51 31.57 20.81
CA TRP A 26 -4.06 30.52 19.90
C TRP A 26 -4.95 29.28 20.01
N GLY A 27 -5.23 28.85 21.23
CA GLY A 27 -6.14 27.72 21.42
C GLY A 27 -7.50 27.96 20.80
N ARG A 28 -8.06 29.16 20.97
CA ARG A 28 -9.37 29.46 20.39
C ARG A 28 -9.32 29.36 18.87
N ARG A 29 -8.25 29.87 18.25
CA ARG A 29 -8.11 29.74 16.79
C ARG A 29 -8.13 28.28 16.38
N GLU A 30 -7.45 27.40 17.13
CA GLU A 30 -7.44 25.99 16.77
C GLU A 30 -8.75 25.29 17.10
N LEU A 31 -9.48 25.76 18.12
CA LEU A 31 -10.81 25.23 18.39
C LEU A 31 -11.77 25.54 17.25
N ILE A 32 -11.69 26.75 16.71
CA ILE A 32 -12.55 27.13 15.59
C ILE A 32 -12.24 26.28 14.36
N ILE A 33 -10.97 25.98 14.11
CA ILE A 33 -10.63 25.08 13.01
C ILE A 33 -11.17 23.68 13.29
N ALA A 34 -11.00 23.19 14.52
CA ALA A 34 -11.43 21.82 14.83
C ALA A 34 -12.94 21.67 14.72
N GLU A 35 -13.70 22.73 15.03
CA GLU A 35 -15.15 22.66 14.86
C GLU A 35 -15.51 22.33 13.42
N SER A 36 -14.75 22.87 12.46
CA SER A 36 -15.00 22.56 11.06
C SER A 36 -14.59 21.13 10.70
N GLU A 37 -13.80 20.47 11.55
CA GLU A 37 -13.38 19.10 11.33
C GLU A 37 -14.21 18.08 12.09
N MET A 38 -15.21 18.52 12.86
CA MET A 38 -15.98 17.62 13.72
C MET A 38 -17.48 17.79 13.46
N PRO A 39 -17.96 17.34 12.30
CA PRO A 39 -19.37 17.60 11.95
C PRO A 39 -20.38 16.82 12.78
N ALA A 40 -20.06 15.61 13.23
CA ALA A 40 -21.00 14.88 14.07
C ALA A 40 -21.17 15.58 15.42
N LEU A 41 -20.06 15.98 16.03
CA LEU A 41 -20.14 16.69 17.31
C LEU A 41 -20.84 18.04 17.13
N MET A 42 -20.46 18.79 16.09
N MET A 42 -20.49 18.79 16.08
CA MET A 42 -21.12 20.06 15.79
CA MET A 42 -21.15 20.07 15.87
C MET A 42 -22.60 19.86 15.52
C MET A 42 -22.61 19.91 15.44
N GLY A 43 -22.94 18.79 14.80
CA GLY A 43 -24.34 18.54 14.49
C GLY A 43 -25.17 18.34 15.74
N LEU A 44 -24.63 17.62 16.72
CA LEU A 44 -25.31 17.47 18.00
C LEU A 44 -25.48 18.83 18.68
N ARG A 45 -24.44 19.66 18.63
CA ARG A 45 -24.53 21.01 19.18
C ARG A 45 -25.67 21.79 18.54
N ARG A 46 -25.77 21.73 17.21
CA ARG A 46 -26.83 22.47 16.52
C ARG A 46 -28.20 21.84 16.75
N LYS A 47 -28.28 20.52 16.79
CA LYS A 47 -29.57 19.86 16.88
C LYS A 47 -30.18 20.03 18.27
N TYR A 48 -29.37 20.01 19.32
CA TYR A 48 -29.86 19.92 20.68
C TYR A 48 -29.69 21.18 21.51
N ALA A 49 -29.02 22.22 21.00
CA ALA A 49 -28.76 23.42 21.81
C ALA A 49 -30.06 24.01 22.34
N GLY A 50 -31.09 24.08 21.50
CA GLY A 50 -32.34 24.69 21.93
C GLY A 50 -33.06 23.87 23.00
N GLN A 51 -33.01 22.54 22.88
CA GLN A 51 -33.65 21.67 23.86
C GLN A 51 -32.93 21.69 25.21
N GLN A 52 -31.65 22.03 25.23
CA GLN A 52 -30.85 22.04 26.45
C GLN A 52 -30.93 20.71 27.20
N PRO A 53 -30.63 19.58 26.56
CA PRO A 53 -30.83 18.28 27.22
C PRO A 53 -29.94 18.07 28.43
N LEU A 54 -28.88 18.85 28.58
CA LEU A 54 -27.97 18.71 29.71
C LEU A 54 -28.12 19.83 30.73
N LYS A 55 -29.19 20.61 30.66
CA LYS A 55 -29.42 21.63 31.68
C LYS A 55 -29.56 20.95 33.04
N GLY A 56 -28.75 21.38 33.99
CA GLY A 56 -28.70 20.79 35.30
C GLY A 56 -27.61 19.75 35.49
N ALA A 57 -27.05 19.23 34.40
CA ALA A 57 -25.96 18.28 34.50
C ALA A 57 -24.72 18.98 35.05
N LYS A 58 -24.00 18.29 35.93
CA LYS A 58 -22.75 18.79 36.51
C LYS A 58 -21.73 17.67 36.37
N ILE A 59 -20.87 17.80 35.36
CA ILE A 59 -20.06 16.69 34.85
C ILE A 59 -18.64 16.81 35.38
N LEU A 60 -18.15 15.74 36.01
CA LEU A 60 -16.73 15.59 36.28
C LEU A 60 -16.08 14.93 35.07
N GLY A 61 -15.12 15.62 34.45
CA GLY A 61 -14.50 15.09 33.26
C GLY A 61 -13.01 14.84 33.41
N CYS A 62 -12.54 13.66 32.99
CA CYS A 62 -11.12 13.31 33.06
C CYS A 62 -10.73 12.65 31.74
N ILE A 63 -10.21 13.46 30.81
CA ILE A 63 -9.72 12.95 29.54
C ILE A 63 -8.73 13.97 28.99
N HIS A 64 -7.71 13.47 28.27
CA HIS A 64 -6.64 14.26 27.67
C HIS A 64 -7.10 15.65 27.24
N MET A 65 -6.50 16.69 27.81
CA MET A 65 -6.95 18.07 27.58
C MET A 65 -6.36 18.60 26.27
N THR A 66 -6.88 18.05 25.18
CA THR A 66 -6.48 18.41 23.83
C THR A 66 -7.46 19.43 23.24
N ILE A 67 -7.12 19.94 22.07
CA ILE A 67 -8.05 20.75 21.30
C ILE A 67 -9.34 19.99 21.05
N GLN A 68 -9.24 18.68 20.78
CA GLN A 68 -10.43 17.87 20.49
C GLN A 68 -11.33 17.76 21.72
N THR A 69 -10.71 17.58 22.89
CA THR A 69 -11.48 17.56 24.12
C THR A 69 -12.13 18.91 24.40
N GLY A 70 -11.47 20.00 24.00
CA GLY A 70 -12.08 21.31 24.15
C GLY A 70 -13.38 21.46 23.37
N VAL A 71 -13.45 20.87 22.17
CA VAL A 71 -14.68 20.92 21.41
C VAL A 71 -15.76 20.08 22.07
N LEU A 72 -15.38 18.93 22.65
CA LEU A 72 -16.31 18.12 23.42
C LEU A 72 -16.83 18.88 24.63
N ILE A 73 -15.92 19.48 25.41
CA ILE A 73 -16.32 20.24 26.59
C ILE A 73 -17.34 21.31 26.21
N GLU A 74 -17.03 22.11 25.19
CA GLU A 74 -17.90 23.22 24.85
C GLU A 74 -19.20 22.75 24.20
N THR A 75 -19.25 21.53 23.67
CA THR A 75 -20.52 20.96 23.24
C THR A 75 -21.40 20.62 24.43
N LEU A 76 -20.83 19.95 25.44
CA LEU A 76 -21.58 19.66 26.66
C LEU A 76 -22.10 20.94 27.30
N VAL A 77 -21.26 21.98 27.36
CA VAL A 77 -21.68 23.27 27.91
C VAL A 77 -22.79 23.87 27.07
N ALA A 78 -22.67 23.81 25.74
CA ALA A 78 -23.69 24.38 24.86
C ALA A 78 -25.03 23.66 25.00
N LEU A 79 -25.05 22.42 25.47
CA LEU A 79 -26.28 21.69 25.71
C LEU A 79 -26.79 21.86 27.15
N GLY A 80 -26.12 22.68 27.96
CA GLY A 80 -26.64 23.08 29.27
C GLY A 80 -25.83 22.62 30.45
N ALA A 81 -24.80 21.82 30.25
CA ALA A 81 -24.06 21.25 31.36
C ALA A 81 -23.06 22.24 31.94
N GLU A 82 -22.74 22.04 33.21
CA GLU A 82 -21.54 22.58 33.85
C GLU A 82 -20.54 21.45 34.02
N VAL A 83 -19.25 21.77 33.89
CA VAL A 83 -18.19 20.77 33.95
C VAL A 83 -17.05 21.26 34.83
N ARG A 84 -16.28 20.31 35.36
CA ARG A 84 -14.97 20.56 35.94
C ARG A 84 -14.02 19.50 35.42
N TRP A 85 -12.88 19.91 34.86
CA TRP A 85 -12.12 19.06 33.95
C TRP A 85 -10.66 18.89 34.37
N SER A 86 -10.12 17.71 34.07
CA SER A 86 -8.71 17.43 34.19
C SER A 86 -8.32 16.48 33.06
N SER A 87 -7.00 16.36 32.84
CA SER A 87 -6.48 15.43 31.85
C SER A 87 -6.30 14.06 32.50
N CYS A 88 -6.33 13.01 31.67
CA CYS A 88 -6.11 11.65 32.15
C CYS A 88 -4.70 11.15 31.88
N ASN A 89 -3.77 12.06 31.56
CA ASN A 89 -2.37 11.67 31.40
C ASN A 89 -1.50 12.89 31.63
N ILE A 90 -0.32 12.66 32.21
CA ILE A 90 0.54 13.77 32.58
C ILE A 90 1.15 14.49 31.37
N PHE A 91 1.19 13.85 30.20
CA PHE A 91 1.86 14.43 29.03
C PHE A 91 0.91 14.76 27.89
N SER A 92 -0.39 14.50 28.03
CA SER A 92 -1.29 14.56 26.88
C SER A 92 -1.94 15.91 26.67
N THR A 93 -1.89 16.81 27.65
CA THR A 93 -2.52 18.12 27.51
C THR A 93 -1.84 18.95 26.42
N GLN A 94 -2.65 19.62 25.61
CA GLN A 94 -2.18 20.73 24.79
C GLN A 94 -2.41 22.00 25.59
N ASP A 95 -1.32 22.72 25.91
CA ASP A 95 -1.44 23.86 26.81
C ASP A 95 -2.28 24.99 26.23
N GLN A 96 -2.31 25.13 24.90
CA GLN A 96 -3.17 26.16 24.33
C GLN A 96 -4.64 25.76 24.40
N ALA A 97 -4.92 24.45 24.45
CA ALA A 97 -6.31 23.99 24.61
C ALA A 97 -6.80 24.25 26.03
N ALA A 98 -5.98 23.92 27.03
CA ALA A 98 -6.36 24.18 28.42
C ALA A 98 -6.57 25.68 28.65
N ALA A 99 -5.70 26.51 28.07
CA ALA A 99 -5.80 27.95 28.27
C ALA A 99 -7.09 28.50 27.68
N ALA A 100 -7.48 28.03 26.49
CA ALA A 100 -8.70 28.54 25.86
C ALA A 100 -9.94 28.12 26.64
N ILE A 101 -9.92 26.91 27.20
CA ILE A 101 -11.04 26.45 28.02
C ILE A 101 -11.12 27.28 29.31
N ALA A 102 -9.99 27.49 29.96
CA ALA A 102 -9.97 28.31 31.18
C ALA A 102 -10.38 29.74 30.87
N ALA A 103 -9.94 30.29 29.75
CA ALA A 103 -10.30 31.67 29.39
C ALA A 103 -11.78 31.81 29.12
N ALA A 104 -12.47 30.70 28.84
CA ALA A 104 -13.91 30.72 28.61
C ALA A 104 -14.71 30.58 29.90
N GLY A 105 -14.05 30.61 31.06
CA GLY A 105 -14.75 30.46 32.32
C GLY A 105 -15.10 29.04 32.70
N ILE A 106 -14.37 28.06 32.18
CA ILE A 106 -14.62 26.65 32.45
C ILE A 106 -13.52 26.14 33.36
N PRO A 107 -13.84 25.58 34.53
CA PRO A 107 -12.78 25.07 35.42
C PRO A 107 -12.03 23.91 34.78
N VAL A 108 -10.72 24.07 34.64
CA VAL A 108 -9.87 23.05 34.05
C VAL A 108 -8.53 23.07 34.78
N PHE A 109 -8.03 21.87 35.08
CA PHE A 109 -6.76 21.72 35.80
C PHE A 109 -5.92 20.71 35.00
N ALA A 110 -5.02 21.22 34.17
CA ALA A 110 -4.28 20.39 33.24
C ALA A 110 -3.15 21.19 32.61
N TRP A 111 -1.98 20.58 32.51
CA TRP A 111 -0.88 21.13 31.72
C TRP A 111 0.02 20.00 31.27
N LYS A 112 0.75 20.24 30.20
CA LYS A 112 1.68 19.25 29.67
C LYS A 112 2.90 19.15 30.57
N GLY A 113 3.22 17.93 30.99
CA GLY A 113 4.38 17.72 31.84
C GLY A 113 4.11 17.72 33.33
N GLU A 114 2.93 17.26 33.75
CA GLU A 114 2.63 17.16 35.17
C GLU A 114 3.49 16.10 35.83
N THR A 115 3.77 16.30 37.11
CA THR A 115 4.26 15.20 37.94
C THR A 115 3.08 14.32 38.36
N GLU A 116 3.39 13.12 38.87
CA GLU A 116 2.33 12.25 39.36
C GLU A 116 1.55 12.92 40.49
N GLU A 117 2.25 13.65 41.36
CA GLU A 117 1.59 14.36 42.45
C GLU A 117 0.64 15.42 41.89
N GLU A 118 1.10 16.19 40.91
CA GLU A 118 0.25 17.21 40.31
C GLU A 118 -0.94 16.57 39.58
N TYR A 119 -0.71 15.43 38.93
CA TYR A 119 -1.80 14.73 38.23
C TYR A 119 -2.95 14.39 39.17
N GLU A 120 -2.62 13.82 40.34
CA GLU A 120 -3.65 13.50 41.31
C GLU A 120 -4.32 14.77 41.83
N TRP A 121 -3.52 15.81 42.10
CA TRP A 121 -4.06 17.07 42.59
C TRP A 121 -5.06 17.67 41.60
N CYS A 122 -4.80 17.53 40.29
CA CYS A 122 -5.70 18.08 39.29
C CYS A 122 -7.06 17.41 39.32
N ILE A 123 -7.08 16.07 39.41
CA ILE A 123 -8.36 15.37 39.53
C ILE A 123 -9.10 15.83 40.78
N GLU A 124 -8.38 16.02 41.87
CA GLU A 124 -9.02 16.43 43.12
C GLU A 124 -9.59 17.85 43.02
N GLN A 125 -8.97 18.69 42.20
CA GLN A 125 -9.49 20.04 42.02
C GLN A 125 -10.83 20.05 41.28
N THR A 126 -11.07 19.04 40.44
CA THR A 126 -12.39 18.93 39.82
C THR A 126 -13.40 18.39 40.82
N ILE A 127 -13.00 17.39 41.60
CA ILE A 127 -13.90 16.76 42.58
C ILE A 127 -14.33 17.77 43.64
N LEU A 128 -13.40 18.62 44.07
CA LEU A 128 -13.66 19.62 45.11
C LEU A 128 -13.96 20.97 44.48
N LYS A 129 -14.82 21.73 45.15
CA LYS A 129 -15.01 23.14 44.84
C LYS A 129 -15.08 23.91 46.15
N ASP A 130 -14.14 24.83 46.35
CA ASP A 130 -14.06 25.62 47.57
C ASP A 130 -13.89 24.73 48.80
N GLY A 131 -13.00 23.74 48.67
CA GLY A 131 -12.68 22.85 49.76
C GLY A 131 -13.68 21.75 50.03
N GLN A 132 -14.84 21.76 49.38
CA GLN A 132 -15.86 20.75 49.64
C GLN A 132 -16.22 20.01 48.35
N PRO A 133 -16.73 18.78 48.47
CA PRO A 133 -17.15 18.05 47.27
C PRO A 133 -18.14 18.85 46.43
N TRP A 134 -17.83 18.97 45.15
CA TRP A 134 -18.77 19.55 44.20
C TRP A 134 -20.02 18.69 44.13
N ASP A 135 -21.15 19.32 43.81
CA ASP A 135 -22.41 18.59 43.67
C ASP A 135 -22.55 18.02 42.25
N ALA A 136 -21.57 17.20 41.89
CA ALA A 136 -21.58 16.57 40.58
C ALA A 136 -22.66 15.51 40.50
N ASN A 137 -23.15 15.28 39.28
CA ASN A 137 -24.13 14.22 39.04
C ASN A 137 -23.83 13.41 37.79
N MET A 138 -22.74 13.70 37.09
CA MET A 138 -22.33 12.94 35.92
C MET A 138 -20.81 12.82 35.91
N VAL A 139 -20.33 11.74 35.30
CA VAL A 139 -18.91 11.44 35.19
C VAL A 139 -18.59 11.06 33.75
N LEU A 140 -17.56 11.69 33.18
CA LEU A 140 -16.99 11.30 31.90
C LEU A 140 -15.52 10.97 32.13
N ASP A 141 -15.12 9.74 31.82
CA ASP A 141 -13.80 9.24 32.17
C ASP A 141 -13.12 8.58 30.98
N ASP A 142 -11.79 8.56 31.02
CA ASP A 142 -10.95 7.97 29.97
C ASP A 142 -9.82 7.22 30.68
N GLY A 143 -10.02 5.93 30.93
CA GLY A 143 -9.04 5.09 31.56
C GLY A 143 -9.40 4.60 32.95
N GLY A 144 -10.38 5.23 33.59
CA GLY A 144 -10.88 4.78 34.88
C GLY A 144 -10.27 5.42 36.10
N ASP A 145 -9.35 6.39 35.93
CA ASP A 145 -8.68 6.98 37.10
C ASP A 145 -9.64 7.81 37.94
N LEU A 146 -10.40 8.70 37.30
CA LEU A 146 -11.39 9.49 38.04
C LEU A 146 -12.43 8.57 38.67
N THR A 147 -12.92 7.59 37.91
CA THR A 147 -13.87 6.61 38.43
C THR A 147 -13.33 5.92 39.68
N GLU A 148 -12.04 5.56 39.68
CA GLU A 148 -11.47 4.85 40.80
C GLU A 148 -11.34 5.74 42.03
N ILE A 149 -10.91 7.00 41.84
CA ILE A 149 -10.77 7.92 42.97
C ILE A 149 -12.13 8.18 43.62
N LEU A 150 -13.17 8.35 42.80
CA LEU A 150 -14.51 8.56 43.35
C LEU A 150 -14.98 7.37 44.17
N HIS A 151 -14.73 6.15 43.69
CA HIS A 151 -15.16 4.97 44.43
C HIS A 151 -14.32 4.77 45.68
N LYS A 152 -13.01 5.03 45.59
CA LYS A 152 -12.09 4.75 46.69
C LYS A 152 -12.12 5.84 47.75
N LYS A 153 -12.11 7.10 47.34
CA LYS A 153 -11.91 8.22 48.26
C LYS A 153 -13.15 9.07 48.50
N TYR A 154 -14.08 9.15 47.55
CA TYR A 154 -15.29 9.95 47.73
C TYR A 154 -16.56 9.14 47.43
N PRO A 155 -16.75 7.99 48.08
CA PRO A 155 -17.90 7.15 47.74
C PRO A 155 -19.24 7.83 47.98
N GLN A 156 -19.32 8.76 48.93
CA GLN A 156 -20.58 9.44 49.18
C GLN A 156 -21.01 10.30 48.01
N MET A 157 -20.07 10.85 47.25
CA MET A 157 -20.43 11.63 46.06
C MET A 157 -21.14 10.76 45.03
N LEU A 158 -20.81 9.48 44.97
CA LEU A 158 -21.44 8.59 43.99
C LEU A 158 -22.94 8.42 44.24
N GLU A 159 -23.43 8.79 45.42
CA GLU A 159 -24.85 8.68 45.70
C GLU A 159 -25.69 9.64 44.86
N ARG A 160 -25.10 10.72 44.35
CA ARG A 160 -25.84 11.72 43.59
C ARG A 160 -25.53 11.68 42.10
N ILE A 161 -24.75 10.69 41.65
CA ILE A 161 -24.26 10.65 40.28
C ILE A 161 -25.10 9.66 39.48
N HIS A 162 -25.55 10.09 38.30
CA HIS A 162 -26.46 9.29 37.47
C HIS A 162 -25.74 8.28 36.59
N GLY A 163 -24.50 8.54 36.21
CA GLY A 163 -23.82 7.60 35.33
C GLY A 163 -22.39 7.99 35.07
N ILE A 164 -21.65 7.03 34.51
CA ILE A 164 -20.28 7.20 34.04
C ILE A 164 -20.26 6.85 32.56
N THR A 165 -19.54 7.63 31.77
CA THR A 165 -19.35 7.33 30.34
C THR A 165 -17.85 7.16 30.08
N GLU A 166 -17.42 5.90 29.93
CA GLU A 166 -16.01 5.55 29.86
C GLU A 166 -15.57 5.42 28.40
N GLU A 167 -14.44 6.05 28.09
CA GLU A 167 -13.96 6.28 26.73
C GLU A 167 -13.15 5.12 26.15
N THR A 168 -12.30 4.47 26.92
CA THR A 168 -11.24 3.66 26.32
C THR A 168 -11.27 2.22 26.83
N THR A 169 -10.54 1.36 26.10
CA THR A 169 -10.59 -0.09 26.34
C THR A 169 -10.19 -0.44 27.77
N THR A 170 -9.06 0.12 28.24
CA THR A 170 -8.60 -0.15 29.60
C THR A 170 -9.64 0.25 30.64
N GLY A 171 -10.26 1.41 30.48
CA GLY A 171 -11.27 1.84 31.45
C GLY A 171 -12.49 0.93 31.47
N VAL A 172 -12.92 0.45 30.31
CA VAL A 172 -14.06 -0.47 30.27
C VAL A 172 -13.74 -1.75 31.02
N HIS A 173 -12.54 -2.31 30.81
CA HIS A 173 -12.15 -3.52 31.53
C HIS A 173 -12.23 -3.31 33.05
N ARG A 174 -11.79 -2.14 33.52
CA ARG A 174 -11.86 -1.84 34.95
C ARG A 174 -13.31 -1.78 35.42
N LEU A 175 -14.19 -1.19 34.61
CA LEU A 175 -15.61 -1.13 34.97
C LEU A 175 -16.21 -2.53 35.05
N LEU A 176 -15.89 -3.38 34.06
CA LEU A 176 -16.46 -4.73 34.05
C LEU A 176 -15.98 -5.54 35.25
N ASP A 177 -14.73 -5.34 35.67
CA ASP A 177 -14.24 -6.03 36.86
CA ASP A 177 -14.24 -6.03 36.86
C ASP A 177 -14.98 -5.57 38.11
N MET A 178 -15.27 -4.27 38.20
CA MET A 178 -16.04 -3.76 39.34
C MET A 178 -17.46 -4.31 39.34
N LEU A 179 -18.08 -4.34 38.16
CA LEU A 179 -19.45 -4.84 38.06
C LEU A 179 -19.55 -6.30 38.52
N LYS A 180 -18.63 -7.15 38.05
CA LYS A 180 -18.65 -8.55 38.44
C LYS A 180 -18.28 -8.74 39.90
N ASN A 181 -17.54 -7.81 40.49
CA ASN A 181 -17.20 -7.86 41.91
C ASN A 181 -18.22 -7.15 42.79
N GLY A 182 -19.25 -6.55 42.20
CA GLY A 182 -20.25 -5.85 42.98
C GLY A 182 -19.77 -4.56 43.62
N THR A 183 -18.74 -3.93 43.09
CA THR A 183 -18.21 -2.68 43.63
C THR A 183 -18.54 -1.45 42.78
N LEU A 184 -19.20 -1.64 41.64
CA LEU A 184 -19.62 -0.50 40.82
C LEU A 184 -20.90 0.10 41.39
N LYS A 185 -20.88 1.40 41.65
CA LYS A 185 -21.96 2.07 42.37
C LYS A 185 -22.95 2.79 41.47
N VAL A 186 -22.61 3.05 40.21
CA VAL A 186 -23.51 3.74 39.28
C VAL A 186 -23.41 3.07 37.92
N PRO A 187 -24.47 3.19 37.10
CA PRO A 187 -24.42 2.59 35.76
C PRO A 187 -23.46 3.33 34.85
N ALA A 188 -22.98 2.61 33.83
CA ALA A 188 -22.01 3.16 32.91
C ALA A 188 -22.40 2.80 31.48
N ILE A 189 -21.93 3.62 30.54
CA ILE A 189 -22.03 3.32 29.12
C ILE A 189 -20.62 3.10 28.58
N ASN A 190 -20.39 1.95 27.96
CA ASN A 190 -19.15 1.63 27.27
C ASN A 190 -19.18 2.36 25.93
N VAL A 191 -18.58 3.55 25.92
CA VAL A 191 -18.47 4.32 24.69
C VAL A 191 -17.45 3.68 23.74
N ASN A 192 -16.45 2.98 24.30
CA ASN A 192 -15.37 2.44 23.48
C ASN A 192 -15.89 1.52 22.39
N ASP A 193 -16.92 0.71 22.69
CA ASP A 193 -17.36 -0.35 21.79
C ASP A 193 -18.48 0.07 20.84
N SER A 194 -18.78 1.37 20.71
CA SER A 194 -19.40 1.83 19.48
C SER A 194 -18.42 1.60 18.34
N VAL A 195 -18.94 1.20 17.18
CA VAL A 195 -18.05 1.01 16.04
C VAL A 195 -17.43 2.34 15.62
N THR A 196 -18.22 3.43 15.67
CA THR A 196 -17.68 4.75 15.35
C THR A 196 -16.68 5.25 16.38
N LYS A 197 -16.46 4.50 17.45
CA LYS A 197 -15.35 4.74 18.39
C LYS A 197 -14.26 3.70 18.17
N SER A 198 -14.46 2.47 18.63
CA SER A 198 -13.41 1.45 18.60
C SER A 198 -12.76 1.32 17.23
N LYS A 199 -13.57 1.13 16.19
CA LYS A 199 -13.03 0.83 14.86
C LYS A 199 -12.76 2.10 14.06
N ASN A 200 -12.62 3.23 14.74
CA ASN A 200 -12.32 4.51 14.13
C ASN A 200 -11.22 5.18 14.94
N ASP A 201 -11.54 5.51 16.19
CA ASP A 201 -10.56 6.04 17.13
C ASP A 201 -9.38 5.09 17.31
N ASN A 202 -9.65 3.89 17.85
CA ASN A 202 -8.57 3.04 18.34
C ASN A 202 -7.66 2.58 17.20
N LYS A 203 -8.22 2.27 16.05
CA LYS A 203 -7.42 1.81 14.91
C LYS A 203 -6.92 2.99 14.08
N TYR A 204 -7.84 3.75 13.46
CA TYR A 204 -7.43 4.79 12.54
C TYR A 204 -6.71 5.93 13.24
N GLY A 205 -7.10 6.23 14.49
CA GLY A 205 -6.41 7.28 15.22
C GLY A 205 -4.92 6.99 15.38
N CYS A 206 -4.59 5.76 15.75
CA CYS A 206 -3.18 5.41 15.93
C CYS A 206 -2.45 5.34 14.60
N ARG A 207 -3.13 4.93 13.53
N ARG A 207 -3.13 4.94 13.53
CA ARG A 207 -2.52 4.98 12.21
CA ARG A 207 -2.52 4.98 12.21
C ARG A 207 -2.03 6.40 11.90
C ARG A 207 -2.06 6.39 11.87
N HIS A 208 -2.85 7.40 12.24
CA HIS A 208 -2.47 8.78 11.96
C HIS A 208 -1.35 9.25 12.87
N SER A 209 -1.43 8.92 14.16
CA SER A 209 -0.67 9.65 15.17
C SER A 209 0.57 8.92 15.67
N LEU A 210 0.74 7.62 15.38
CA LEU A 210 1.93 6.93 15.87
C LEU A 210 3.18 7.39 15.12
N ASN A 211 3.18 7.30 13.79
CA ASN A 211 4.35 7.76 13.04
CA ASN A 211 4.34 7.76 13.03
C ASN A 211 4.53 9.26 13.18
N ASP A 212 3.42 9.99 13.39
CA ASP A 212 3.49 11.43 13.69
C ASP A 212 4.34 11.68 14.92
N ALA A 213 4.05 10.99 16.02
CA ALA A 213 4.77 11.19 17.27
C ALA A 213 6.23 10.75 17.15
N ILE A 214 6.49 9.65 16.45
CA ILE A 214 7.86 9.18 16.29
C ILE A 214 8.68 10.19 15.48
N LYS A 215 8.09 10.73 14.41
CA LYS A 215 8.78 11.74 13.63
C LYS A 215 9.08 12.98 14.46
N ARG A 216 8.09 13.46 15.22
CA ARG A 216 8.30 14.68 16.00
C ARG A 216 9.35 14.46 17.08
N GLY A 217 9.39 13.27 17.68
CA GLY A 217 10.34 12.98 18.74
C GLY A 217 11.78 12.76 18.29
N THR A 218 11.96 12.01 17.18
CA THR A 218 13.28 11.59 16.75
C THR A 218 13.67 12.09 15.37
N ASP A 219 12.69 12.46 14.53
CA ASP A 219 12.94 12.77 13.12
C ASP A 219 13.69 11.65 12.42
N HIS A 220 13.52 10.41 12.90
CA HIS A 220 14.15 9.25 12.28
C HIS A 220 13.45 8.87 10.99
N LEU A 221 14.23 8.58 9.95
CA LEU A 221 13.67 7.88 8.80
C LEU A 221 13.11 6.53 9.27
N LEU A 222 11.89 6.22 8.86
CA LEU A 222 11.32 4.92 9.20
C LEU A 222 11.44 3.92 8.06
N SER A 223 11.43 4.39 6.82
CA SER A 223 11.52 3.51 5.66
C SER A 223 12.76 2.62 5.73
N GLY A 224 12.56 1.33 5.47
CA GLY A 224 13.67 0.39 5.42
C GLY A 224 14.13 -0.16 6.75
N LYS A 225 13.61 0.34 7.87
CA LYS A 225 14.03 -0.12 9.19
C LYS A 225 13.07 -1.16 9.74
N GLN A 226 13.48 -1.83 10.82
CA GLN A 226 12.77 -2.97 11.38
C GLN A 226 12.01 -2.57 12.64
N ALA A 227 10.72 -2.88 12.66
CA ALA A 227 9.86 -2.58 13.80
C ALA A 227 9.28 -3.87 14.36
N LEU A 228 9.06 -3.86 15.67
CA LEU A 228 8.29 -4.91 16.34
C LEU A 228 7.12 -4.25 17.07
N VAL A 229 5.90 -4.60 16.67
CA VAL A 229 4.69 -4.14 17.34
C VAL A 229 4.18 -5.26 18.24
N ILE A 230 4.10 -4.99 19.54
CA ILE A 230 3.58 -5.95 20.50
C ILE A 230 2.07 -5.73 20.59
N GLY A 231 1.31 -6.71 20.10
CA GLY A 231 -0.13 -6.62 20.14
C GLY A 231 -0.70 -6.32 18.77
N TYR A 232 -1.86 -6.91 18.46
CA TYR A 232 -2.54 -6.68 17.19
C TYR A 232 -4.04 -6.59 17.40
N GLY A 233 -4.47 -5.90 18.46
CA GLY A 233 -5.85 -5.47 18.62
C GLY A 233 -6.12 -4.28 17.73
N ASP A 234 -7.11 -3.47 18.12
CA ASP A 234 -7.41 -2.30 17.31
C ASP A 234 -6.24 -1.33 17.27
N VAL A 235 -5.62 -1.07 18.43
CA VAL A 235 -4.47 -0.16 18.47
C VAL A 235 -3.27 -0.78 17.76
N GLY A 236 -3.01 -2.07 17.99
CA GLY A 236 -1.89 -2.71 17.31
C GLY A 236 -2.09 -2.77 15.80
N LYS A 237 -3.34 -2.94 15.36
CA LYS A 237 -3.63 -2.93 13.93
C LYS A 237 -3.30 -1.56 13.34
N GLY A 238 -3.80 -0.49 13.97
CA GLY A 238 -3.53 0.85 13.46
C GLY A 238 -2.07 1.25 13.57
N SER A 239 -1.41 0.82 14.65
CA SER A 239 0.02 1.11 14.82
C SER A 239 0.84 0.42 13.74
N SER A 240 0.56 -0.86 13.49
CA SER A 240 1.31 -1.60 12.48
C SER A 240 1.16 -0.96 11.12
N GLN A 241 -0.05 -0.53 10.78
CA GLN A 241 -0.26 0.16 9.50
C GLN A 241 0.47 1.50 9.46
N SER A 242 0.45 2.23 10.58
CA SER A 242 1.17 3.52 10.66
C SER A 242 2.64 3.35 10.27
N LEU A 243 3.24 2.25 10.66
CA LEU A 243 4.65 2.01 10.40
C LEU A 243 4.86 1.36 9.03
N ARG A 244 4.01 0.40 8.65
CA ARG A 244 4.15 -0.28 7.37
C ARG A 244 3.97 0.69 6.20
N GLN A 245 3.03 1.62 6.32
CA GLN A 245 2.79 2.57 5.23
C GLN A 245 3.94 3.54 5.04
N GLU A 246 4.81 3.67 6.04
CA GLU A 246 6.05 4.44 5.93
C GLU A 246 7.19 3.62 5.35
N GLY A 247 6.97 2.33 5.09
CA GLY A 247 8.01 1.48 4.57
C GLY A 247 8.83 0.75 5.60
N MET A 248 8.38 0.68 6.85
CA MET A 248 9.05 -0.16 7.83
C MET A 248 8.78 -1.62 7.52
N ILE A 249 9.75 -2.47 7.86
CA ILE A 249 9.56 -3.91 7.87
C ILE A 249 9.04 -4.25 9.26
N VAL A 250 7.75 -4.58 9.35
CA VAL A 250 7.04 -4.70 10.62
C VAL A 250 6.83 -6.17 10.96
N LYS A 251 7.26 -6.56 12.14
CA LYS A 251 6.92 -7.84 12.75
C LYS A 251 5.94 -7.60 13.89
N VAL A 252 5.07 -8.59 14.12
CA VAL A 252 3.95 -8.47 15.05
C VAL A 252 4.01 -9.62 16.05
N ALA A 253 3.84 -9.30 17.33
CA ALA A 253 3.70 -10.30 18.37
C ALA A 253 2.26 -10.27 18.89
N GLU A 254 1.74 -11.45 19.22
CA GLU A 254 0.40 -11.54 19.79
C GLU A 254 0.31 -12.77 20.68
N VAL A 255 -0.62 -12.72 21.64
CA VAL A 255 -1.01 -13.91 22.39
C VAL A 255 -2.33 -14.49 21.90
N ASP A 256 -3.10 -13.72 21.11
CA ASP A 256 -4.40 -14.15 20.60
C ASP A 256 -4.22 -14.72 19.21
N PRO A 257 -4.48 -16.02 19.00
CA PRO A 257 -4.22 -16.61 17.67
C PRO A 257 -5.08 -16.01 16.57
N ILE A 258 -6.27 -15.52 16.89
CA ILE A 258 -7.13 -14.93 15.87
C ILE A 258 -6.53 -13.59 15.40
N CYS A 259 -6.11 -12.75 16.34
CA CYS A 259 -5.44 -11.51 15.96
C CYS A 259 -4.14 -11.80 15.22
N ALA A 260 -3.42 -12.84 15.64
CA ALA A 260 -2.20 -13.21 14.92
C ALA A 260 -2.51 -13.65 13.50
N MET A 261 -3.62 -14.37 13.31
N MET A 261 -3.61 -14.38 13.31
CA MET A 261 -4.03 -14.78 11.97
CA MET A 261 -4.03 -14.78 11.97
C MET A 261 -4.28 -13.58 11.07
C MET A 261 -4.26 -13.57 11.08
N GLN A 262 -4.93 -12.54 11.61
CA GLN A 262 -5.17 -11.33 10.84
C GLN A 262 -3.85 -10.66 10.46
N ALA A 263 -2.88 -10.64 11.38
CA ALA A 263 -1.59 -10.04 11.10
C ALA A 263 -0.90 -10.75 9.94
N CYS A 264 -0.90 -12.09 9.95
CA CYS A 264 -0.35 -12.85 8.83
C CYS A 264 -1.03 -12.47 7.52
N MET A 265 -2.37 -12.52 7.51
CA MET A 265 -3.11 -12.19 6.30
C MET A 265 -2.93 -10.74 5.89
N ASP A 266 -2.67 -9.86 6.85
CA ASP A 266 -2.40 -8.45 6.53
C ASP A 266 -0.99 -8.24 5.99
N GLY A 267 -0.19 -9.29 5.91
CA GLY A 267 1.15 -9.20 5.35
C GLY A 267 2.27 -9.00 6.35
N PHE A 268 2.07 -9.34 7.61
CA PHE A 268 3.11 -9.21 8.62
C PHE A 268 3.61 -10.58 9.07
N GLU A 269 4.90 -10.63 9.39
CA GLU A 269 5.48 -11.80 10.02
C GLU A 269 5.19 -11.76 11.52
N VAL A 270 4.70 -12.86 12.07
CA VAL A 270 4.31 -12.94 13.48
C VAL A 270 5.41 -13.65 14.25
N VAL A 271 5.94 -12.99 15.27
CA VAL A 271 7.11 -13.47 16.00
C VAL A 271 6.88 -13.24 17.49
N SER A 272 7.66 -13.94 18.30
CA SER A 272 7.64 -13.72 19.72
C SER A 272 9.00 -13.25 20.21
N PRO A 273 9.04 -12.34 21.18
CA PRO A 273 10.33 -11.97 21.79
C PRO A 273 10.99 -13.12 22.50
N TYR A 274 10.26 -14.19 22.81
CA TYR A 274 10.76 -15.32 23.57
C TYR A 274 10.84 -16.54 22.67
N LYS A 275 11.88 -17.36 22.89
CA LYS A 275 12.05 -18.57 22.12
C LYS A 275 10.86 -19.49 22.32
N ASN A 276 10.24 -19.89 21.21
CA ASN A 276 9.05 -20.74 21.20
C ASN A 276 7.87 -20.07 21.90
N GLY A 277 7.94 -18.75 22.10
CA GLY A 277 6.89 -17.99 22.74
C GLY A 277 6.80 -18.14 24.24
N ILE A 278 7.77 -18.79 24.88
CA ILE A 278 7.68 -19.12 26.30
C ILE A 278 8.61 -18.21 27.09
N ASN A 279 8.04 -17.39 27.96
CA ASN A 279 8.81 -16.57 28.87
C ASN A 279 9.02 -17.33 30.18
N ASP A 280 10.18 -17.94 30.34
CA ASP A 280 10.52 -18.63 31.57
C ASP A 280 11.23 -17.73 32.58
N GLY A 281 11.27 -16.43 32.32
CA GLY A 281 11.88 -15.48 33.23
C GLY A 281 13.37 -15.27 33.05
N THR A 282 14.08 -16.23 32.46
CA THR A 282 15.52 -16.13 32.31
C THR A 282 15.89 -15.41 31.03
N GLU A 283 17.11 -14.86 31.00
CA GLU A 283 17.60 -14.21 29.80
C GLU A 283 17.74 -15.19 28.64
N ALA A 284 17.96 -16.47 28.95
CA ALA A 284 18.15 -17.47 27.90
C ALA A 284 16.91 -17.67 27.05
N SER A 285 15.72 -17.31 27.55
CA SER A 285 14.50 -17.46 26.76
C SER A 285 14.30 -16.31 25.78
N ILE A 286 15.09 -15.24 25.87
CA ILE A 286 14.95 -14.12 24.94
C ILE A 286 15.50 -14.52 23.59
N ASP A 287 14.76 -14.19 22.53
CA ASP A 287 15.28 -14.36 21.17
C ASP A 287 16.21 -13.18 20.90
N ALA A 288 17.48 -13.34 21.30
CA ALA A 288 18.43 -12.24 21.19
C ALA A 288 18.70 -11.89 19.73
N ALA A 289 18.74 -12.88 18.85
CA ALA A 289 18.96 -12.60 17.43
C ALA A 289 17.85 -11.73 16.85
N LEU A 290 16.59 -12.05 17.17
CA LEU A 290 15.48 -11.25 16.71
C LEU A 290 15.55 -9.83 17.27
N LEU A 291 15.71 -9.70 18.58
CA LEU A 291 15.68 -8.38 19.21
C LEU A 291 16.88 -7.54 18.81
N GLY A 292 18.02 -8.17 18.55
CA GLY A 292 19.19 -7.43 18.11
C GLY A 292 19.08 -6.83 16.72
N LYS A 293 17.97 -7.06 16.02
CA LYS A 293 17.74 -6.50 14.69
C LYS A 293 16.64 -5.46 14.68
N ILE A 294 15.99 -5.20 15.80
CA ILE A 294 14.81 -4.34 15.87
C ILE A 294 15.26 -2.89 16.11
N ASP A 295 14.81 -1.99 15.23
CA ASP A 295 15.08 -0.56 15.36
C ASP A 295 14.01 0.19 16.16
N LEU A 296 12.84 -0.40 16.33
CA LEU A 296 11.70 0.28 16.97
C LEU A 296 10.78 -0.77 17.55
N ILE A 297 10.44 -0.63 18.83
CA ILE A 297 9.43 -1.48 19.45
C ILE A 297 8.31 -0.58 19.96
N VAL A 298 7.07 -1.01 19.72
CA VAL A 298 5.86 -0.27 20.10
C VAL A 298 4.95 -1.24 20.84
N THR A 299 4.57 -0.88 22.05
CA THR A 299 3.65 -1.71 22.84
C THR A 299 2.23 -1.17 22.67
N THR A 300 1.26 -2.09 22.46
CA THR A 300 -0.11 -1.71 22.14
C THR A 300 -1.14 -2.56 22.88
N THR A 301 -0.78 -3.20 23.98
CA THR A 301 -1.58 -4.31 24.50
C THR A 301 -2.60 -3.93 25.56
N GLY A 302 -2.35 -2.88 26.34
CA GLY A 302 -3.14 -2.71 27.55
C GLY A 302 -2.83 -3.72 28.63
N ASN A 303 -1.78 -4.52 28.46
CA ASN A 303 -1.34 -5.50 29.42
C ASN A 303 -0.09 -4.98 30.14
N VAL A 304 0.48 -5.79 31.02
CA VAL A 304 1.57 -5.37 31.88
C VAL A 304 2.87 -6.06 31.46
N ASN A 305 3.93 -5.27 31.33
CA ASN A 305 5.29 -5.77 31.17
C ASN A 305 5.43 -6.63 29.91
N VAL A 306 4.92 -6.12 28.78
CA VAL A 306 5.05 -6.84 27.52
C VAL A 306 6.32 -6.49 26.77
N CYS A 307 7.05 -5.46 27.20
CA CYS A 307 8.42 -5.18 26.78
C CYS A 307 9.23 -5.14 28.07
N ASP A 308 9.79 -6.28 28.47
CA ASP A 308 10.35 -6.42 29.81
C ASP A 308 11.84 -6.10 29.83
N ALA A 309 12.44 -6.22 31.02
CA ALA A 309 13.82 -5.81 31.21
C ALA A 309 14.78 -6.62 30.34
N ASN A 310 14.50 -7.93 30.20
CA ASN A 310 15.39 -8.77 29.39
C ASN A 310 15.30 -8.42 27.91
N MET A 311 14.09 -8.07 27.43
CA MET A 311 13.97 -7.57 26.06
C MET A 311 14.73 -6.27 25.88
N LEU A 312 14.61 -5.36 26.85
CA LEU A 312 15.31 -4.08 26.74
C LEU A 312 16.81 -4.26 26.71
N LYS A 313 17.33 -5.24 27.45
CA LYS A 313 18.76 -5.50 27.42
C LYS A 313 19.21 -6.09 26.09
N ALA A 314 18.34 -6.82 25.40
CA ALA A 314 18.68 -7.48 24.14
C ALA A 314 18.46 -6.60 22.92
N LEU A 315 17.79 -5.46 23.05
CA LEU A 315 17.45 -4.66 21.89
C LEU A 315 18.70 -4.15 21.18
N LYS A 316 18.57 -3.98 19.87
CA LYS A 316 19.64 -3.39 19.06
C LYS A 316 20.04 -2.01 19.62
N LYS A 317 21.33 -1.71 19.57
CA LYS A 317 21.79 -0.39 20.00
C LYS A 317 21.03 0.70 19.26
N ARG A 318 20.63 1.73 20.01
CA ARG A 318 20.00 2.95 19.49
C ARG A 318 18.57 2.71 18.98
N ALA A 319 17.96 1.60 19.37
CA ALA A 319 16.56 1.36 19.06
C ALA A 319 15.66 2.35 19.79
N VAL A 320 14.52 2.65 19.17
CA VAL A 320 13.50 3.48 19.78
C VAL A 320 12.48 2.59 20.47
N VAL A 321 12.10 2.99 21.69
CA VAL A 321 11.13 2.26 22.51
C VAL A 321 9.98 3.21 22.83
N CYS A 322 8.74 2.76 22.59
CA CYS A 322 7.61 3.60 22.95
C CYS A 322 6.38 2.75 23.20
N ASN A 323 5.41 3.36 23.86
CA ASN A 323 4.17 2.72 24.27
C ASN A 323 3.01 3.58 23.81
N ILE A 324 2.02 2.96 23.16
CA ILE A 324 0.81 3.66 22.77
C ILE A 324 -0.44 3.07 23.42
N GLY A 325 -0.27 2.07 24.30
CA GLY A 325 -1.34 1.69 25.20
C GLY A 325 -1.55 2.73 26.30
N HIS A 326 -2.60 2.52 27.09
CA HIS A 326 -3.07 3.60 27.97
C HIS A 326 -2.10 3.89 29.12
N PHE A 327 -1.51 2.86 29.72
CA PHE A 327 -0.67 3.04 30.89
C PHE A 327 0.77 2.66 30.56
N ASP A 328 1.71 3.30 31.26
CA ASP A 328 3.13 3.16 30.95
C ASP A 328 3.73 1.85 31.43
N ASN A 329 3.03 1.07 32.24
CA ASN A 329 3.60 -0.19 32.72
C ASN A 329 3.67 -1.29 31.62
N GLU A 330 3.35 -1.00 30.36
CA GLU A 330 3.59 -1.97 29.31
C GLU A 330 5.09 -2.20 29.11
N ILE A 331 5.89 -1.14 29.29
CA ILE A 331 7.35 -1.20 29.26
C ILE A 331 7.86 -1.17 30.69
N ASP A 332 8.94 -1.90 30.95
CA ASP A 332 9.56 -1.88 32.28
C ASP A 332 10.51 -0.68 32.38
N THR A 333 9.92 0.51 32.42
CA THR A 333 10.72 1.71 32.60
C THR A 333 11.32 1.79 34.01
N ALA A 334 10.67 1.18 35.00
CA ALA A 334 11.24 1.20 36.34
C ALA A 334 12.62 0.57 36.36
N PHE A 335 12.77 -0.57 35.67
CA PHE A 335 14.08 -1.21 35.57
C PHE A 335 15.11 -0.26 34.96
N MET A 336 14.70 0.48 33.92
CA MET A 336 15.65 1.40 33.28
C MET A 336 16.00 2.56 34.19
N ARG A 337 15.05 3.05 34.99
CA ARG A 337 15.37 4.07 35.98
C ARG A 337 16.33 3.53 37.03
N LYS A 338 16.25 2.23 37.35
CA LYS A 338 17.06 1.66 38.41
C LYS A 338 18.52 1.49 37.99
N ASN A 339 18.74 1.12 36.72
CA ASN A 339 20.03 0.60 36.31
C ASN A 339 20.78 1.43 35.28
N TRP A 340 20.10 2.30 34.54
CA TRP A 340 20.67 2.96 33.38
C TRP A 340 20.55 4.46 33.51
N ALA A 341 21.46 5.19 32.86
CA ALA A 341 21.55 6.64 32.98
C ALA A 341 20.71 7.32 31.91
N TRP A 342 19.87 8.26 32.32
CA TRP A 342 18.96 8.95 31.43
C TRP A 342 19.53 10.30 31.01
N GLU A 343 19.56 10.54 29.71
CA GLU A 343 20.01 11.80 29.14
C GLU A 343 18.84 12.41 28.37
N GLU A 344 18.33 13.54 28.84
CA GLU A 344 17.22 14.18 28.14
C GLU A 344 17.72 14.83 26.87
N VAL A 345 17.19 14.38 25.73
CA VAL A 345 17.46 15.06 24.47
C VAL A 345 16.64 16.35 24.39
N LYS A 346 15.34 16.22 24.56
CA LYS A 346 14.41 17.32 24.68
C LYS A 346 13.20 16.80 25.46
N PRO A 347 12.22 17.65 25.79
CA PRO A 347 11.05 17.16 26.52
C PRO A 347 10.44 15.93 25.89
N GLN A 348 10.20 14.91 26.72
CA GLN A 348 9.58 13.65 26.32
C GLN A 348 10.43 12.85 25.32
N VAL A 349 11.74 13.10 25.28
CA VAL A 349 12.68 12.26 24.52
C VAL A 349 13.92 12.06 25.39
N HIS A 350 14.21 10.81 25.74
CA HIS A 350 15.36 10.50 26.58
C HIS A 350 16.22 9.44 25.92
N LYS A 351 17.54 9.64 25.98
CA LYS A 351 18.49 8.58 25.67
C LYS A 351 18.77 7.82 26.96
N ILE A 352 18.70 6.50 26.89
CA ILE A 352 18.88 5.66 28.06
C ILE A 352 20.14 4.85 27.85
N HIS A 353 21.19 5.20 28.58
CA HIS A 353 22.53 4.66 28.35
C HIS A 353 22.67 3.35 29.13
N ARG A 354 22.89 2.26 28.40
CA ARG A 354 22.97 0.95 29.01
C ARG A 354 24.35 0.62 29.57
N THR A 355 25.25 1.61 29.59
CA THR A 355 26.60 1.44 30.14
C THR A 355 26.64 1.48 31.65
N GLY A 356 25.58 1.90 32.31
CA GLY A 356 25.59 1.98 33.76
C GLY A 356 24.61 3.01 34.27
N LYS A 357 24.53 3.09 35.60
CA LYS A 357 23.52 3.87 36.28
C LYS A 357 23.94 5.32 36.51
N ASP A 358 25.19 5.55 36.90
CA ASP A 358 25.60 6.85 37.41
C ASP A 358 25.80 7.87 36.30
N GLY A 359 26.98 7.90 35.69
CA GLY A 359 27.25 8.80 34.60
C GLY A 359 26.96 8.18 33.25
N PHE A 360 27.28 8.93 32.21
CA PHE A 360 27.27 8.40 30.85
C PHE A 360 28.26 9.18 30.01
N ASP A 361 28.82 8.51 29.01
CA ASP A 361 29.64 9.17 28.01
C ASP A 361 28.72 9.84 26.99
N ALA A 362 28.91 11.14 26.76
CA ALA A 362 28.05 11.86 25.83
C ALA A 362 28.10 11.28 24.43
N HIS A 363 29.15 10.55 24.09
CA HIS A 363 29.29 9.91 22.79
C HIS A 363 29.14 8.40 22.86
N ASN A 364 28.63 7.87 23.96
CA ASN A 364 28.33 6.45 24.06
C ASN A 364 27.38 6.04 22.95
N ASP A 365 27.65 4.91 22.32
CA ASP A 365 26.80 4.41 21.25
C ASP A 365 25.77 3.39 21.75
N ASP A 366 25.88 2.93 22.99
CA ASP A 366 25.01 1.89 23.51
C ASP A 366 23.90 2.53 24.35
N TYR A 367 22.90 3.06 23.65
CA TYR A 367 21.75 3.66 24.32
C TYR A 367 20.49 3.24 23.58
N LEU A 368 19.35 3.44 24.24
CA LEU A 368 18.04 3.34 23.64
C LEU A 368 17.39 4.71 23.71
N ILE A 369 16.46 4.99 22.79
CA ILE A 369 15.69 6.22 22.83
C ILE A 369 14.27 5.88 23.31
N LEU A 370 13.90 6.44 24.46
CA LEU A 370 12.57 6.27 25.03
C LEU A 370 11.75 7.53 24.78
N LEU A 371 10.52 7.35 24.31
CA LEU A 371 9.62 8.46 24.03
C LEU A 371 8.57 8.58 25.13
N ALA A 372 8.32 9.82 25.57
CA ALA A 372 7.25 10.15 26.52
C ALA A 372 7.37 9.36 27.82
N GLU A 373 8.60 8.96 28.16
CA GLU A 373 8.86 8.17 29.36
C GLU A 373 7.94 6.95 29.46
N GLY A 374 7.57 6.38 28.32
CA GLY A 374 6.71 5.22 28.28
C GLY A 374 5.23 5.51 28.29
N ARG A 375 4.82 6.76 28.47
CA ARG A 375 3.42 7.13 28.42
C ARG A 375 2.93 7.16 26.98
N LEU A 376 1.60 7.21 26.81
CA LEU A 376 0.98 7.22 25.48
C LEU A 376 1.75 8.11 24.53
N VAL A 377 2.43 7.49 23.56
CA VAL A 377 3.40 8.24 22.77
C VAL A 377 2.71 9.21 21.81
N ASN A 378 1.53 8.86 21.30
CA ASN A 378 0.90 9.72 20.30
C ASN A 378 0.48 11.04 20.93
N LEU A 379 0.00 11.01 22.18
CA LEU A 379 -0.37 12.24 22.86
C LEU A 379 0.84 12.92 23.51
N GLY A 380 1.85 12.16 23.89
CA GLY A 380 3.01 12.70 24.57
C GLY A 380 3.99 13.41 23.67
N ASN A 381 4.21 12.86 22.48
CA ASN A 381 5.16 13.44 21.53
C ASN A 381 4.51 14.11 20.34
N ALA A 382 3.18 14.01 20.18
CA ALA A 382 2.48 14.79 19.18
C ALA A 382 1.18 15.33 19.76
N THR A 383 0.07 15.26 19.01
CA THR A 383 -1.21 15.78 19.49
C THR A 383 -2.29 14.71 19.50
N GLY A 384 -1.92 13.43 19.56
CA GLY A 384 -2.94 12.41 19.55
C GLY A 384 -3.71 12.37 18.24
N HIS A 385 -4.90 11.80 18.32
CA HIS A 385 -5.73 11.59 17.14
C HIS A 385 -6.19 12.93 16.57
N PRO A 386 -6.42 13.00 15.26
CA PRO A 386 -6.93 14.23 14.65
C PRO A 386 -8.42 14.45 14.94
N SER A 387 -8.83 15.71 14.76
CA SER A 387 -10.18 16.13 15.10
C SER A 387 -11.24 15.30 14.37
N ARG A 388 -11.05 15.07 13.06
CA ARG A 388 -12.08 14.36 12.30
C ARG A 388 -12.25 12.92 12.76
N ILE A 389 -11.24 12.36 13.42
CA ILE A 389 -11.40 11.03 14.01
C ILE A 389 -12.05 11.13 15.40
N MET A 390 -11.60 12.09 16.22
CA MET A 390 -12.18 12.25 17.55
C MET A 390 -13.63 12.68 17.48
N ASP A 391 -14.07 13.19 16.34
CA ASP A 391 -15.49 13.50 16.13
C ASP A 391 -16.37 12.29 16.46
N GLY A 392 -16.00 11.12 15.94
CA GLY A 392 -16.79 9.93 16.20
C GLY A 392 -16.87 9.59 17.67
N SER A 393 -15.70 9.50 18.33
CA SER A 393 -15.66 9.15 19.74
C SER A 393 -16.49 10.12 20.58
N PHE A 394 -16.31 11.42 20.37
CA PHE A 394 -16.90 12.39 21.28
C PHE A 394 -18.36 12.66 21.00
N ALA A 395 -18.82 12.44 19.76
CA ALA A 395 -20.25 12.43 19.50
C ALA A 395 -20.93 11.32 20.30
N ASN A 396 -20.31 10.14 20.34
CA ASN A 396 -20.82 9.05 21.17
C ASN A 396 -20.83 9.44 22.64
N GLN A 397 -19.80 10.16 23.09
CA GLN A 397 -19.72 10.61 24.48
C GLN A 397 -20.88 11.53 24.83
N VAL A 398 -21.21 12.46 23.94
CA VAL A 398 -22.31 13.39 24.21
C VAL A 398 -23.63 12.64 24.30
N LEU A 399 -23.89 11.71 23.38
CA LEU A 399 -25.12 10.95 23.41
C LEU A 399 -25.20 10.06 24.64
N ALA A 400 -24.06 9.50 25.06
CA ALA A 400 -24.03 8.70 26.28
C ALA A 400 -24.34 9.56 27.50
N GLN A 401 -23.76 10.76 27.57
CA GLN A 401 -24.05 11.66 28.67
C GLN A 401 -25.52 12.05 28.71
N ILE A 402 -26.12 12.33 27.54
CA ILE A 402 -27.52 12.70 27.50
C ILE A 402 -28.39 11.55 27.97
N HIS A 403 -28.11 10.33 27.51
CA HIS A 403 -28.94 9.19 27.86
C HIS A 403 -28.92 8.92 29.36
N LEU A 404 -27.73 8.93 29.97
CA LEU A 404 -27.64 8.61 31.40
C LEU A 404 -28.20 9.74 32.26
N PHE A 405 -27.93 10.99 31.88
CA PHE A 405 -28.46 12.12 32.66
C PHE A 405 -29.98 12.16 32.61
N GLU A 406 -30.57 11.82 31.46
CA GLU A 406 -32.02 11.80 31.35
C GLU A 406 -32.63 10.60 32.07
N GLN A 407 -31.84 9.56 32.35
CA GLN A 407 -32.32 8.38 33.03
C GLN A 407 -32.46 8.61 34.53
N LYS A 408 -31.58 9.41 35.13
CA LYS A 408 -31.70 9.82 36.53
C LYS A 408 -31.60 8.62 37.49
N TYR A 409 -30.53 7.84 37.34
CA TYR A 409 -30.35 6.65 38.18
C TYR A 409 -30.33 7.00 39.66
N ALA A 410 -29.71 8.13 40.02
CA ALA A 410 -29.52 8.46 41.43
C ALA A 410 -30.82 8.80 42.14
N ASP A 411 -31.88 9.10 41.41
CA ASP A 411 -33.17 9.46 41.99
C ASP A 411 -34.13 8.27 42.11
N LEU A 412 -33.61 7.07 42.00
CA LEU A 412 -34.52 5.93 41.98
C LEU A 412 -34.49 5.20 43.31
N PRO A 413 -35.56 4.49 43.66
CA PRO A 413 -35.53 3.67 44.88
C PRO A 413 -34.53 2.54 44.74
N ALA A 414 -34.02 2.09 45.89
CA ALA A 414 -32.92 1.12 45.91
C ALA A 414 -33.23 -0.13 45.10
N ALA A 415 -34.50 -0.55 45.08
CA ALA A 415 -34.88 -1.71 44.28
C ALA A 415 -34.76 -1.41 42.79
N GLU A 416 -35.27 -0.25 42.36
CA GLU A 416 -35.16 0.14 40.96
C GLU A 416 -33.70 0.36 40.55
N LYS A 417 -32.83 0.71 41.50
CA LYS A 417 -31.44 0.95 41.17
C LYS A 417 -30.73 -0.34 40.77
N ALA A 418 -30.90 -1.40 41.56
CA ALA A 418 -30.23 -2.66 41.27
C ALA A 418 -30.67 -3.27 39.95
N LYS A 419 -31.83 -2.85 39.42
CA LYS A 419 -32.30 -3.37 38.14
C LYS A 419 -31.57 -2.74 36.96
N ARG A 420 -31.03 -1.53 37.13
CA ARG A 420 -30.41 -0.79 36.04
C ARG A 420 -28.92 -0.60 36.22
N LEU A 421 -28.32 -1.13 37.28
CA LEU A 421 -26.88 -1.08 37.47
C LEU A 421 -26.21 -1.94 36.40
N SER A 422 -25.76 -1.31 35.32
CA SER A 422 -25.24 -2.08 34.19
C SER A 422 -24.18 -1.28 33.46
N VAL A 423 -23.42 -1.99 32.63
CA VAL A 423 -22.51 -1.38 31.67
C VAL A 423 -23.07 -1.71 30.29
N GLU A 424 -23.49 -0.68 29.57
CA GLU A 424 -24.20 -0.84 28.30
C GLU A 424 -23.47 -0.09 27.19
N VAL A 425 -23.76 -0.48 25.96
CA VAL A 425 -23.34 0.27 24.80
C VAL A 425 -24.55 1.02 24.26
N LEU A 426 -24.28 2.01 23.41
CA LEU A 426 -25.35 2.72 22.74
C LEU A 426 -25.94 1.85 21.64
N PRO A 427 -27.23 2.03 21.33
CA PRO A 427 -27.84 1.22 20.28
C PRO A 427 -27.20 1.47 18.93
N LYS A 428 -27.26 0.45 18.07
CA LYS A 428 -26.64 0.52 16.76
C LYS A 428 -27.22 1.64 15.91
N LYS A 429 -28.48 2.00 16.13
CA LYS A 429 -29.08 3.09 15.34
C LYS A 429 -28.33 4.40 15.57
N LEU A 430 -27.94 4.68 16.82
CA LEU A 430 -27.17 5.89 17.09
C LEU A 430 -25.76 5.77 16.53
N ASP A 431 -25.13 4.60 16.69
CA ASP A 431 -23.84 4.33 16.07
C ASP A 431 -23.88 4.67 14.59
N GLU A 432 -24.94 4.24 13.90
CA GLU A 432 -25.08 4.51 12.47
C GLU A 432 -25.26 5.99 12.19
N GLU A 433 -26.05 6.69 13.00
CA GLU A 433 -26.28 8.11 12.75
C GLU A 433 -25.01 8.93 12.91
N VAL A 434 -24.16 8.57 13.88
CA VAL A 434 -22.86 9.22 14.01
C VAL A 434 -22.02 8.96 12.76
N ALA A 435 -21.97 7.71 12.31
CA ALA A 435 -21.21 7.36 11.12
C ALA A 435 -21.67 8.16 9.90
N LEU A 436 -22.99 8.34 9.75
CA LEU A 436 -23.50 9.07 8.59
C LEU A 436 -22.96 10.49 8.54
N GLU A 437 -22.92 11.17 9.69
CA GLU A 437 -22.39 12.54 9.72
C GLU A 437 -20.90 12.55 9.40
N MET A 438 -20.15 11.56 9.88
CA MET A 438 -18.74 11.47 9.52
C MET A 438 -18.57 11.30 8.01
N VAL A 439 -19.37 10.41 7.41
CA VAL A 439 -19.26 10.18 5.97
C VAL A 439 -19.58 11.45 5.20
N LYS A 440 -20.63 12.17 5.62
CA LYS A 440 -20.95 13.44 4.97
C LYS A 440 -19.81 14.43 5.10
N GLY A 441 -19.05 14.36 6.20
CA GLY A 441 -17.91 15.25 6.36
C GLY A 441 -16.82 15.03 5.34
N PHE A 442 -16.70 13.81 4.83
CA PHE A 442 -15.77 13.51 3.74
C PHE A 442 -16.35 13.84 2.37
N GLY A 443 -17.62 14.23 2.30
CA GLY A 443 -18.31 14.36 1.03
C GLY A 443 -18.86 13.06 0.48
N GLY A 444 -18.90 11.99 1.27
CA GLY A 444 -19.43 10.73 0.80
C GLY A 444 -20.94 10.73 0.73
N VAL A 445 -21.47 9.93 -0.20
CA VAL A 445 -22.90 9.84 -0.46
C VAL A 445 -23.34 8.41 -0.19
N VAL A 446 -24.12 8.22 0.87
CA VAL A 446 -24.69 6.91 1.19
C VAL A 446 -25.90 6.66 0.30
N THR A 447 -26.00 5.45 -0.24
CA THR A 447 -27.16 5.06 -1.04
C THR A 447 -28.31 4.68 -0.13
N GLN A 448 -29.53 4.99 -0.57
CA GLN A 448 -30.76 4.65 0.13
C GLN A 448 -31.35 3.38 -0.47
N LEU A 449 -31.67 2.41 0.38
CA LEU A 449 -32.31 1.18 -0.08
C LEU A 449 -33.69 1.48 -0.66
N THR A 450 -34.05 0.74 -1.71
CA THR A 450 -35.44 0.73 -2.15
C THR A 450 -36.26 -0.12 -1.18
N PRO A 451 -37.57 0.10 -1.11
CA PRO A 451 -38.40 -0.79 -0.28
C PRO A 451 -38.23 -2.26 -0.62
N LYS A 452 -38.13 -2.60 -1.91
CA LYS A 452 -37.95 -4.00 -2.29
C LYS A 452 -36.60 -4.52 -1.81
N GLN A 453 -35.56 -3.68 -1.85
CA GLN A 453 -34.24 -4.11 -1.38
C GLN A 453 -34.22 -4.29 0.13
N ALA A 454 -34.79 -3.34 0.87
CA ALA A 454 -34.80 -3.45 2.33
C ALA A 454 -35.57 -4.68 2.79
N GLU A 455 -36.67 -4.99 2.11
CA GLU A 455 -37.39 -6.23 2.40
C GLU A 455 -36.56 -7.45 2.06
N TYR A 456 -35.76 -7.37 0.99
CA TYR A 456 -35.00 -8.54 0.52
C TYR A 456 -33.98 -8.99 1.56
N ILE A 457 -33.26 -8.04 2.17
CA ILE A 457 -32.28 -8.36 3.20
C ILE A 457 -32.84 -8.24 4.61
N GLY A 458 -34.13 -7.94 4.75
CA GLY A 458 -34.77 -7.90 6.05
C GLY A 458 -34.35 -6.77 6.97
N VAL A 459 -34.26 -5.54 6.45
CA VAL A 459 -33.94 -4.37 7.26
C VAL A 459 -34.93 -3.26 6.93
N SER A 460 -35.02 -2.29 7.83
CA SER A 460 -35.72 -1.05 7.55
C SER A 460 -34.87 -0.17 6.64
N VAL A 461 -35.54 0.64 5.81
CA VAL A 461 -34.82 1.55 4.92
C VAL A 461 -33.97 2.52 5.73
N GLU A 462 -34.42 2.90 6.91
CA GLU A 462 -33.66 3.80 7.76
C GLU A 462 -32.68 3.08 8.67
N GLY A 463 -32.60 1.75 8.60
CA GLY A 463 -31.73 0.99 9.46
C GLY A 463 -32.37 0.68 10.81
N PRO A 464 -31.66 -0.03 11.69
CA PRO A 464 -30.28 -0.50 11.53
C PRO A 464 -30.11 -1.55 10.44
N PHE A 465 -28.92 -1.61 9.86
CA PHE A 465 -28.66 -2.43 8.68
C PHE A 465 -27.98 -3.74 9.00
N LYS A 466 -27.52 -3.93 10.23
CA LYS A 466 -26.74 -5.09 10.65
C LYS A 466 -27.28 -5.63 11.95
N PRO A 467 -27.24 -6.95 12.14
CA PRO A 467 -27.57 -7.50 13.46
C PRO A 467 -26.53 -7.10 14.48
N ASP A 468 -26.90 -7.18 15.75
CA ASP A 468 -25.98 -6.77 16.80
C ASP A 468 -24.73 -7.63 16.83
N THR A 469 -24.79 -8.84 16.26
CA THR A 469 -23.63 -9.72 16.20
C THR A 469 -22.59 -9.30 15.16
N TYR A 470 -22.91 -8.37 14.26
CA TYR A 470 -22.02 -8.06 13.15
C TYR A 470 -20.73 -7.43 13.65
N ARG A 471 -19.60 -7.82 13.04
CA ARG A 471 -18.29 -7.40 13.51
C ARG A 471 -17.64 -6.32 12.66
N TYR A 472 -18.17 -6.04 11.47
CA TYR A 472 -17.61 -5.03 10.57
C TYR A 472 -16.14 -5.33 10.27
N GLY B 12 35.93 34.27 22.87
CA GLY B 12 35.40 35.55 22.43
C GLY B 12 34.95 35.55 20.98
N PHE B 13 34.53 34.39 20.49
CA PHE B 13 34.09 34.25 19.11
C PHE B 13 32.77 35.00 18.91
N THR B 14 32.76 35.95 17.97
CA THR B 14 31.57 36.76 17.71
C THR B 14 31.16 36.77 16.25
N ASP B 15 31.82 36.00 15.38
CA ASP B 15 31.61 36.09 13.94
C ASP B 15 30.44 35.19 13.52
N TYR B 16 29.25 35.52 14.02
CA TYR B 16 28.06 34.73 13.73
C TYR B 16 26.82 35.55 14.07
N LYS B 17 25.67 35.06 13.62
CA LYS B 17 24.39 35.61 14.09
C LYS B 17 23.34 34.52 14.03
N VAL B 18 22.84 34.12 15.20
CA VAL B 18 21.81 33.10 15.32
C VAL B 18 20.74 33.62 16.26
N ALA B 19 19.64 32.86 16.35
CA ALA B 19 18.52 33.31 17.18
C ALA B 19 18.85 33.26 18.66
N ASP B 20 19.51 32.19 19.11
CA ASP B 20 19.71 31.98 20.55
C ASP B 20 20.87 31.01 20.73
N ILE B 21 22.02 31.53 21.15
CA ILE B 21 23.20 30.70 21.31
C ILE B 21 23.03 29.69 22.45
N THR B 22 22.14 29.97 23.41
CA THR B 22 21.94 29.05 24.53
C THR B 22 21.27 27.75 24.09
N LEU B 23 20.81 27.66 22.84
CA LEU B 23 20.28 26.42 22.31
C LEU B 23 21.38 25.47 21.85
N ALA B 24 22.65 25.81 22.05
CA ALA B 24 23.75 25.07 21.44
C ALA B 24 23.86 23.66 22.00
N ALA B 25 23.72 23.50 23.32
CA ALA B 25 23.81 22.17 23.91
C ALA B 25 22.73 21.24 23.36
N TRP B 26 21.50 21.74 23.23
CA TRP B 26 20.44 20.94 22.62
C TRP B 26 20.82 20.55 21.20
N GLY B 27 21.30 21.50 20.41
CA GLY B 27 21.71 21.19 19.04
C GLY B 27 22.81 20.16 18.99
N ARG B 28 23.76 20.22 19.94
CA ARG B 28 24.85 19.25 19.96
C ARG B 28 24.32 17.85 20.26
N ARG B 29 23.35 17.73 21.18
CA ARG B 29 22.75 16.43 21.43
C ARG B 29 22.11 15.85 20.17
N GLU B 30 21.44 16.69 19.38
CA GLU B 30 20.80 16.18 18.17
C GLU B 30 21.81 15.91 17.06
N LEU B 31 22.93 16.65 17.04
CA LEU B 31 23.99 16.35 16.08
C LEU B 31 24.59 14.98 16.35
N ILE B 32 24.81 14.64 17.62
CA ILE B 32 25.40 13.35 17.97
C ILE B 32 24.48 12.21 17.55
N ILE B 33 23.17 12.39 17.72
CA ILE B 33 22.22 11.39 17.22
C ILE B 33 22.29 11.29 15.70
N ALA B 34 22.28 12.45 15.04
CA ALA B 34 22.26 12.46 13.58
C ALA B 34 23.49 11.78 13.00
N GLU B 35 24.65 11.95 13.65
CA GLU B 35 25.86 11.27 13.19
C GLU B 35 25.66 9.77 13.12
N SER B 36 24.98 9.18 14.10
CA SER B 36 24.67 7.76 14.07
C SER B 36 23.71 7.38 12.96
N GLU B 37 23.03 8.35 12.35
CA GLU B 37 22.08 8.12 11.28
C GLU B 37 22.66 8.41 9.90
N MET B 38 23.92 8.83 9.83
CA MET B 38 24.52 9.27 8.57
C MET B 38 25.83 8.52 8.35
N PRO B 39 25.74 7.21 8.07
CA PRO B 39 26.98 6.40 7.95
C PRO B 39 27.82 6.74 6.73
N ALA B 40 27.22 7.11 5.61
CA ALA B 40 28.03 7.48 4.44
C ALA B 40 28.83 8.74 4.71
N LEU B 41 28.20 9.73 5.35
CA LEU B 41 28.88 10.98 5.63
C LEU B 41 29.93 10.81 6.73
N MET B 42 29.62 10.05 7.78
CA MET B 42 30.62 9.84 8.82
C MET B 42 31.73 8.91 8.34
N GLY B 43 31.40 7.99 7.43
CA GLY B 43 32.46 7.18 6.84
C GLY B 43 33.50 8.01 6.10
N LEU B 44 33.04 8.99 5.32
CA LEU B 44 33.97 9.90 4.65
C LEU B 44 34.79 10.67 5.67
N ARG B 45 34.15 11.11 6.75
CA ARG B 45 34.86 11.82 7.82
C ARG B 45 35.99 10.96 8.38
N ARG B 46 35.72 9.68 8.65
CA ARG B 46 36.75 8.81 9.18
C ARG B 46 37.79 8.45 8.13
N LYS B 47 37.38 8.32 6.88
CA LYS B 47 38.28 7.88 5.83
C LYS B 47 39.28 8.96 5.43
N TYR B 48 38.82 10.22 5.36
CA TYR B 48 39.62 11.30 4.83
C TYR B 48 40.21 12.22 5.89
N ALA B 49 39.94 11.98 7.17
CA ALA B 49 40.39 12.92 8.20
C ALA B 49 41.91 13.04 8.24
N GLY B 50 42.62 11.92 8.09
CA GLY B 50 44.07 11.97 8.13
C GLY B 50 44.67 12.69 6.93
N GLN B 51 44.08 12.49 5.76
CA GLN B 51 44.61 13.08 4.53
C GLN B 51 44.35 14.58 4.47
N GLN B 52 43.31 15.06 5.16
CA GLN B 52 42.93 16.46 5.12
C GLN B 52 42.81 17.00 3.69
N PRO B 53 41.91 16.42 2.88
CA PRO B 53 41.85 16.80 1.46
C PRO B 53 41.30 18.19 1.23
N LEU B 54 40.63 18.79 2.22
CA LEU B 54 40.10 20.14 2.07
C LEU B 54 40.94 21.17 2.82
N LYS B 55 42.17 20.83 3.19
CA LYS B 55 43.07 21.81 3.80
C LYS B 55 43.33 22.93 2.81
N GLY B 56 43.05 24.17 3.21
CA GLY B 56 43.13 25.30 2.31
C GLY B 56 41.85 25.63 1.59
N ALA B 57 40.83 24.78 1.67
CA ALA B 57 39.54 25.11 1.10
C ALA B 57 38.84 26.13 1.99
N LYS B 58 38.21 27.12 1.36
CA LYS B 58 37.45 28.14 2.08
CA LYS B 58 37.46 28.15 2.07
C LYS B 58 36.10 28.25 1.36
N ILE B 59 35.08 27.65 1.98
CA ILE B 59 33.81 27.37 1.33
C ILE B 59 32.75 28.37 1.78
N LEU B 60 32.17 29.08 0.82
CA LEU B 60 30.91 29.78 1.04
C LEU B 60 29.77 28.78 0.90
N GLY B 61 29.04 28.55 1.98
CA GLY B 61 27.93 27.61 2.00
C GLY B 61 26.61 28.33 2.23
N CYS B 62 25.65 28.03 1.37
CA CYS B 62 24.28 28.54 1.47
C CYS B 62 23.33 27.37 1.29
N ILE B 63 22.84 26.81 2.40
CA ILE B 63 21.88 25.71 2.38
C ILE B 63 21.25 25.62 3.75
N HIS B 64 19.95 25.27 3.76
CA HIS B 64 19.11 25.10 4.96
C HIS B 64 19.89 24.70 6.20
N MET B 65 19.90 25.56 7.20
CA MET B 65 20.74 25.37 8.39
C MET B 65 20.04 24.42 9.37
N THR B 66 19.91 23.17 8.95
CA THR B 66 19.31 22.10 9.74
C THR B 66 20.38 21.33 10.51
N ILE B 67 19.92 20.42 11.37
CA ILE B 67 20.81 19.48 12.03
C ILE B 67 21.61 18.70 11.00
N GLN B 68 20.98 18.29 9.90
CA GLN B 68 21.68 17.53 8.87
C GLN B 68 22.76 18.37 8.20
N THR B 69 22.47 19.65 7.93
CA THR B 69 23.50 20.53 7.41
C THR B 69 24.65 20.69 8.40
N GLY B 70 24.33 20.69 9.70
CA GLY B 70 25.38 20.75 10.71
C GLY B 70 26.38 19.62 10.59
N VAL B 71 25.89 18.39 10.37
CA VAL B 71 26.82 17.27 10.20
C VAL B 71 27.65 17.44 8.94
N LEU B 72 27.03 17.96 7.87
CA LEU B 72 27.76 18.25 6.65
C LEU B 72 28.88 19.26 6.92
N ILE B 73 28.53 20.37 7.57
CA ILE B 73 29.50 21.43 7.85
C ILE B 73 30.67 20.88 8.65
N GLU B 74 30.38 20.14 9.73
CA GLU B 74 31.46 19.65 10.57
C GLU B 74 32.29 18.56 9.88
N THR B 75 31.73 17.90 8.86
CA THR B 75 32.54 17.00 8.06
C THR B 75 33.51 17.77 7.18
N LEU B 76 33.03 18.82 6.51
CA LEU B 76 33.91 19.66 5.71
C LEU B 76 35.03 20.24 6.56
N VAL B 77 34.69 20.72 7.76
CA VAL B 77 35.69 21.27 8.67
C VAL B 77 36.67 20.19 9.12
N ALA B 78 36.16 18.97 9.36
CA ALA B 78 37.01 17.88 9.82
C ALA B 78 37.99 17.45 8.74
N LEU B 79 37.66 17.69 7.48
CA LEU B 79 38.55 17.34 6.39
C LEU B 79 39.48 18.50 6.03
N GLY B 80 39.43 19.61 6.77
CA GLY B 80 40.39 20.70 6.63
C GLY B 80 39.82 22.02 6.17
N ALA B 81 38.56 22.09 5.78
CA ALA B 81 38.04 23.33 5.21
C ALA B 81 37.71 24.34 6.30
N GLU B 82 37.73 25.62 5.90
CA GLU B 82 37.05 26.68 6.62
C GLU B 82 35.81 27.08 5.84
N VAL B 83 34.75 27.48 6.56
CA VAL B 83 33.48 27.78 5.92
C VAL B 83 32.87 29.03 6.54
N ARG B 84 32.01 29.68 5.76
CA ARG B 84 31.11 30.73 6.24
C ARG B 84 29.72 30.41 5.70
N TRP B 85 28.73 30.29 6.60
CA TRP B 85 27.48 29.63 6.26
C TRP B 85 26.26 30.53 6.42
N SER B 86 25.29 30.33 5.54
CA SER B 86 23.96 30.92 5.66
C SER B 86 22.93 29.91 5.17
N SER B 87 21.67 30.16 5.48
CA SER B 87 20.58 29.32 5.02
C SER B 87 20.11 29.79 3.65
N CYS B 88 19.57 28.87 2.85
CA CYS B 88 19.01 29.20 1.56
C CYS B 88 17.49 29.39 1.60
N ASN B 89 16.90 29.46 2.80
CA ASN B 89 15.46 29.72 2.94
C ASN B 89 15.22 30.40 4.28
N ILE B 90 14.25 31.31 4.30
CA ILE B 90 14.00 32.13 5.50
C ILE B 90 13.37 31.33 6.65
N PHE B 91 12.72 30.19 6.37
CA PHE B 91 12.01 29.42 7.38
C PHE B 91 12.65 28.06 7.66
N SER B 92 13.73 27.70 6.97
CA SER B 92 14.20 26.31 7.03
C SER B 92 15.20 26.04 8.14
N THR B 93 15.76 27.08 8.76
CA THR B 93 16.77 26.89 9.80
C THR B 93 16.16 26.25 11.05
N GLN B 94 16.90 25.29 11.62
CA GLN B 94 16.64 24.83 12.99
C GLN B 94 17.59 25.61 13.91
N ASP B 95 17.03 26.48 14.76
CA ASP B 95 17.85 27.38 15.55
C ASP B 95 18.83 26.63 16.46
N GLN B 96 18.47 25.43 16.92
CA GLN B 96 19.40 24.70 17.76
C GLN B 96 20.59 24.19 16.96
N ALA B 97 20.39 23.92 15.66
CA ALA B 97 21.49 23.53 14.80
C ALA B 97 22.42 24.72 14.53
N ALA B 98 21.84 25.88 14.21
CA ALA B 98 22.65 27.07 14.01
C ALA B 98 23.43 27.43 15.27
N ALA B 99 22.78 27.32 16.42
CA ALA B 99 23.47 27.63 17.68
C ALA B 99 24.67 26.71 17.89
N ALA B 100 24.48 25.41 17.66
CA ALA B 100 25.57 24.46 17.87
C ALA B 100 26.76 24.75 16.95
N ILE B 101 26.47 25.08 15.68
CA ILE B 101 27.54 25.40 14.73
C ILE B 101 28.27 26.67 15.18
N ALA B 102 27.51 27.71 15.56
CA ALA B 102 28.12 28.95 16.02
C ALA B 102 28.96 28.72 17.28
N ALA B 103 28.43 27.95 18.23
CA ALA B 103 29.17 27.68 19.46
C ALA B 103 30.45 26.91 19.21
N ALA B 104 30.56 26.24 18.06
CA ALA B 104 31.76 25.54 17.67
C ALA B 104 32.79 26.45 16.99
N GLY B 105 32.54 27.76 16.94
CA GLY B 105 33.49 28.68 16.34
C GLY B 105 33.38 28.81 14.84
N ILE B 106 32.28 28.39 14.25
CA ILE B 106 32.10 28.39 12.80
C ILE B 106 31.17 29.54 12.44
N PRO B 107 31.56 30.43 11.53
CA PRO B 107 30.68 31.55 11.15
C PRO B 107 29.41 31.05 10.46
N VAL B 108 28.26 31.31 11.10
CA VAL B 108 26.97 30.95 10.54
C VAL B 108 26.01 32.11 10.80
N PHE B 109 25.25 32.48 9.77
CA PHE B 109 24.29 33.59 9.86
C PHE B 109 22.94 33.05 9.38
N ALA B 110 22.09 32.67 10.32
CA ALA B 110 20.84 31.99 9.96
C ALA B 110 19.95 31.87 11.18
N TRP B 111 18.65 32.04 10.97
CA TRP B 111 17.64 31.78 11.99
C TRP B 111 16.31 31.51 11.30
N LYS B 112 15.42 30.84 12.02
CA LYS B 112 14.10 30.53 11.49
C LYS B 112 13.22 31.77 11.57
N GLY B 113 12.64 32.16 10.44
CA GLY B 113 11.79 33.31 10.41
C GLY B 113 12.45 34.60 9.99
N GLU B 114 13.43 34.53 9.08
CA GLU B 114 14.07 35.73 8.57
C GLU B 114 13.13 36.53 7.70
N THR B 115 13.30 37.85 7.70
CA THR B 115 12.73 38.68 6.66
C THR B 115 13.57 38.51 5.39
N GLU B 116 13.04 39.02 4.27
CA GLU B 116 13.79 38.96 3.01
C GLU B 116 15.07 39.78 3.11
N GLU B 117 15.02 40.92 3.79
CA GLU B 117 16.21 41.74 3.97
C GLU B 117 17.25 41.03 4.83
N GLU B 118 16.80 40.36 5.90
CA GLU B 118 17.73 39.62 6.74
C GLU B 118 18.35 38.45 5.99
N TYR B 119 17.56 37.80 5.13
CA TYR B 119 18.07 36.69 4.32
C TYR B 119 19.26 37.13 3.47
N GLU B 120 19.15 38.25 2.77
CA GLU B 120 20.25 38.67 1.92
C GLU B 120 21.41 39.25 2.74
N TRP B 121 21.11 39.85 3.89
CA TRP B 121 22.17 40.27 4.80
C TRP B 121 23.00 39.07 5.26
N CYS B 122 22.33 37.94 5.52
CA CYS B 122 23.03 36.74 5.98
C CYS B 122 23.98 36.21 4.92
N ILE B 123 23.53 36.13 3.66
CA ILE B 123 24.44 35.70 2.60
C ILE B 123 25.62 36.65 2.50
N GLU B 124 25.34 37.95 2.60
CA GLU B 124 26.40 38.96 2.51
C GLU B 124 27.43 38.78 3.63
N GLN B 125 26.99 38.36 4.82
CA GLN B 125 27.94 38.17 5.91
C GLN B 125 28.86 36.97 5.67
N THR B 126 28.45 36.02 4.84
CA THR B 126 29.39 34.95 4.49
C THR B 126 30.40 35.43 3.45
N ILE B 127 29.92 36.24 2.50
CA ILE B 127 30.77 36.73 1.40
C ILE B 127 31.85 37.68 1.93
N LEU B 128 31.48 38.56 2.86
CA LEU B 128 32.40 39.56 3.39
C LEU B 128 32.92 39.14 4.75
N LYS B 129 34.20 39.43 5.01
CA LYS B 129 34.76 39.28 6.35
C LYS B 129 35.48 40.57 6.71
N ASP B 130 35.10 41.17 7.85
CA ASP B 130 35.64 42.45 8.28
C ASP B 130 35.43 43.51 7.22
N GLY B 131 34.28 43.47 6.56
CA GLY B 131 33.89 44.46 5.59
C GLY B 131 34.51 44.31 4.22
N GLN B 132 35.31 43.27 3.99
CA GLN B 132 35.99 43.05 2.73
C GLN B 132 35.74 41.63 2.25
N PRO B 133 35.84 41.38 0.95
CA PRO B 133 35.60 40.03 0.44
C PRO B 133 36.49 39.00 1.14
N TRP B 134 35.85 37.95 1.63
CA TRP B 134 36.57 36.81 2.18
C TRP B 134 37.42 36.16 1.09
N ASP B 135 38.44 35.43 1.52
CA ASP B 135 39.33 34.75 0.57
C ASP B 135 38.78 33.37 0.23
N ALA B 136 37.52 33.38 -0.21
CA ALA B 136 36.83 32.16 -0.57
C ALA B 136 37.42 31.54 -1.83
N ASN B 137 37.31 30.22 -1.92
CA ASN B 137 37.76 29.52 -3.12
C ASN B 137 36.86 28.33 -3.46
N MET B 138 35.75 28.14 -2.75
CA MET B 138 34.77 27.10 -3.06
C MET B 138 33.37 27.63 -2.73
N VAL B 139 32.37 27.12 -3.44
CA VAL B 139 30.98 27.48 -3.19
C VAL B 139 30.16 26.19 -3.04
N LEU B 140 29.32 26.14 -2.00
CA LEU B 140 28.30 25.10 -1.85
C LEU B 140 26.96 25.82 -1.79
N ASP B 141 26.04 25.44 -2.68
CA ASP B 141 24.81 26.19 -2.85
C ASP B 141 23.63 25.24 -2.97
N ASP B 142 22.45 25.78 -2.66
CA ASP B 142 21.18 25.04 -2.74
C ASP B 142 20.15 26.02 -3.28
N GLY B 143 19.93 26.00 -4.59
CA GLY B 143 18.95 26.86 -5.23
C GLY B 143 19.56 27.98 -6.05
N GLY B 144 20.84 28.27 -5.86
CA GLY B 144 21.54 29.22 -6.71
C GLY B 144 21.54 30.67 -6.27
N ASP B 145 20.96 31.00 -5.11
CA ASP B 145 20.90 32.40 -4.68
C ASP B 145 22.29 32.95 -4.42
N LEU B 146 23.12 32.20 -3.68
CA LEU B 146 24.50 32.64 -3.45
C LEU B 146 25.26 32.73 -4.76
N THR B 147 25.11 31.71 -5.61
CA THR B 147 25.78 31.70 -6.92
C THR B 147 25.43 32.94 -7.73
N GLU B 148 24.16 33.34 -7.71
CA GLU B 148 23.71 34.51 -8.47
C GLU B 148 24.33 35.79 -7.92
N ILE B 149 24.39 35.93 -6.60
CA ILE B 149 24.93 37.15 -6.00
C ILE B 149 26.41 37.29 -6.33
N LEU B 150 27.16 36.19 -6.30
CA LEU B 150 28.57 36.23 -6.67
C LEU B 150 28.75 36.70 -8.11
N HIS B 151 27.99 36.12 -9.04
CA HIS B 151 28.16 36.50 -10.44
C HIS B 151 27.73 37.94 -10.68
N LYS B 152 26.68 38.39 -10.00
CA LYS B 152 26.15 39.73 -10.21
C LYS B 152 27.02 40.78 -9.53
N LYS B 153 27.43 40.53 -8.30
CA LYS B 153 27.99 41.56 -7.44
C LYS B 153 29.47 41.38 -7.11
N TYR B 154 30.00 40.16 -7.19
CA TYR B 154 31.38 39.88 -6.78
C TYR B 154 32.13 39.07 -7.83
N PRO B 155 32.19 39.55 -9.08
CA PRO B 155 32.93 38.79 -10.10
C PRO B 155 34.40 38.59 -9.75
N GLN B 156 35.04 39.57 -9.09
CA GLN B 156 36.44 39.41 -8.75
C GLN B 156 36.67 38.25 -7.78
N MET B 157 35.68 37.96 -6.92
CA MET B 157 35.79 36.81 -6.04
C MET B 157 35.73 35.51 -6.83
N LEU B 158 34.93 35.45 -7.89
CA LEU B 158 34.81 34.21 -8.66
C LEU B 158 36.10 33.85 -9.36
N GLU B 159 36.94 34.83 -9.68
CA GLU B 159 38.23 34.56 -10.31
C GLU B 159 39.07 33.60 -9.49
N ARG B 160 38.89 33.61 -8.16
CA ARG B 160 39.67 32.78 -7.25
C ARG B 160 38.91 31.56 -6.75
N ILE B 161 37.71 31.30 -7.26
CA ILE B 161 36.90 30.19 -6.79
C ILE B 161 37.05 29.01 -7.74
N HIS B 162 37.31 27.83 -7.18
CA HIS B 162 37.57 26.65 -7.98
C HIS B 162 36.32 25.95 -8.50
N GLY B 163 35.17 26.15 -7.87
CA GLY B 163 33.97 25.49 -8.33
C GLY B 163 32.80 25.73 -7.42
N ILE B 164 31.65 25.26 -7.88
CA ILE B 164 30.36 25.32 -7.19
C ILE B 164 29.82 23.90 -7.13
N THR B 165 29.35 23.47 -5.96
CA THR B 165 28.62 22.21 -5.83
C THR B 165 27.17 22.53 -5.46
N GLU B 166 26.25 22.27 -6.39
CA GLU B 166 24.87 22.74 -6.31
C GLU B 166 23.94 21.59 -5.96
N GLU B 167 23.05 21.83 -5.00
CA GLU B 167 22.33 20.74 -4.35
C GLU B 167 21.07 20.33 -5.11
N THR B 168 20.34 21.27 -5.73
CA THR B 168 18.95 21.00 -6.05
C THR B 168 18.61 21.33 -7.49
N THR B 169 17.49 20.76 -7.94
CA THR B 169 17.08 20.83 -9.34
C THR B 169 17.00 22.27 -9.84
N THR B 170 16.40 23.16 -9.05
CA THR B 170 16.26 24.55 -9.47
C THR B 170 17.61 25.22 -9.62
N GLY B 171 18.54 24.96 -8.69
CA GLY B 171 19.85 25.56 -8.80
C GLY B 171 20.62 25.08 -10.02
N VAL B 172 20.45 23.79 -10.36
CA VAL B 172 21.13 23.25 -11.55
C VAL B 172 20.59 23.90 -12.81
N HIS B 173 19.28 24.11 -12.89
CA HIS B 173 18.72 24.80 -14.05
C HIS B 173 19.31 26.19 -14.21
N ARG B 174 19.52 26.89 -13.10
CA ARG B 174 20.09 28.23 -13.17
C ARG B 174 21.54 28.19 -13.63
N LEU B 175 22.30 27.19 -13.19
CA LEU B 175 23.67 27.01 -13.67
C LEU B 175 23.70 26.74 -15.17
N LEU B 176 22.82 25.85 -15.64
CA LEU B 176 22.79 25.51 -17.05
C LEU B 176 22.37 26.70 -17.91
N ASP B 177 21.54 27.59 -17.36
CA ASP B 177 21.24 28.83 -18.08
C ASP B 177 22.47 29.70 -18.21
N MET B 178 23.24 29.85 -17.13
CA MET B 178 24.47 30.64 -17.20
C MET B 178 25.45 30.03 -18.20
N LEU B 179 25.64 28.71 -18.13
CA LEU B 179 26.53 28.04 -19.09
C LEU B 179 26.08 28.29 -20.52
N LYS B 180 24.78 28.15 -20.78
CA LYS B 180 24.25 28.37 -22.12
C LYS B 180 24.49 29.80 -22.59
N ASN B 181 24.30 30.77 -21.70
CA ASN B 181 24.49 32.18 -22.03
C ASN B 181 25.95 32.62 -21.98
N GLY B 182 26.86 31.73 -21.61
CA GLY B 182 28.25 32.12 -21.47
C GLY B 182 28.54 33.07 -20.33
N THR B 183 27.72 33.07 -19.28
CA THR B 183 27.94 33.93 -18.13
C THR B 183 28.42 33.17 -16.90
N LEU B 184 28.47 31.83 -16.97
CA LEU B 184 28.97 31.04 -15.84
C LEU B 184 30.49 31.17 -15.75
N LYS B 185 30.97 31.55 -14.56
CA LYS B 185 32.37 31.92 -14.40
C LYS B 185 33.24 30.79 -13.85
N VAL B 186 32.65 29.78 -13.22
CA VAL B 186 33.42 28.68 -12.63
C VAL B 186 32.67 27.38 -12.88
N PRO B 187 33.39 26.25 -12.91
CA PRO B 187 32.71 24.97 -13.15
C PRO B 187 31.87 24.55 -11.96
N ALA B 188 30.96 23.61 -12.21
CA ALA B 188 30.05 23.17 -11.18
C ALA B 188 29.89 21.66 -11.23
N ILE B 189 29.62 21.08 -10.06
CA ILE B 189 29.14 19.70 -9.98
C ILE B 189 27.66 19.73 -9.63
N ASN B 190 26.86 19.13 -10.50
CA ASN B 190 25.44 18.87 -10.26
C ASN B 190 25.32 17.75 -9.24
N VAL B 191 25.20 18.08 -7.96
CA VAL B 191 25.04 17.05 -6.94
C VAL B 191 23.64 16.43 -7.03
N ASN B 192 22.67 17.21 -7.53
CA ASN B 192 21.29 16.73 -7.56
C ASN B 192 21.15 15.42 -8.32
N ASP B 193 21.91 15.26 -9.41
CA ASP B 193 21.66 14.15 -10.32
C ASP B 193 22.48 12.90 -10.01
N SER B 194 23.11 12.82 -8.85
CA SER B 194 23.47 11.50 -8.32
C SER B 194 22.19 10.74 -7.97
N VAL B 195 22.19 9.43 -8.22
CA VAL B 195 20.99 8.66 -7.88
C VAL B 195 20.79 8.67 -6.37
N THR B 196 21.89 8.62 -5.61
CA THR B 196 21.83 8.69 -4.15
C THR B 196 21.46 10.07 -3.65
N LYS B 197 21.13 10.99 -4.57
CA LYS B 197 20.53 12.27 -4.22
C LYS B 197 19.14 12.37 -4.83
N SER B 198 19.03 12.48 -6.16
CA SER B 198 17.74 12.73 -6.81
C SER B 198 16.70 11.68 -6.46
N LYS B 199 17.05 10.39 -6.56
CA LYS B 199 16.08 9.33 -6.33
C LYS B 199 16.13 8.83 -4.89
N ASN B 200 16.62 9.64 -3.97
CA ASN B 200 16.68 9.36 -2.55
C ASN B 200 16.12 10.56 -1.79
N ASP B 201 16.82 11.68 -1.93
CA ASP B 201 16.43 12.95 -1.32
C ASP B 201 15.13 13.47 -1.95
N ASN B 202 15.14 13.74 -3.25
CA ASN B 202 14.00 14.43 -3.84
C ASN B 202 12.72 13.60 -3.71
N LYS B 203 12.83 12.28 -3.86
CA LYS B 203 11.65 11.42 -3.85
C LYS B 203 11.32 10.94 -2.43
N TYR B 204 12.18 10.07 -1.88
CA TYR B 204 11.85 9.48 -0.57
C TYR B 204 11.90 10.50 0.56
N GLY B 205 12.74 11.53 0.44
CA GLY B 205 12.76 12.57 1.45
C GLY B 205 11.43 13.29 1.54
N CYS B 206 10.84 13.63 0.40
CA CYS B 206 9.52 14.26 0.41
C CYS B 206 8.43 13.29 0.85
N ARG B 207 8.60 11.99 0.58
CA ARG B 207 7.67 11.00 1.11
CA ARG B 207 7.67 11.00 1.11
C ARG B 207 7.62 11.06 2.62
N HIS B 208 8.78 11.14 3.27
CA HIS B 208 8.84 11.20 4.72
C HIS B 208 8.27 12.53 5.25
N SER B 209 8.67 13.65 4.65
CA SER B 209 8.51 14.94 5.32
C SER B 209 7.33 15.78 4.84
N LEU B 210 6.64 15.41 3.75
CA LEU B 210 5.48 16.21 3.34
C LEU B 210 4.32 16.01 4.31
N ASN B 211 3.87 14.76 4.49
CA ASN B 211 2.78 14.55 5.44
CA ASN B 211 2.78 14.53 5.44
C ASN B 211 3.18 14.95 6.85
N ASP B 212 4.47 14.82 7.18
CA ASP B 212 5.01 15.30 8.45
C ASP B 212 4.68 16.77 8.66
N ALA B 213 5.05 17.61 7.69
CA ALA B 213 4.84 19.05 7.83
C ALA B 213 3.34 19.40 7.86
N ILE B 214 2.53 18.69 7.08
CA ILE B 214 1.09 18.98 7.07
C ILE B 214 0.49 18.65 8.43
N LYS B 215 0.88 17.52 9.02
CA LYS B 215 0.37 17.15 10.33
C LYS B 215 0.80 18.16 11.39
N ARG B 216 2.08 18.56 11.39
CA ARG B 216 2.53 19.51 12.40
C ARG B 216 1.82 20.85 12.23
N GLY B 217 1.57 21.28 10.99
CA GLY B 217 0.97 22.58 10.77
C GLY B 217 -0.52 22.62 11.09
N THR B 218 -1.25 21.58 10.71
CA THR B 218 -2.71 21.58 10.83
C THR B 218 -3.27 20.50 11.73
N ASP B 219 -2.54 19.39 11.94
CA ASP B 219 -3.07 18.20 12.60
C ASP B 219 -4.33 17.65 11.91
N HIS B 220 -4.50 17.95 10.63
CA HIS B 220 -5.64 17.43 9.88
C HIS B 220 -5.52 15.94 9.64
N LEU B 221 -6.64 15.22 9.82
CA LEU B 221 -6.74 13.88 9.25
C LEU B 221 -6.59 13.97 7.74
N LEU B 222 -5.79 13.09 7.16
CA LEU B 222 -5.59 13.07 5.72
C LEU B 222 -6.34 11.92 5.04
N SER B 223 -6.50 10.78 5.73
CA SER B 223 -7.20 9.63 5.16
C SER B 223 -8.61 10.01 4.71
N GLY B 224 -8.96 9.59 3.49
CA GLY B 224 -10.28 9.83 2.96
C GLY B 224 -10.50 11.19 2.33
N LYS B 225 -9.53 12.09 2.42
CA LYS B 225 -9.67 13.41 1.83
C LYS B 225 -9.03 13.44 0.45
N GLN B 226 -9.36 14.49 -0.31
CA GLN B 226 -8.96 14.63 -1.71
CA GLN B 226 -8.95 14.61 -1.71
C GLN B 226 -7.78 15.58 -1.82
N ALA B 227 -6.70 15.12 -2.44
CA ALA B 227 -5.51 15.92 -2.68
C ALA B 227 -5.25 16.08 -4.16
N LEU B 228 -4.67 17.22 -4.52
CA LEU B 228 -4.18 17.47 -5.87
C LEU B 228 -2.71 17.82 -5.79
N VAL B 229 -1.87 16.97 -6.40
CA VAL B 229 -0.43 17.22 -6.47
C VAL B 229 -0.13 17.73 -7.87
N ILE B 230 0.46 18.92 -7.94
CA ILE B 230 0.86 19.53 -9.20
C ILE B 230 2.30 19.12 -9.48
N GLY B 231 2.48 18.22 -10.44
CA GLY B 231 3.80 17.75 -10.81
C GLY B 231 4.01 16.30 -10.39
N TYR B 232 4.81 15.58 -11.19
CA TYR B 232 5.11 14.18 -10.90
C TYR B 232 6.53 13.86 -11.34
N GLY B 233 7.45 14.78 -11.11
CA GLY B 233 8.86 14.48 -11.15
C GLY B 233 9.25 13.76 -9.87
N ASP B 234 10.52 13.89 -9.50
CA ASP B 234 10.99 13.19 -8.31
C ASP B 234 10.26 13.65 -7.06
N VAL B 235 10.15 14.97 -6.87
CA VAL B 235 9.45 15.50 -5.70
C VAL B 235 7.96 15.20 -5.78
N GLY B 236 7.36 15.37 -6.95
CA GLY B 236 5.95 15.05 -7.10
C GLY B 236 5.65 13.58 -6.83
N LYS B 237 6.57 12.69 -7.24
CA LYS B 237 6.40 11.27 -6.98
C LYS B 237 6.43 10.98 -5.48
N GLY B 238 7.44 11.51 -4.78
CA GLY B 238 7.51 11.29 -3.36
C GLY B 238 6.36 11.93 -2.60
N SER B 239 5.95 13.13 -3.03
CA SER B 239 4.84 13.82 -2.38
C SER B 239 3.54 13.06 -2.57
N SER B 240 3.27 12.58 -3.80
CA SER B 240 2.06 11.81 -4.05
C SER B 240 2.01 10.57 -3.18
N GLN B 241 3.14 9.88 -3.04
CA GLN B 241 3.18 8.70 -2.19
C GLN B 241 3.00 9.08 -0.72
N SER B 242 3.56 10.23 -0.31
CA SER B 242 3.40 10.71 1.06
C SER B 242 1.93 10.85 1.43
N LEU B 243 1.11 11.32 0.48
CA LEU B 243 -0.31 11.50 0.77
C LEU B 243 -1.08 10.20 0.58
N ARG B 244 -0.79 9.45 -0.48
CA ARG B 244 -1.51 8.21 -0.75
C ARG B 244 -1.31 7.20 0.38
N GLN B 245 -0.09 7.08 0.91
CA GLN B 245 0.17 6.13 1.97
C GLN B 245 -0.58 6.48 3.25
N GLU B 246 -0.98 7.75 3.41
CA GLU B 246 -1.83 8.17 4.52
C GLU B 246 -3.31 7.92 4.25
N GLY B 247 -3.67 7.47 3.05
CA GLY B 247 -5.05 7.22 2.71
C GLY B 247 -5.78 8.34 2.00
N MET B 248 -5.06 9.37 1.53
CA MET B 248 -5.71 10.38 0.71
C MET B 248 -6.06 9.80 -0.66
N ILE B 249 -7.11 10.36 -1.27
CA ILE B 249 -7.41 10.12 -2.67
C ILE B 249 -6.64 11.17 -3.47
N VAL B 250 -5.57 10.76 -4.15
CA VAL B 250 -4.62 11.69 -4.76
C VAL B 250 -4.87 11.76 -6.26
N LYS B 251 -5.06 12.97 -6.76
CA LYS B 251 -5.03 13.27 -8.19
C LYS B 251 -3.75 14.03 -8.51
N VAL B 252 -3.25 13.86 -9.74
CA VAL B 252 -1.95 14.35 -10.14
C VAL B 252 -2.11 15.17 -11.41
N ALA B 253 -1.47 16.34 -11.46
CA ALA B 253 -1.39 17.14 -12.66
C ALA B 253 0.03 17.12 -13.20
N GLU B 254 0.16 17.25 -14.52
CA GLU B 254 1.47 17.21 -15.14
C GLU B 254 1.38 17.83 -16.53
N VAL B 255 2.49 18.45 -16.95
CA VAL B 255 2.66 18.87 -18.34
C VAL B 255 3.49 17.88 -19.13
N ASP B 256 4.19 16.96 -18.46
CA ASP B 256 5.06 16.00 -19.11
C ASP B 256 4.31 14.69 -19.27
N PRO B 257 3.95 14.28 -20.49
CA PRO B 257 3.13 13.07 -20.65
C PRO B 257 3.82 11.79 -20.22
N ILE B 258 5.15 11.75 -20.20
CA ILE B 258 5.84 10.57 -19.67
C ILE B 258 5.65 10.47 -18.16
N CYS B 259 5.84 11.58 -17.45
CA CYS B 259 5.58 11.59 -16.02
C CYS B 259 4.09 11.34 -15.73
N ALA B 260 3.21 11.87 -16.57
CA ALA B 260 1.79 11.57 -16.43
C ALA B 260 1.52 10.09 -16.61
N MET B 261 2.19 9.46 -17.59
N MET B 261 2.19 9.46 -17.59
CA MET B 261 2.06 8.01 -17.79
CA MET B 261 2.04 8.02 -17.77
C MET B 261 2.45 7.26 -16.53
C MET B 261 2.44 7.25 -16.52
N GLN B 262 3.54 7.66 -15.88
CA GLN B 262 3.97 7.01 -14.65
C GLN B 262 2.91 7.15 -13.55
N ALA B 263 2.30 8.34 -13.45
CA ALA B 263 1.28 8.56 -12.43
C ALA B 263 0.09 7.63 -12.63
N CYS B 264 -0.36 7.49 -13.89
CA CYS B 264 -1.45 6.56 -14.19
C CYS B 264 -1.05 5.14 -13.80
N MET B 265 0.11 4.68 -14.27
CA MET B 265 0.54 3.31 -14.00
C MET B 265 0.77 3.09 -12.51
N ASP B 266 1.10 4.15 -11.77
CA ASP B 266 1.26 4.08 -10.32
C ASP B 266 -0.05 4.12 -9.58
N GLY B 267 -1.18 4.19 -10.29
CA GLY B 267 -2.49 4.11 -9.65
C GLY B 267 -3.11 5.44 -9.29
N PHE B 268 -2.70 6.53 -9.93
CA PHE B 268 -3.26 7.85 -9.69
C PHE B 268 -4.11 8.28 -10.86
N GLU B 269 -5.14 9.07 -10.57
CA GLU B 269 -5.90 9.73 -11.61
C GLU B 269 -5.19 11.02 -12.01
N VAL B 270 -4.97 11.21 -13.30
CA VAL B 270 -4.26 12.39 -13.81
C VAL B 270 -5.30 13.39 -14.30
N VAL B 271 -5.29 14.59 -13.72
CA VAL B 271 -6.26 15.63 -14.03
C VAL B 271 -5.51 16.94 -14.27
N SER B 272 -6.23 17.90 -14.86
CA SER B 272 -5.69 19.24 -15.00
C SER B 272 -6.59 20.25 -14.29
N PRO B 273 -6.02 21.28 -13.66
CA PRO B 273 -6.88 22.33 -13.10
C PRO B 273 -7.71 23.04 -14.15
N TYR B 274 -7.33 22.93 -15.42
CA TYR B 274 -7.96 23.67 -16.51
C TYR B 274 -8.70 22.72 -17.42
N LYS B 275 -9.84 23.17 -17.94
CA LYS B 275 -10.61 22.34 -18.86
C LYS B 275 -9.79 22.03 -20.10
N ASN B 276 -9.73 20.74 -20.45
CA ASN B 276 -8.90 20.24 -21.56
C ASN B 276 -7.43 20.62 -21.41
N GLY B 277 -7.01 20.98 -20.21
CA GLY B 277 -5.63 21.34 -19.95
C GLY B 277 -5.18 22.68 -20.48
N ILE B 278 -6.09 23.53 -20.93
CA ILE B 278 -5.75 24.78 -21.61
C ILE B 278 -5.81 25.91 -20.60
N ASN B 279 -4.64 26.47 -20.27
CA ASN B 279 -4.51 27.53 -19.28
C ASN B 279 -4.43 28.87 -20.01
N ASP B 280 -5.60 29.39 -20.38
CA ASP B 280 -5.68 30.63 -21.15
C ASP B 280 -5.78 31.87 -20.30
N GLY B 281 -5.81 31.73 -18.97
CA GLY B 281 -5.82 32.87 -18.08
C GLY B 281 -7.19 33.34 -17.64
N THR B 282 -8.25 32.67 -18.04
CA THR B 282 -9.61 33.07 -17.71
C THR B 282 -10.16 32.22 -16.57
N GLU B 283 -11.08 32.81 -15.79
CA GLU B 283 -11.79 32.04 -14.77
C GLU B 283 -12.57 30.89 -15.39
N ALA B 284 -13.11 31.10 -16.59
CA ALA B 284 -13.92 30.08 -17.24
C ALA B 284 -13.14 28.82 -17.55
N SER B 285 -11.81 28.91 -17.67
CA SER B 285 -11.00 27.74 -17.95
C SER B 285 -10.79 26.84 -16.74
N ILE B 286 -11.10 27.30 -15.53
CA ILE B 286 -10.89 26.50 -14.33
C ILE B 286 -11.95 25.40 -14.26
N ASP B 287 -11.51 24.18 -13.98
CA ASP B 287 -12.43 23.08 -13.69
C ASP B 287 -12.97 23.30 -12.28
N ALA B 288 -14.06 24.08 -12.18
CA ALA B 288 -14.56 24.46 -10.87
C ALA B 288 -15.04 23.26 -10.07
N ALA B 289 -15.68 22.30 -10.75
CA ALA B 289 -16.14 21.07 -10.08
C ALA B 289 -14.97 20.34 -9.44
N LEU B 290 -13.88 20.17 -10.17
CA LEU B 290 -12.69 19.50 -9.64
C LEU B 290 -12.12 20.27 -8.45
N LEU B 291 -11.79 21.54 -8.66
CA LEU B 291 -11.18 22.35 -7.61
C LEU B 291 -12.05 22.42 -6.36
N GLY B 292 -13.37 22.44 -6.54
CA GLY B 292 -14.28 22.50 -5.40
C GLY B 292 -14.32 21.24 -4.55
N LYS B 293 -13.70 20.15 -5.02
CA LYS B 293 -13.62 18.89 -4.30
C LYS B 293 -12.30 18.71 -3.54
N ILE B 294 -11.32 19.58 -3.77
CA ILE B 294 -9.95 19.35 -3.32
C ILE B 294 -9.78 19.88 -1.90
N ASP B 295 -9.30 19.03 -1.00
CA ASP B 295 -8.99 19.42 0.37
C ASP B 295 -7.55 19.88 0.54
N LEU B 296 -6.67 19.52 -0.38
CA LEU B 296 -5.25 19.80 -0.23
C LEU B 296 -4.60 19.88 -1.60
N ILE B 297 -3.88 20.97 -1.85
CA ILE B 297 -3.09 21.11 -3.08
C ILE B 297 -1.64 21.30 -2.69
N VAL B 298 -0.76 20.54 -3.35
CA VAL B 298 0.68 20.61 -3.13
C VAL B 298 1.35 20.86 -4.47
N THR B 299 2.20 21.88 -4.54
CA THR B 299 2.95 22.19 -5.75
C THR B 299 4.36 21.64 -5.62
N THR B 300 4.84 20.97 -6.68
CA THR B 300 6.11 20.27 -6.66
C THR B 300 6.96 20.52 -7.91
N THR B 301 6.77 21.65 -8.61
CA THR B 301 7.20 21.76 -10.00
C THR B 301 8.55 22.45 -10.21
N GLY B 302 8.95 23.37 -9.33
CA GLY B 302 10.04 24.25 -9.69
C GLY B 302 9.67 25.26 -10.76
N ASN B 303 8.39 25.35 -11.11
CA ASN B 303 7.90 26.27 -12.12
C ASN B 303 7.25 27.44 -11.42
N VAL B 304 6.64 28.35 -12.19
CA VAL B 304 6.05 29.56 -11.65
C VAL B 304 4.54 29.51 -11.84
N ASN B 305 3.82 29.88 -10.77
CA ASN B 305 2.37 30.11 -10.84
C ASN B 305 1.60 28.87 -11.28
N VAL B 306 1.96 27.72 -10.72
CA VAL B 306 1.23 26.49 -11.03
C VAL B 306 0.02 26.29 -10.14
N CYS B 307 -0.14 27.13 -9.10
CA CYS B 307 -1.37 27.24 -8.32
C CYS B 307 -1.73 28.72 -8.36
N ASP B 308 -2.48 29.13 -9.38
CA ASP B 308 -2.67 30.54 -9.68
C ASP B 308 -3.88 31.11 -8.94
N ALA B 309 -4.18 32.37 -9.23
CA ALA B 309 -5.24 33.08 -8.51
C ALA B 309 -6.61 32.47 -8.80
N ASN B 310 -6.87 32.06 -10.04
CA ASN B 310 -8.17 31.51 -10.37
C ASN B 310 -8.37 30.13 -9.76
N MET B 311 -7.31 29.34 -9.63
CA MET B 311 -7.40 28.11 -8.87
C MET B 311 -7.68 28.40 -7.40
N LEU B 312 -6.98 29.37 -6.83
CA LEU B 312 -7.18 29.73 -5.42
C LEU B 312 -8.61 30.19 -5.17
N LYS B 313 -9.23 30.87 -6.13
CA LYS B 313 -10.61 31.31 -5.95
C LYS B 313 -11.59 30.16 -6.04
N ALA B 314 -11.27 29.12 -6.80
CA ALA B 314 -12.18 28.01 -7.02
C ALA B 314 -12.01 26.89 -6.00
N LEU B 315 -10.97 26.93 -5.19
CA LEU B 315 -10.70 25.84 -4.26
C LEU B 315 -11.84 25.67 -3.25
N LYS B 316 -12.04 24.42 -2.84
CA LYS B 316 -12.97 24.10 -1.76
C LYS B 316 -12.67 24.94 -0.53
N LYS B 317 -13.72 25.38 0.15
CA LYS B 317 -13.56 26.09 1.41
C LYS B 317 -12.72 25.26 2.38
N ARG B 318 -11.81 25.94 3.06
CA ARG B 318 -10.94 25.40 4.12
C ARG B 318 -9.91 24.40 3.59
N ALA B 319 -9.67 24.36 2.29
CA ALA B 319 -8.59 23.53 1.76
C ALA B 319 -7.24 24.06 2.22
N VAL B 320 -6.26 23.17 2.27
CA VAL B 320 -4.89 23.52 2.62
C VAL B 320 -4.09 23.70 1.35
N VAL B 321 -3.24 24.72 1.33
CA VAL B 321 -2.39 25.06 0.19
C VAL B 321 -0.95 25.08 0.65
N CYS B 322 -0.07 24.36 -0.05
CA CYS B 322 1.34 24.38 0.33
C CYS B 322 2.20 24.09 -0.89
N ASN B 323 3.49 24.40 -0.74
CA ASN B 323 4.49 24.28 -1.79
C ASN B 323 5.68 23.53 -1.22
N ILE B 324 6.15 22.50 -1.93
CA ILE B 324 7.36 21.80 -1.56
C ILE B 324 8.45 21.93 -2.64
N GLY B 325 8.20 22.75 -3.68
CA GLY B 325 9.26 23.16 -4.58
C GLY B 325 10.15 24.22 -3.94
N HIS B 326 11.23 24.59 -4.64
CA HIS B 326 12.25 25.39 -4.00
C HIS B 326 11.77 26.81 -3.69
N PHE B 327 11.04 27.45 -4.60
CA PHE B 327 10.66 28.85 -4.44
C PHE B 327 9.15 28.99 -4.25
N ASP B 328 8.75 30.06 -3.56
CA ASP B 328 7.35 30.27 -3.19
C ASP B 328 6.48 30.76 -4.33
N ASN B 329 7.06 31.12 -5.47
CA ASN B 329 6.26 31.63 -6.58
C ASN B 329 5.50 30.54 -7.32
N GLU B 330 5.56 29.28 -6.86
CA GLU B 330 4.68 28.25 -7.43
C GLU B 330 3.23 28.56 -7.12
N ILE B 331 2.97 29.18 -5.98
CA ILE B 331 1.65 29.65 -5.57
C ILE B 331 1.61 31.15 -5.75
N ASP B 332 0.47 31.67 -6.24
CA ASP B 332 0.30 33.11 -6.36
C ASP B 332 -0.09 33.69 -5.00
N THR B 333 0.88 33.69 -4.09
CA THR B 333 0.66 34.30 -2.78
C THR B 333 0.57 35.81 -2.86
N ALA B 334 1.19 36.42 -3.88
CA ALA B 334 1.08 37.87 -4.04
C ALA B 334 -0.37 38.29 -4.27
N PHE B 335 -1.11 37.53 -5.06
CA PHE B 335 -2.53 37.79 -5.24
C PHE B 335 -3.28 37.74 -3.91
N MET B 336 -2.90 36.79 -3.04
CA MET B 336 -3.62 36.63 -1.79
C MET B 336 -3.28 37.75 -0.81
N ARG B 337 -2.03 38.21 -0.81
CA ARG B 337 -1.69 39.36 0.03
C ARG B 337 -2.45 40.60 -0.42
N LYS B 338 -2.64 40.77 -1.72
CA LYS B 338 -3.26 41.97 -2.25
C LYS B 338 -4.76 41.99 -2.04
N ASN B 339 -5.42 40.83 -2.01
CA ASN B 339 -6.87 40.75 -2.07
C ASN B 339 -7.54 40.18 -0.82
N TRP B 340 -6.85 39.34 -0.06
CA TRP B 340 -7.49 38.59 1.01
C TRP B 340 -6.82 38.89 2.34
N ALA B 341 -7.58 38.69 3.42
CA ALA B 341 -7.12 38.99 4.76
C ALA B 341 -6.44 37.77 5.37
N TRP B 342 -5.26 37.98 5.94
CA TRP B 342 -4.47 36.90 6.50
C TRP B 342 -4.63 36.88 8.02
N GLU B 343 -4.93 35.70 8.56
CA GLU B 343 -5.03 35.48 9.99
C GLU B 343 -4.02 34.41 10.38
N GLU B 344 -3.05 34.79 11.22
CA GLU B 344 -2.05 33.83 11.66
C GLU B 344 -2.64 32.91 12.71
N VAL B 345 -2.65 31.61 12.42
CA VAL B 345 -3.01 30.62 13.44
C VAL B 345 -1.87 30.44 14.42
N LYS B 346 -0.68 30.18 13.88
CA LYS B 346 0.57 30.04 14.62
C LYS B 346 1.69 30.21 13.61
N PRO B 347 2.94 30.26 14.04
CA PRO B 347 4.04 30.48 13.07
C PRO B 347 3.95 29.52 11.89
N GLN B 348 4.04 30.09 10.69
CA GLN B 348 4.03 29.37 9.41
C GLN B 348 2.70 28.69 9.13
N VAL B 349 1.61 29.15 9.75
CA VAL B 349 0.27 28.66 9.44
C VAL B 349 -0.67 29.87 9.41
N HIS B 350 -1.23 30.17 8.24
CA HIS B 350 -2.12 31.31 8.08
C HIS B 350 -3.44 30.89 7.46
N LYS B 351 -4.54 31.39 8.03
CA LYS B 351 -5.84 31.33 7.38
C LYS B 351 -5.99 32.53 6.47
N ILE B 352 -6.39 32.29 5.22
CA ILE B 352 -6.54 33.33 4.21
C ILE B 352 -8.04 33.48 3.94
N HIS B 353 -8.63 34.56 4.42
CA HIS B 353 -10.07 34.76 4.33
C HIS B 353 -10.42 35.39 2.99
N ARG B 354 -11.16 34.65 2.16
CA ARG B 354 -11.53 35.09 0.83
C ARG B 354 -12.74 36.01 0.84
N THR B 355 -13.16 36.47 2.02
CA THR B 355 -14.27 37.39 2.16
C THR B 355 -13.87 38.84 1.89
N GLY B 356 -12.59 39.13 1.75
CA GLY B 356 -12.15 40.49 1.51
C GLY B 356 -10.79 40.73 2.12
N LYS B 357 -10.29 41.95 1.95
CA LYS B 357 -8.98 42.33 2.44
C LYS B 357 -9.02 43.10 3.76
N ASP B 358 -10.09 43.85 4.02
CA ASP B 358 -10.16 44.70 5.21
C ASP B 358 -10.76 43.88 6.36
N GLY B 359 -9.90 43.16 7.07
CA GLY B 359 -10.33 42.41 8.22
C GLY B 359 -11.12 41.15 7.85
N PHE B 360 -11.47 40.40 8.88
CA PHE B 360 -12.16 39.13 8.70
C PHE B 360 -13.05 38.86 9.90
N ASP B 361 -14.04 38.01 9.70
CA ASP B 361 -14.80 37.45 10.80
C ASP B 361 -14.02 36.26 11.35
N ALA B 362 -13.82 36.23 12.67
CA ALA B 362 -13.09 35.13 13.29
C ALA B 362 -13.77 33.79 13.04
N HIS B 363 -15.08 33.80 12.78
CA HIS B 363 -15.84 32.58 12.51
C HIS B 363 -16.21 32.44 11.05
N ASN B 364 -15.54 33.18 10.16
CA ASN B 364 -15.75 33.01 8.74
C ASN B 364 -15.39 31.59 8.32
N ASP B 365 -16.25 30.99 7.49
CA ASP B 365 -16.01 29.64 7.00
C ASP B 365 -15.29 29.61 5.65
N ASP B 366 -15.22 30.74 4.94
CA ASP B 366 -14.64 30.77 3.60
C ASP B 366 -13.20 31.27 3.70
N TYR B 367 -12.30 30.33 4.01
CA TYR B 367 -10.87 30.62 4.10
C TYR B 367 -10.09 29.45 3.52
N LEU B 368 -8.84 29.72 3.17
CA LEU B 368 -7.85 28.68 2.87
C LEU B 368 -6.79 28.69 3.97
N ILE B 369 -6.12 27.55 4.13
CA ILE B 369 -4.98 27.45 5.05
C ILE B 369 -3.71 27.35 4.22
N LEU B 370 -2.82 28.31 4.39
CA LEU B 370 -1.54 28.37 3.69
C LEU B 370 -0.43 28.03 4.67
N LEU B 371 0.46 27.12 4.27
CA LEU B 371 1.55 26.68 5.12
C LEU B 371 2.86 27.34 4.68
N ALA B 372 3.64 27.78 5.67
CA ALA B 372 4.97 28.37 5.47
C ALA B 372 4.95 29.53 4.48
N GLU B 373 3.82 30.25 4.43
CA GLU B 373 3.63 31.36 3.50
C GLU B 373 4.05 30.99 2.08
N GLY B 374 3.84 29.72 1.70
CA GLY B 374 4.19 29.25 0.39
C GLY B 374 5.64 28.82 0.21
N ARG B 375 6.47 28.97 1.23
CA ARG B 375 7.85 28.49 1.15
C ARG B 375 7.87 26.98 1.37
N LEU B 376 9.02 26.36 1.05
CA LEU B 376 9.21 24.92 1.19
C LEU B 376 8.55 24.38 2.45
N VAL B 377 7.49 23.59 2.30
CA VAL B 377 6.62 23.29 3.44
C VAL B 377 7.30 22.28 4.38
N ASN B 378 8.03 21.31 3.82
CA ASN B 378 8.62 20.29 4.69
C ASN B 378 9.65 20.91 5.63
N LEU B 379 10.42 21.87 5.15
CA LEU B 379 11.39 22.55 6.00
C LEU B 379 10.76 23.68 6.81
N GLY B 380 9.70 24.31 6.29
CA GLY B 380 9.10 25.44 6.98
C GLY B 380 8.24 25.03 8.15
N ASN B 381 7.51 23.92 7.99
CA ASN B 381 6.57 23.46 9.00
C ASN B 381 7.03 22.20 9.73
N ALA B 382 8.12 21.58 9.28
CA ALA B 382 8.70 20.46 10.02
C ALA B 382 10.22 20.60 10.00
N THR B 383 10.97 19.52 9.79
CA THR B 383 12.42 19.56 9.85
C THR B 383 13.06 19.10 8.54
N GLY B 384 12.34 19.17 7.43
CA GLY B 384 12.91 18.63 6.22
C GLY B 384 13.13 17.12 6.26
N HIS B 385 14.01 16.67 5.37
CA HIS B 385 14.29 15.25 5.24
C HIS B 385 15.01 14.72 6.48
N PRO B 386 14.86 13.43 6.78
CA PRO B 386 15.57 12.85 7.92
C PRO B 386 17.05 12.65 7.63
N SER B 387 17.81 12.53 8.72
CA SER B 387 19.27 12.42 8.63
C SER B 387 19.70 11.27 7.74
N ARG B 388 19.04 10.11 7.83
CA ARG B 388 19.48 8.96 7.08
C ARG B 388 19.27 9.13 5.58
N ILE B 389 18.32 9.99 5.17
CA ILE B 389 18.20 10.32 3.76
C ILE B 389 19.20 11.40 3.36
N MET B 390 19.36 12.45 4.17
CA MET B 390 20.32 13.50 3.83
C MET B 390 21.75 12.99 3.85
N ASP B 391 21.98 11.85 4.51
CA ASP B 391 23.26 11.14 4.42
C ASP B 391 23.73 11.01 2.97
N GLY B 392 22.84 10.54 2.09
CA GLY B 392 23.22 10.37 0.69
C GLY B 392 23.57 11.68 0.02
N SER B 393 22.69 12.67 0.12
CA SER B 393 22.93 13.96 -0.51
C SER B 393 24.26 14.57 -0.04
N PHE B 394 24.52 14.54 1.26
CA PHE B 394 25.64 15.29 1.79
C PHE B 394 26.96 14.54 1.65
N ALA B 395 26.92 13.21 1.58
CA ALA B 395 28.10 12.47 1.15
C ALA B 395 28.51 12.89 -0.25
N ASN B 396 27.54 13.03 -1.16
CA ASN B 396 27.84 13.52 -2.50
C ASN B 396 28.43 14.93 -2.46
N GLN B 397 27.89 15.80 -1.59
CA GLN B 397 28.40 17.17 -1.50
C GLN B 397 29.87 17.17 -1.09
N VAL B 398 30.22 16.36 -0.08
CA VAL B 398 31.61 16.32 0.37
C VAL B 398 32.53 15.85 -0.75
N LEU B 399 32.13 14.78 -1.44
CA LEU B 399 32.95 14.26 -2.53
C LEU B 399 33.06 15.27 -3.67
N ALA B 400 31.98 16.01 -3.92
CA ALA B 400 32.02 17.01 -4.98
C ALA B 400 32.94 18.17 -4.60
N GLN B 401 32.90 18.59 -3.34
CA GLN B 401 33.81 19.64 -2.87
C GLN B 401 35.26 19.19 -3.02
N ILE B 402 35.56 17.96 -2.61
CA ILE B 402 36.91 17.44 -2.75
C ILE B 402 37.34 17.46 -4.22
N HIS B 403 36.47 16.98 -5.11
CA HIS B 403 36.86 16.86 -6.51
C HIS B 403 37.21 18.22 -7.11
N LEU B 404 36.29 19.20 -6.99
CA LEU B 404 36.53 20.50 -7.61
C LEU B 404 37.67 21.25 -6.93
N PHE B 405 37.77 21.17 -5.60
CA PHE B 405 38.89 21.82 -4.93
C PHE B 405 40.22 21.24 -5.39
N GLU B 406 40.29 19.92 -5.56
CA GLU B 406 41.55 19.33 -6.00
C GLU B 406 41.84 19.63 -7.47
N GLN B 407 40.81 19.96 -8.27
CA GLN B 407 41.06 20.30 -9.67
CA GLN B 407 41.08 20.29 -9.67
C GLN B 407 41.72 21.67 -9.81
N LYS B 408 41.45 22.59 -8.87
CA LYS B 408 42.11 23.91 -8.83
C LYS B 408 41.87 24.72 -10.10
N TYR B 409 40.60 24.79 -10.52
CA TYR B 409 40.24 25.50 -11.75
C TYR B 409 40.77 26.93 -11.76
N ALA B 410 40.67 27.65 -10.64
CA ALA B 410 41.07 29.05 -10.63
C ALA B 410 42.55 29.25 -10.94
N ASP B 411 43.37 28.22 -10.75
CA ASP B 411 44.80 28.32 -11.00
C ASP B 411 45.20 27.88 -12.40
N LEU B 412 44.24 27.45 -13.23
CA LEU B 412 44.54 26.96 -14.55
C LEU B 412 44.73 28.12 -15.54
N PRO B 413 45.53 27.91 -16.58
CA PRO B 413 45.61 28.90 -17.67
C PRO B 413 44.25 29.08 -18.36
N ALA B 414 44.11 30.22 -19.04
CA ALA B 414 42.84 30.55 -19.69
C ALA B 414 42.39 29.45 -20.65
N ALA B 415 43.32 28.91 -21.45
CA ALA B 415 42.95 27.87 -22.40
C ALA B 415 42.48 26.60 -21.69
N GLU B 416 43.04 26.30 -20.52
CA GLU B 416 42.63 25.12 -19.78
C GLU B 416 41.32 25.34 -19.03
N LYS B 417 41.06 26.58 -18.59
CA LYS B 417 39.75 26.89 -18.01
C LYS B 417 38.64 26.63 -19.01
N ALA B 418 38.84 27.08 -20.25
CA ALA B 418 37.80 26.92 -21.27
C ALA B 418 37.46 25.44 -21.48
N LYS B 419 38.46 24.55 -21.40
CA LYS B 419 38.20 23.13 -21.57
C LYS B 419 37.48 22.52 -20.38
N ARG B 420 37.48 23.19 -19.24
CA ARG B 420 36.96 22.63 -18.00
C ARG B 420 35.71 23.33 -17.49
N LEU B 421 35.24 24.38 -18.16
CA LEU B 421 34.07 25.12 -17.72
C LEU B 421 32.82 24.33 -18.09
N SER B 422 32.26 23.63 -17.12
CA SER B 422 31.15 22.74 -17.40
C SER B 422 30.34 22.50 -16.13
N VAL B 423 29.17 21.92 -16.31
CA VAL B 423 28.34 21.40 -15.23
C VAL B 423 28.31 19.89 -15.38
N GLU B 424 28.89 19.17 -14.41
CA GLU B 424 29.04 17.73 -14.50
C GLU B 424 28.45 17.05 -13.27
N VAL B 425 28.22 15.76 -13.39
CA VAL B 425 27.81 14.94 -12.25
C VAL B 425 29.00 14.13 -11.79
N LEU B 426 28.90 13.58 -10.57
CA LEU B 426 29.94 12.69 -10.07
C LEU B 426 29.89 11.35 -10.82
N PRO B 427 31.02 10.65 -10.94
CA PRO B 427 31.03 9.35 -11.63
C PRO B 427 30.19 8.31 -10.91
N LYS B 428 29.74 7.32 -11.68
CA LYS B 428 28.83 6.30 -11.14
C LYS B 428 29.46 5.52 -10.01
N LYS B 429 30.78 5.27 -10.07
CA LYS B 429 31.44 4.50 -9.03
C LYS B 429 31.26 5.13 -7.65
N LEU B 430 31.38 6.46 -7.57
CA LEU B 430 31.12 7.17 -6.31
C LEU B 430 29.68 7.02 -5.87
N ASP B 431 28.75 7.19 -6.82
CA ASP B 431 27.32 7.03 -6.55
C ASP B 431 27.04 5.67 -5.91
N GLU B 432 27.65 4.61 -6.46
CA GLU B 432 27.44 3.27 -5.91
C GLU B 432 28.06 3.12 -4.53
N GLU B 433 29.23 3.73 -4.29
CA GLU B 433 29.88 3.59 -2.99
C GLU B 433 29.12 4.33 -1.89
N VAL B 434 28.51 5.47 -2.22
CA VAL B 434 27.60 6.11 -1.28
C VAL B 434 26.41 5.20 -0.99
N ALA B 435 25.82 4.62 -2.04
CA ALA B 435 24.68 3.73 -1.88
C ALA B 435 25.02 2.54 -0.97
N LEU B 436 26.22 1.97 -1.15
CA LEU B 436 26.59 0.80 -0.36
C LEU B 436 26.62 1.11 1.13
N GLU B 437 27.16 2.28 1.50
CA GLU B 437 27.19 2.65 2.91
C GLU B 437 25.77 2.91 3.43
N MET B 438 24.90 3.48 2.60
CA MET B 438 23.51 3.64 3.00
C MET B 438 22.84 2.29 3.23
N VAL B 439 23.06 1.33 2.33
CA VAL B 439 22.46 0.00 2.47
C VAL B 439 22.97 -0.68 3.74
N LYS B 440 24.27 -0.59 3.99
CA LYS B 440 24.82 -1.19 5.21
C LYS B 440 24.27 -0.50 6.46
N GLY B 441 23.85 0.76 6.35
CA GLY B 441 23.23 1.43 7.48
C GLY B 441 21.88 0.83 7.85
N PHE B 442 21.17 0.31 6.87
CA PHE B 442 19.95 -0.46 7.09
C PHE B 442 20.21 -1.89 7.54
N GLY B 443 21.46 -2.34 7.51
CA GLY B 443 21.76 -3.74 7.75
C GLY B 443 21.62 -4.62 6.54
N GLY B 444 21.43 -4.04 5.35
CA GLY B 444 21.32 -4.85 4.15
C GLY B 444 22.65 -5.45 3.74
N VAL B 445 22.58 -6.58 3.06
CA VAL B 445 23.75 -7.32 2.61
C VAL B 445 23.70 -7.42 1.09
N VAL B 446 24.61 -6.70 0.43
CA VAL B 446 24.75 -6.78 -1.02
C VAL B 446 25.46 -8.07 -1.39
N THR B 447 25.03 -8.71 -2.48
CA THR B 447 25.69 -9.89 -3.00
C THR B 447 26.87 -9.50 -3.88
N GLN B 448 27.95 -10.28 -3.80
CA GLN B 448 29.12 -10.09 -4.67
C GLN B 448 29.02 -11.04 -5.86
N LEU B 449 29.17 -10.49 -7.07
CA LEU B 449 29.20 -11.30 -8.27
C LEU B 449 30.38 -12.26 -8.27
N THR B 450 30.18 -13.45 -8.84
CA THR B 450 31.30 -14.31 -9.14
C THR B 450 32.02 -13.80 -10.39
N PRO B 451 33.27 -14.20 -10.60
CA PRO B 451 33.95 -13.83 -11.86
C PRO B 451 33.18 -14.27 -13.09
N LYS B 452 32.58 -15.47 -13.06
CA LYS B 452 31.78 -15.94 -14.19
C LYS B 452 30.54 -15.08 -14.39
N GLN B 453 29.89 -14.67 -13.30
CA GLN B 453 28.70 -13.83 -13.41
C GLN B 453 29.04 -12.43 -13.93
N ALA B 454 30.13 -11.85 -13.41
CA ALA B 454 30.55 -10.53 -13.88
C ALA B 454 30.88 -10.56 -15.37
N GLU B 455 31.58 -11.61 -15.81
CA GLU B 455 31.87 -11.75 -17.24
C GLU B 455 30.59 -11.95 -18.05
N TYR B 456 29.60 -12.64 -17.48
CA TYR B 456 28.38 -12.96 -18.21
C TYR B 456 27.59 -11.69 -18.55
N ILE B 457 27.49 -10.75 -17.60
CA ILE B 457 26.76 -9.51 -17.86
C ILE B 457 27.69 -8.37 -18.25
N GLY B 458 28.99 -8.61 -18.31
CA GLY B 458 29.91 -7.61 -18.83
C GLY B 458 30.21 -6.45 -17.92
N VAL B 459 30.35 -6.70 -16.61
CA VAL B 459 30.74 -5.69 -15.65
C VAL B 459 31.94 -6.20 -14.85
N SER B 460 32.59 -5.26 -14.17
CA SER B 460 33.60 -5.61 -13.17
C SER B 460 32.92 -6.01 -11.87
N VAL B 461 33.55 -6.93 -11.14
CA VAL B 461 32.99 -7.41 -9.88
C VAL B 461 32.78 -6.26 -8.90
N GLU B 462 33.65 -5.25 -8.92
CA GLU B 462 33.51 -4.10 -8.05
C GLU B 462 32.60 -3.02 -8.63
N GLY B 463 32.09 -3.20 -9.84
CA GLY B 463 31.31 -2.19 -10.51
C GLY B 463 32.18 -1.19 -11.26
N PRO B 464 31.55 -0.20 -11.92
CA PRO B 464 30.11 0.09 -11.94
C PRO B 464 29.27 -1.02 -12.57
N PHE B 465 28.02 -1.13 -12.14
CA PHE B 465 27.17 -2.24 -12.57
C PHE B 465 26.21 -1.87 -13.69
N LYS B 466 26.09 -0.59 -14.01
CA LYS B 466 25.14 -0.10 -14.99
C LYS B 466 25.83 0.87 -15.94
N PRO B 467 25.40 0.92 -17.19
CA PRO B 467 25.87 2.00 -18.08
C PRO B 467 25.36 3.34 -17.58
N ASP B 468 26.06 4.40 -17.98
CA ASP B 468 25.65 5.74 -17.60
C ASP B 468 24.24 6.07 -18.05
N THR B 469 23.75 5.40 -19.10
CA THR B 469 22.39 5.65 -19.59
C THR B 469 21.31 5.06 -18.68
N TYR B 470 21.66 4.25 -17.69
CA TYR B 470 20.66 3.56 -16.89
C TYR B 470 19.86 4.53 -16.02
N ARG B 471 18.55 4.32 -15.96
CA ARG B 471 17.65 5.26 -15.28
C ARG B 471 17.21 4.81 -13.89
N TYR B 472 17.46 3.56 -13.51
CA TYR B 472 17.01 3.03 -12.20
C TYR B 472 15.52 3.25 -11.99
N PHE C 13 -4.05 -20.50 -48.71
CA PHE C 13 -2.91 -20.14 -47.88
C PHE C 13 -2.49 -21.29 -46.97
N THR C 14 -1.22 -21.70 -47.09
CA THR C 14 -0.66 -22.77 -46.28
C THR C 14 0.72 -22.44 -45.74
N ASP C 15 1.13 -21.17 -45.83
CA ASP C 15 2.47 -20.77 -45.42
C ASP C 15 2.47 -20.36 -43.94
N TYR C 16 2.33 -21.37 -43.09
CA TYR C 16 2.27 -21.17 -41.64
C TYR C 16 2.34 -22.54 -40.97
N LYS C 17 2.49 -22.52 -39.65
CA LYS C 17 2.26 -23.71 -38.83
C LYS C 17 1.89 -23.27 -37.43
N VAL C 18 0.68 -23.62 -37.01
CA VAL C 18 0.17 -23.29 -35.69
C VAL C 18 -0.42 -24.56 -35.08
N ALA C 19 -0.78 -24.47 -33.79
CA ALA C 19 -1.30 -25.64 -33.09
C ALA C 19 -2.68 -26.03 -33.60
N ASP C 20 -3.57 -25.05 -33.81
CA ASP C 20 -4.95 -25.35 -34.16
C ASP C 20 -5.53 -24.11 -34.86
N ILE C 21 -5.67 -24.19 -36.19
CA ILE C 21 -6.16 -23.07 -36.97
C ILE C 21 -7.60 -22.74 -36.62
N THR C 22 -8.37 -23.74 -36.13
CA THR C 22 -9.76 -23.49 -35.81
C THR C 22 -9.94 -22.59 -34.59
N LEU C 23 -8.85 -22.23 -33.91
CA LEU C 23 -8.92 -21.24 -32.83
C LEU C 23 -8.93 -19.82 -33.35
N ALA C 24 -8.86 -19.62 -34.67
CA ALA C 24 -8.72 -18.29 -35.24
C ALA C 24 -9.84 -17.36 -34.81
N ALA C 25 -11.09 -17.84 -34.89
CA ALA C 25 -12.23 -17.01 -34.51
C ALA C 25 -12.11 -16.53 -33.07
N TRP C 26 -11.72 -17.43 -32.17
CA TRP C 26 -11.47 -17.02 -30.78
C TRP C 26 -10.35 -16.00 -30.71
N GLY C 27 -9.25 -16.23 -31.44
CA GLY C 27 -8.18 -15.26 -31.46
C GLY C 27 -8.61 -13.90 -32.00
N ARG C 28 -9.47 -13.91 -33.03
CA ARG C 28 -9.90 -12.64 -33.63
C ARG C 28 -10.77 -11.84 -32.66
N ARG C 29 -11.64 -12.53 -31.90
CA ARG C 29 -12.42 -11.83 -30.88
C ARG C 29 -11.51 -11.14 -29.87
N GLU C 30 -10.46 -11.83 -29.42
CA GLU C 30 -9.57 -11.23 -28.43
C GLU C 30 -8.69 -10.14 -29.04
N LEU C 31 -8.41 -10.22 -30.34
CA LEU C 31 -7.67 -9.14 -31.00
C LEU C 31 -8.51 -7.87 -31.09
N ILE C 32 -9.82 -8.01 -31.33
CA ILE C 32 -10.69 -6.84 -31.39
C ILE C 32 -10.75 -6.16 -30.02
N ILE C 33 -10.81 -6.94 -28.95
CA ILE C 33 -10.78 -6.36 -27.60
C ILE C 33 -9.46 -5.66 -27.36
N ALA C 34 -8.34 -6.33 -27.69
CA ALA C 34 -7.02 -5.77 -27.41
C ALA C 34 -6.79 -4.45 -28.13
N GLU C 35 -7.34 -4.30 -29.34
CA GLU C 35 -7.20 -3.05 -30.07
C GLU C 35 -7.78 -1.88 -29.27
N SER C 36 -8.91 -2.11 -28.59
CA SER C 36 -9.46 -1.08 -27.72
C SER C 36 -8.60 -0.81 -26.50
N GLU C 37 -7.65 -1.69 -26.19
CA GLU C 37 -6.76 -1.51 -25.04
C GLU C 37 -5.40 -0.96 -25.43
N MET C 38 -5.17 -0.70 -26.72
CA MET C 38 -3.86 -0.28 -27.21
C MET C 38 -4.00 0.99 -28.03
N PRO C 39 -4.25 2.13 -27.37
CA PRO C 39 -4.52 3.37 -28.11
C PRO C 39 -3.31 3.95 -28.82
N ALA C 40 -2.10 3.79 -28.28
CA ALA C 40 -0.93 4.30 -28.98
C ALA C 40 -0.69 3.56 -30.28
N LEU C 41 -0.84 2.22 -30.25
CA LEU C 41 -0.64 1.43 -31.44
C LEU C 41 -1.73 1.70 -32.47
N MET C 42 -2.99 1.77 -32.02
N MET C 42 -2.99 1.81 -32.04
CA MET C 42 -4.08 2.11 -32.93
CA MET C 42 -4.05 2.09 -32.99
C MET C 42 -3.90 3.50 -33.53
C MET C 42 -3.96 3.52 -33.52
N GLY C 43 -3.49 4.47 -32.70
CA GLY C 43 -3.24 5.80 -33.21
C GLY C 43 -2.23 5.82 -34.33
N LEU C 44 -1.22 4.94 -34.25
CA LEU C 44 -0.23 4.84 -35.32
C LEU C 44 -0.85 4.30 -36.60
N ARG C 45 -1.77 3.33 -36.49
CA ARG C 45 -2.49 2.87 -37.67
C ARG C 45 -3.22 4.03 -38.34
N ARG C 46 -3.98 4.81 -37.57
CA ARG C 46 -4.79 5.86 -38.16
C ARG C 46 -3.93 6.94 -38.80
N LYS C 47 -2.84 7.34 -38.15
CA LYS C 47 -2.09 8.50 -38.61
C LYS C 47 -1.11 8.17 -39.74
N TYR C 48 -0.65 6.92 -39.84
CA TYR C 48 0.29 6.54 -40.89
C TYR C 48 -0.33 5.70 -42.01
N ALA C 49 -1.62 5.36 -41.89
CA ALA C 49 -2.27 4.57 -42.92
C ALA C 49 -2.19 5.25 -44.29
N GLY C 50 -2.38 6.57 -44.31
CA GLY C 50 -2.32 7.29 -45.58
C GLY C 50 -0.94 7.22 -46.21
N GLN C 51 0.11 7.47 -45.42
CA GLN C 51 1.46 7.49 -45.96
C GLN C 51 1.92 6.10 -46.39
N GLN C 52 1.51 5.06 -45.67
CA GLN C 52 2.04 3.71 -45.85
C GLN C 52 3.56 3.72 -45.77
N PRO C 53 4.14 4.11 -44.62
CA PRO C 53 5.61 4.25 -44.54
C PRO C 53 6.36 2.94 -44.63
N LEU C 54 5.68 1.80 -44.48
CA LEU C 54 6.32 0.50 -44.55
C LEU C 54 6.01 -0.24 -45.84
N LYS C 55 5.44 0.47 -46.82
CA LYS C 55 5.24 -0.08 -48.15
C LYS C 55 6.59 -0.52 -48.73
N GLY C 56 6.71 -1.82 -49.02
CA GLY C 56 7.96 -2.37 -49.49
C GLY C 56 8.82 -2.98 -48.42
N ALA C 57 8.46 -2.82 -47.15
CA ALA C 57 9.19 -3.47 -46.07
C ALA C 57 8.85 -4.95 -46.02
N LYS C 58 9.86 -5.77 -45.75
CA LYS C 58 9.68 -7.22 -45.62
C LYS C 58 10.37 -7.60 -44.31
N ILE C 59 9.56 -7.76 -43.26
CA ILE C 59 10.05 -7.82 -41.88
C ILE C 59 10.12 -9.26 -41.42
N LEU C 60 11.29 -9.67 -40.93
CA LEU C 60 11.44 -10.90 -40.17
C LEU C 60 11.21 -10.58 -38.69
N GLY C 61 10.17 -11.17 -38.11
CA GLY C 61 9.79 -10.88 -36.74
C GLY C 61 9.94 -12.11 -35.84
N CYS C 62 10.52 -11.89 -34.65
CA CYS C 62 10.70 -12.97 -33.66
C CYS C 62 10.39 -12.40 -32.28
N ILE C 63 9.15 -12.55 -31.83
CA ILE C 63 8.74 -12.15 -30.49
C ILE C 63 7.52 -12.98 -30.11
N HIS C 64 7.39 -13.23 -28.80
CA HIS C 64 6.27 -13.96 -28.20
C HIS C 64 4.97 -13.80 -28.99
N MET C 65 4.47 -14.90 -29.56
CA MET C 65 3.28 -14.84 -30.42
C MET C 65 2.02 -14.78 -29.56
N THR C 66 1.81 -13.62 -28.96
CA THR C 66 0.66 -13.34 -28.11
C THR C 66 -0.40 -12.56 -28.88
N ILE C 67 -1.53 -12.34 -28.21
CA ILE C 67 -2.55 -11.44 -28.75
C ILE C 67 -1.96 -10.05 -28.94
N GLN C 68 -1.14 -9.60 -27.99
CA GLN C 68 -0.54 -8.28 -28.09
C GLN C 68 0.37 -8.18 -29.31
N THR C 69 1.20 -9.20 -29.53
CA THR C 69 2.05 -9.23 -30.72
C THR C 69 1.20 -9.28 -32.01
N GLY C 70 0.03 -9.92 -31.94
CA GLY C 70 -0.84 -9.91 -33.10
C GLY C 70 -1.28 -8.51 -33.49
N VAL C 71 -1.54 -7.65 -32.50
CA VAL C 71 -1.92 -6.28 -32.80
C VAL C 71 -0.73 -5.52 -33.39
N LEU C 72 0.48 -5.79 -32.89
CA LEU C 72 1.68 -5.22 -33.49
C LEU C 72 1.85 -5.69 -34.93
N ILE C 73 1.69 -6.99 -35.18
CA ILE C 73 1.83 -7.53 -36.53
C ILE C 73 0.86 -6.85 -37.48
N GLU C 74 -0.40 -6.73 -37.08
CA GLU C 74 -1.38 -6.17 -37.99
C GLU C 74 -1.23 -4.66 -38.14
N THR C 75 -0.61 -3.99 -37.16
CA THR C 75 -0.24 -2.59 -37.36
C THR C 75 0.83 -2.45 -38.43
N LEU C 76 1.88 -3.25 -38.35
CA LEU C 76 2.94 -3.21 -39.36
C LEU C 76 2.35 -3.47 -40.75
N VAL C 77 1.49 -4.49 -40.86
CA VAL C 77 0.87 -4.82 -42.14
C VAL C 77 -0.03 -3.69 -42.61
N ALA C 78 -0.81 -3.10 -41.70
CA ALA C 78 -1.69 -2.00 -42.08
C ALA C 78 -0.91 -0.82 -42.63
N LEU C 79 0.34 -0.65 -42.22
CA LEU C 79 1.17 0.44 -42.72
C LEU C 79 1.96 0.07 -43.98
N GLY C 80 1.76 -1.14 -44.50
CA GLY C 80 2.30 -1.53 -45.80
C GLY C 80 3.29 -2.66 -45.79
N ALA C 81 3.70 -3.18 -44.63
CA ALA C 81 4.77 -4.16 -44.60
C ALA C 81 4.27 -5.57 -44.93
N GLU C 82 5.19 -6.40 -45.40
CA GLU C 82 5.05 -7.86 -45.36
C GLU C 82 5.90 -8.41 -44.23
N VAL C 83 5.41 -9.47 -43.57
CA VAL C 83 6.14 -10.05 -42.44
C VAL C 83 6.12 -11.57 -42.53
N ARG C 84 7.11 -12.18 -41.87
CA ARG C 84 7.13 -13.60 -41.55
C ARG C 84 7.53 -13.71 -40.09
N TRP C 85 6.76 -14.46 -39.30
CA TRP C 85 6.82 -14.34 -37.85
C TRP C 85 7.11 -15.66 -37.15
N SER C 86 7.71 -15.55 -35.96
CA SER C 86 7.91 -16.68 -35.05
C SER C 86 7.98 -16.14 -33.63
N SER C 87 7.86 -17.04 -32.66
CA SER C 87 7.94 -16.68 -31.25
C SER C 87 9.40 -16.72 -30.80
N CYS C 88 9.69 -15.96 -29.74
CA CYS C 88 11.03 -15.95 -29.15
C CYS C 88 11.11 -16.78 -27.86
N ASN C 89 10.10 -17.61 -27.58
CA ASN C 89 10.15 -18.53 -26.45
C ASN C 89 9.22 -19.69 -26.73
N ILE C 90 9.59 -20.87 -26.21
CA ILE C 90 8.85 -22.10 -26.50
C ILE C 90 7.49 -22.15 -25.81
N PHE C 91 7.30 -21.38 -24.74
CA PHE C 91 6.10 -21.46 -23.92
C PHE C 91 5.20 -20.24 -24.01
N SER C 92 5.63 -19.19 -24.72
CA SER C 92 4.97 -17.90 -24.65
C SER C 92 3.85 -17.71 -25.67
N THR C 93 3.72 -18.61 -26.65
CA THR C 93 2.71 -18.40 -27.68
C THR C 93 1.32 -18.61 -27.12
N GLN C 94 0.41 -17.71 -27.48
CA GLN C 94 -1.02 -17.93 -27.32
C GLN C 94 -1.52 -18.54 -28.63
N ASP C 95 -1.98 -19.79 -28.56
CA ASP C 95 -2.32 -20.52 -29.79
C ASP C 95 -3.46 -19.88 -30.57
N GLN C 96 -4.40 -19.24 -29.87
CA GLN C 96 -5.47 -18.57 -30.59
C GLN C 96 -4.99 -17.32 -31.32
N ALA C 97 -3.95 -16.67 -30.78
CA ALA C 97 -3.36 -15.51 -31.47
C ALA C 97 -2.64 -15.94 -32.74
N ALA C 98 -1.85 -17.02 -32.66
CA ALA C 98 -1.14 -17.51 -33.84
C ALA C 98 -2.12 -17.94 -34.92
N ALA C 99 -3.19 -18.65 -34.54
CA ALA C 99 -4.19 -19.07 -35.51
C ALA C 99 -4.85 -17.87 -36.18
N ALA C 100 -5.20 -16.84 -35.40
CA ALA C 100 -5.84 -15.67 -35.97
C ALA C 100 -4.94 -14.97 -36.98
N ILE C 101 -3.63 -14.89 -36.68
CA ILE C 101 -2.69 -14.25 -37.60
C ILE C 101 -2.52 -15.11 -38.85
N ALA C 102 -2.44 -16.43 -38.68
CA ALA C 102 -2.36 -17.32 -39.84
C ALA C 102 -3.62 -17.23 -40.70
N ALA C 103 -4.79 -17.20 -40.06
CA ALA C 103 -6.04 -17.12 -40.80
C ALA C 103 -6.17 -15.83 -41.59
N ALA C 104 -5.47 -14.78 -41.16
CA ALA C 104 -5.44 -13.52 -41.89
C ALA C 104 -4.50 -13.57 -43.09
N GLY C 105 -3.88 -14.71 -43.37
CA GLY C 105 -2.97 -14.81 -44.49
C GLY C 105 -1.56 -14.34 -44.21
N ILE C 106 -1.15 -14.31 -42.96
CA ILE C 106 0.17 -13.83 -42.55
C ILE C 106 1.02 -15.04 -42.16
N PRO C 107 2.19 -15.23 -42.76
CA PRO C 107 3.05 -16.37 -42.37
C PRO C 107 3.51 -16.25 -40.93
N VAL C 108 3.19 -17.26 -40.13
CA VAL C 108 3.56 -17.34 -38.73
C VAL C 108 3.84 -18.80 -38.40
N PHE C 109 4.84 -19.05 -37.56
CA PHE C 109 5.24 -20.40 -37.18
C PHE C 109 5.50 -20.40 -35.67
N ALA C 110 4.51 -20.83 -34.90
CA ALA C 110 4.60 -20.74 -33.45
C ALA C 110 3.44 -21.47 -32.79
N TRP C 111 3.74 -22.18 -31.71
CA TRP C 111 2.70 -22.75 -30.86
C TRP C 111 3.22 -22.85 -29.43
N LYS C 112 2.30 -22.99 -28.48
CA LYS C 112 2.68 -23.09 -27.07
C LYS C 112 3.14 -24.51 -26.79
N GLY C 113 4.33 -24.64 -26.22
CA GLY C 113 4.87 -25.95 -25.92
C GLY C 113 5.81 -26.49 -26.98
N GLU C 114 6.55 -25.63 -27.66
CA GLU C 114 7.55 -26.08 -28.61
C GLU C 114 8.71 -26.77 -27.91
N THR C 115 9.39 -27.65 -28.63
CA THR C 115 10.67 -28.15 -28.18
C THR C 115 11.77 -27.17 -28.59
N GLU C 116 12.97 -27.38 -28.04
CA GLU C 116 14.11 -26.55 -28.44
C GLU C 116 14.39 -26.69 -29.94
N GLU C 117 14.17 -27.89 -30.50
CA GLU C 117 14.39 -28.09 -31.92
C GLU C 117 13.26 -27.45 -32.74
N GLU C 118 12.02 -27.58 -32.27
CA GLU C 118 10.91 -26.94 -32.96
C GLU C 118 11.03 -25.43 -32.93
N TYR C 119 11.52 -24.88 -31.80
CA TYR C 119 11.73 -23.44 -31.69
C TYR C 119 12.72 -22.95 -32.75
N GLU C 120 13.83 -23.68 -32.92
CA GLU C 120 14.79 -23.31 -33.95
C GLU C 120 14.21 -23.48 -35.34
N TRP C 121 13.42 -24.53 -35.55
CA TRP C 121 12.80 -24.75 -36.85
C TRP C 121 11.86 -23.61 -37.23
N CYS C 122 11.13 -23.07 -36.24
CA CYS C 122 10.17 -22.01 -36.53
C CYS C 122 10.86 -20.76 -37.03
N ILE C 123 11.95 -20.35 -36.36
CA ILE C 123 12.73 -19.20 -36.82
C ILE C 123 13.23 -19.44 -38.24
N GLU C 124 13.70 -20.65 -38.52
CA GLU C 124 14.19 -20.99 -39.85
CA GLU C 124 14.19 -20.96 -39.85
C GLU C 124 13.09 -20.85 -40.90
N GLN C 125 11.83 -21.06 -40.51
CA GLN C 125 10.74 -21.00 -41.48
C GLN C 125 10.41 -19.57 -41.87
N THR C 126 10.68 -18.59 -41.00
CA THR C 126 10.53 -17.21 -41.42
C THR C 126 11.67 -16.81 -42.34
N ILE C 127 12.90 -17.25 -42.02
CA ILE C 127 14.07 -16.88 -42.81
C ILE C 127 13.97 -17.44 -44.22
N LEU C 128 13.47 -18.67 -44.35
CA LEU C 128 13.38 -19.35 -45.63
C LEU C 128 11.95 -19.34 -46.13
N LYS C 129 11.77 -18.93 -47.39
CA LYS C 129 10.49 -19.07 -48.08
C LYS C 129 10.72 -19.94 -49.32
N ASP C 130 10.01 -21.06 -49.40
CA ASP C 130 10.15 -22.01 -50.51
C ASP C 130 11.59 -22.49 -50.63
N GLY C 131 12.15 -22.95 -49.51
CA GLY C 131 13.49 -23.51 -49.48
C GLY C 131 14.61 -22.54 -49.75
N GLN C 132 14.31 -21.30 -50.08
CA GLN C 132 15.30 -20.27 -50.37
C GLN C 132 15.18 -19.12 -49.40
N PRO C 133 16.25 -18.35 -49.20
CA PRO C 133 16.14 -17.17 -48.33
C PRO C 133 15.13 -16.17 -48.85
N TRP C 134 14.21 -15.77 -47.97
CA TRP C 134 13.30 -14.68 -48.28
C TRP C 134 14.08 -13.40 -48.51
N ASP C 135 13.51 -12.50 -49.30
CA ASP C 135 14.17 -11.21 -49.59
C ASP C 135 13.82 -10.19 -48.50
N ALA C 136 14.19 -10.53 -47.27
CA ALA C 136 13.91 -9.67 -46.14
C ALA C 136 14.80 -8.43 -46.16
N ASN C 137 14.28 -7.33 -45.62
CA ASN C 137 15.04 -6.10 -45.52
C ASN C 137 14.92 -5.42 -44.17
N MET C 138 14.16 -5.97 -43.23
CA MET C 138 14.00 -5.43 -41.90
C MET C 138 13.90 -6.57 -40.90
N VAL C 139 14.38 -6.35 -39.67
CA VAL C 139 14.39 -7.36 -38.63
C VAL C 139 13.77 -6.77 -37.36
N LEU C 140 12.80 -7.49 -36.79
CA LEU C 140 12.24 -7.18 -35.48
C LEU C 140 12.47 -8.39 -34.57
N ASP C 141 13.17 -8.15 -33.46
CA ASP C 141 13.67 -9.24 -32.64
C ASP C 141 13.43 -8.96 -31.16
N ASP C 142 13.33 -10.02 -30.36
CA ASP C 142 13.09 -9.94 -28.92
C ASP C 142 14.00 -10.97 -28.24
N GLY C 143 15.16 -10.52 -27.78
CA GLY C 143 16.11 -11.38 -27.10
C GLY C 143 17.35 -11.67 -27.92
N GLY C 144 17.31 -11.47 -29.22
CA GLY C 144 18.49 -11.57 -30.06
C GLY C 144 18.73 -12.91 -30.73
N ASP C 145 17.80 -13.86 -30.61
CA ASP C 145 18.02 -15.16 -31.21
C ASP C 145 17.98 -15.10 -32.73
N LEU C 146 16.97 -14.43 -33.29
CA LEU C 146 16.92 -14.26 -34.75
C LEU C 146 18.12 -13.46 -35.25
N THR C 147 18.48 -12.39 -34.52
CA THR C 147 19.68 -11.63 -34.85
C THR C 147 20.92 -12.53 -34.85
N GLU C 148 21.04 -13.38 -33.82
CA GLU C 148 22.18 -14.28 -33.74
C GLU C 148 22.23 -15.26 -34.91
N ILE C 149 21.08 -15.81 -35.29
CA ILE C 149 21.05 -16.80 -36.36
C ILE C 149 21.40 -16.15 -37.70
N LEU C 150 20.90 -14.93 -37.95
CA LEU C 150 21.22 -14.25 -39.19
C LEU C 150 22.70 -13.91 -39.30
N HIS C 151 23.35 -13.59 -38.18
CA HIS C 151 24.77 -13.23 -38.25
C HIS C 151 25.65 -14.46 -38.44
N LYS C 152 25.34 -15.55 -37.74
CA LYS C 152 26.20 -16.74 -37.84
C LYS C 152 25.89 -17.56 -39.09
N LYS C 153 24.62 -17.93 -39.29
CA LYS C 153 24.29 -18.91 -40.32
C LYS C 153 23.92 -18.28 -41.66
N TYR C 154 23.29 -17.11 -41.67
CA TYR C 154 22.85 -16.46 -42.91
C TYR C 154 23.46 -15.06 -43.04
N PRO C 155 24.79 -14.93 -43.03
CA PRO C 155 25.38 -13.59 -43.04
C PRO C 155 25.22 -12.84 -44.35
N GLN C 156 24.90 -13.52 -45.46
CA GLN C 156 24.71 -12.81 -46.71
C GLN C 156 23.35 -12.11 -46.77
N MET C 157 22.34 -12.66 -46.11
CA MET C 157 21.04 -12.01 -46.07
C MET C 157 21.13 -10.63 -45.42
N LEU C 158 22.02 -10.47 -44.44
CA LEU C 158 22.17 -9.21 -43.72
C LEU C 158 22.62 -8.07 -44.62
N GLU C 159 23.09 -8.36 -45.84
CA GLU C 159 23.49 -7.30 -46.75
C GLU C 159 22.31 -6.61 -47.41
N ARG C 160 21.10 -7.15 -47.26
CA ARG C 160 19.90 -6.52 -47.82
C ARG C 160 19.04 -5.85 -46.76
N ILE C 161 19.38 -6.00 -45.49
CA ILE C 161 18.51 -5.57 -44.39
C ILE C 161 18.90 -4.16 -43.96
N HIS C 162 17.90 -3.31 -43.79
CA HIS C 162 18.15 -1.92 -43.44
C HIS C 162 18.40 -1.72 -41.95
N GLY C 163 17.86 -2.59 -41.10
CA GLY C 163 18.07 -2.41 -39.67
C GLY C 163 17.39 -3.48 -38.85
N ILE C 164 17.69 -3.47 -37.56
CA ILE C 164 17.14 -4.37 -36.55
C ILE C 164 16.50 -3.51 -35.46
N THR C 165 15.35 -3.96 -34.95
CA THR C 165 14.73 -3.33 -33.79
C THR C 165 14.59 -4.38 -32.69
N GLU C 166 15.35 -4.20 -31.61
CA GLU C 166 15.42 -5.17 -30.52
C GLU C 166 14.57 -4.71 -29.34
N GLU C 167 13.84 -5.66 -28.75
CA GLU C 167 12.79 -5.35 -27.78
C GLU C 167 13.26 -5.33 -26.33
N THR C 168 14.16 -6.21 -25.94
CA THR C 168 14.35 -6.46 -24.52
C THR C 168 15.77 -6.17 -24.07
N THR C 169 15.92 -6.12 -22.74
CA THR C 169 17.18 -5.72 -22.12
C THR C 169 18.31 -6.68 -22.51
N THR C 170 18.07 -7.99 -22.37
CA THR C 170 19.09 -8.99 -22.69
C THR C 170 19.56 -8.85 -24.13
N GLY C 171 18.62 -8.70 -25.07
CA GLY C 171 19.00 -8.59 -26.47
C GLY C 171 19.80 -7.34 -26.79
N VAL C 172 19.52 -6.24 -26.08
CA VAL C 172 20.30 -5.03 -26.27
C VAL C 172 21.74 -5.24 -25.83
N HIS C 173 21.93 -5.92 -24.70
CA HIS C 173 23.28 -6.27 -24.26
C HIS C 173 24.01 -7.06 -25.33
N ARG C 174 23.31 -8.02 -25.96
CA ARG C 174 23.92 -8.79 -27.04
C ARG C 174 24.26 -7.90 -28.24
N LEU C 175 23.40 -6.91 -28.53
CA LEU C 175 23.69 -5.98 -29.61
C LEU C 175 24.93 -5.15 -29.32
N LEU C 176 25.08 -4.70 -28.08
CA LEU C 176 26.21 -3.85 -27.74
C LEU C 176 27.52 -4.63 -27.73
N ASP C 177 27.48 -5.90 -27.33
CA ASP C 177 28.69 -6.73 -27.37
CA ASP C 177 28.70 -6.71 -27.37
C ASP C 177 29.15 -6.96 -28.81
N MET C 178 28.19 -7.08 -29.74
CA MET C 178 28.55 -7.25 -31.14
C MET C 178 29.14 -5.98 -31.71
N LEU C 179 28.62 -4.82 -31.29
CA LEU C 179 29.15 -3.55 -31.78
C LEU C 179 30.57 -3.33 -31.28
N LYS C 180 30.83 -3.67 -30.01
CA LYS C 180 32.18 -3.53 -29.46
C LYS C 180 33.17 -4.42 -30.20
N ASN C 181 32.74 -5.61 -30.63
CA ASN C 181 33.61 -6.55 -31.30
C ASN C 181 33.72 -6.31 -32.80
N GLY C 182 32.91 -5.42 -33.36
CA GLY C 182 32.93 -5.20 -34.79
C GLY C 182 32.24 -6.28 -35.60
N THR C 183 31.26 -6.96 -35.01
CA THR C 183 30.53 -8.02 -35.69
C THR C 183 29.09 -7.68 -36.03
N LEU C 184 28.61 -6.51 -35.59
CA LEU C 184 27.28 -6.07 -36.00
C LEU C 184 27.33 -5.57 -37.44
N LYS C 185 26.36 -6.01 -38.26
CA LYS C 185 26.40 -5.76 -39.70
C LYS C 185 25.38 -4.72 -40.18
N VAL C 186 24.34 -4.44 -39.40
CA VAL C 186 23.33 -3.46 -39.78
C VAL C 186 23.00 -2.60 -38.57
N PRO C 187 22.50 -1.39 -38.79
CA PRO C 187 22.14 -0.53 -37.66
C PRO C 187 20.94 -1.09 -36.90
N ALA C 188 20.84 -0.68 -35.64
CA ALA C 188 19.76 -1.15 -34.78
C ALA C 188 19.28 0.00 -33.91
N ILE C 189 18.01 -0.08 -33.52
CA ILE C 189 17.42 0.85 -32.56
C ILE C 189 17.15 0.09 -31.28
N ASN C 190 17.68 0.61 -30.17
CA ASN C 190 17.40 0.10 -28.84
C ASN C 190 16.02 0.59 -28.44
N VAL C 191 15.01 -0.24 -28.71
CA VAL C 191 13.64 0.08 -28.34
C VAL C 191 13.46 0.00 -26.83
N ASN C 192 14.26 -0.84 -26.16
CA ASN C 192 14.05 -1.08 -24.74
C ASN C 192 14.16 0.21 -23.92
N ASP C 193 15.13 1.06 -24.25
CA ASP C 193 15.44 2.21 -23.42
C ASP C 193 14.62 3.46 -23.73
N SER C 194 13.57 3.34 -24.54
CA SER C 194 12.49 4.32 -24.45
C SER C 194 11.89 4.23 -23.06
N VAL C 195 11.52 5.38 -22.49
CA VAL C 195 10.90 5.33 -21.17
C VAL C 195 9.55 4.63 -21.24
N THR C 196 8.80 4.88 -22.31
CA THR C 196 7.51 4.21 -22.48
C THR C 196 7.65 2.72 -22.77
N LYS C 197 8.87 2.24 -23.00
CA LYS C 197 9.08 0.80 -23.05
C LYS C 197 9.62 0.34 -21.70
N SER C 198 10.86 0.72 -21.40
CA SER C 198 11.55 0.18 -20.22
C SER C 198 10.75 0.41 -18.95
N LYS C 199 10.37 1.66 -18.68
CA LYS C 199 9.72 2.03 -17.43
C LYS C 199 8.21 1.91 -17.50
N ASN C 200 7.73 0.97 -18.31
CA ASN C 200 6.31 0.70 -18.46
C ASN C 200 6.17 -0.81 -18.61
N ASP C 201 6.79 -1.36 -19.65
CA ASP C 201 6.91 -2.79 -19.84
C ASP C 201 7.64 -3.46 -18.67
N ASN C 202 8.97 -3.23 -18.58
CA ASN C 202 9.81 -4.05 -17.70
C ASN C 202 9.33 -4.03 -16.26
N LYS C 203 8.86 -2.87 -15.79
CA LYS C 203 8.43 -2.75 -14.40
C LYS C 203 6.94 -3.06 -14.25
N TYR C 204 6.08 -2.25 -14.86
CA TYR C 204 4.64 -2.37 -14.63
C TYR C 204 4.08 -3.67 -15.19
N GLY C 205 4.62 -4.16 -16.30
CA GLY C 205 4.13 -5.41 -16.87
C GLY C 205 4.34 -6.60 -15.94
N CYS C 206 5.52 -6.66 -15.32
CA CYS C 206 5.80 -7.73 -14.38
C CYS C 206 4.98 -7.56 -13.09
N ARG C 207 4.68 -6.33 -12.71
CA ARG C 207 3.80 -6.12 -11.56
CA ARG C 207 3.80 -6.12 -11.56
C ARG C 207 2.43 -6.76 -11.81
N HIS C 208 1.90 -6.57 -13.01
CA HIS C 208 0.62 -7.17 -13.36
C HIS C 208 0.72 -8.69 -13.49
N SER C 209 1.77 -9.20 -14.13
CA SER C 209 1.74 -10.57 -14.61
C SER C 209 2.50 -11.58 -13.75
N LEU C 210 3.34 -11.13 -12.80
CA LEU C 210 4.05 -12.11 -11.98
C LEU C 210 3.10 -12.84 -11.04
N ASN C 211 2.38 -12.10 -10.18
CA ASN C 211 1.44 -12.76 -9.29
CA ASN C 211 1.43 -12.75 -9.29
C ASN C 211 0.34 -13.48 -10.07
N ASP C 212 -0.03 -12.93 -11.23
CA ASP C 212 -1.00 -13.58 -12.11
C ASP C 212 -0.55 -15.00 -12.44
N ALA C 213 0.71 -15.15 -12.90
CA ALA C 213 1.21 -16.47 -13.30
C ALA C 213 1.34 -17.41 -12.11
N ILE C 214 1.76 -16.89 -10.94
CA ILE C 214 1.91 -17.75 -9.77
C ILE C 214 0.55 -18.30 -9.34
N LYS C 215 -0.49 -17.45 -9.38
CA LYS C 215 -1.84 -17.91 -9.01
C LYS C 215 -2.35 -18.97 -10.00
N ARG C 216 -2.20 -18.72 -11.31
CA ARG C 216 -2.68 -19.69 -12.29
C ARG C 216 -1.98 -21.03 -12.17
N GLY C 217 -0.67 -21.02 -11.89
CA GLY C 217 0.09 -22.25 -11.84
C GLY C 217 -0.12 -23.06 -10.56
N THR C 218 -0.26 -22.38 -9.43
CA THR C 218 -0.34 -23.06 -8.13
C THR C 218 -1.61 -22.76 -7.34
N ASP C 219 -2.27 -21.62 -7.59
CA ASP C 219 -3.39 -21.16 -6.76
C ASP C 219 -3.01 -21.03 -5.29
N HIS C 220 -1.72 -20.83 -5.02
CA HIS C 220 -1.24 -20.62 -3.66
C HIS C 220 -1.67 -19.26 -3.15
N LEU C 221 -2.14 -19.22 -1.91
CA LEU C 221 -2.21 -17.94 -1.20
C LEU C 221 -0.81 -17.35 -1.12
N LEU C 222 -0.70 -16.04 -1.41
CA LEU C 222 0.59 -15.37 -1.27
C LEU C 222 0.69 -14.57 0.02
N SER C 223 -0.43 -14.04 0.50
CA SER C 223 -0.44 -13.22 1.73
C SER C 223 0.18 -13.98 2.89
N GLY C 224 1.10 -13.30 3.59
CA GLY C 224 1.68 -13.84 4.81
C GLY C 224 2.85 -14.77 4.62
N LYS C 225 3.19 -15.12 3.39
CA LYS C 225 4.30 -16.00 3.10
C LYS C 225 5.55 -15.19 2.74
N GLN C 226 6.69 -15.87 2.74
CA GLN C 226 7.99 -15.25 2.57
C GLN C 226 8.49 -15.41 1.14
N ALA C 227 8.84 -14.31 0.51
CA ALA C 227 9.39 -14.33 -0.85
C ALA C 227 10.81 -13.78 -0.85
N LEU C 228 11.62 -14.28 -1.77
CA LEU C 228 12.95 -13.75 -2.05
C LEU C 228 13.01 -13.42 -3.53
N VAL C 229 13.13 -12.14 -3.85
CA VAL C 229 13.29 -11.67 -5.22
C VAL C 229 14.77 -11.42 -5.45
N ILE C 230 15.35 -12.10 -6.44
CA ILE C 230 16.76 -11.93 -6.78
C ILE C 230 16.83 -10.88 -7.88
N GLY C 231 17.33 -9.70 -7.54
CA GLY C 231 17.44 -8.63 -8.50
C GLY C 231 16.44 -7.53 -8.22
N TYR C 232 16.84 -6.29 -8.48
CA TYR C 232 15.96 -5.15 -8.26
C TYR C 232 16.20 -4.09 -9.33
N GLY C 233 16.38 -4.51 -10.57
CA GLY C 233 16.25 -3.64 -11.72
C GLY C 233 14.78 -3.38 -11.98
N ASP C 234 14.46 -3.02 -13.22
CA ASP C 234 13.06 -2.71 -13.53
C ASP C 234 12.17 -3.94 -13.35
N VAL C 235 12.65 -5.11 -13.78
CA VAL C 235 11.84 -6.33 -13.61
C VAL C 235 11.77 -6.72 -12.14
N GLY C 236 12.88 -6.62 -11.42
CA GLY C 236 12.84 -6.90 -9.99
C GLY C 236 11.96 -5.93 -9.22
N LYS C 237 11.95 -4.67 -9.63
CA LYS C 237 11.09 -3.68 -8.97
C LYS C 237 9.62 -4.05 -9.16
N GLY C 238 9.20 -4.32 -10.40
CA GLY C 238 7.82 -4.70 -10.63
C GLY C 238 7.47 -6.03 -9.99
N SER C 239 8.40 -6.98 -10.02
CA SER C 239 8.16 -8.27 -9.40
C SER C 239 7.96 -8.13 -7.90
N SER C 240 8.84 -7.37 -7.24
CA SER C 240 8.72 -7.18 -5.80
C SER C 240 7.39 -6.55 -5.44
N GLN C 241 6.94 -5.58 -6.24
CA GLN C 241 5.66 -4.94 -5.99
C GLN C 241 4.50 -5.91 -6.23
N SER C 242 4.61 -6.74 -7.27
CA SER C 242 3.58 -7.74 -7.54
C SER C 242 3.34 -8.62 -6.33
N LEU C 243 4.40 -8.97 -5.60
CA LEU C 243 4.27 -9.85 -4.44
C LEU C 243 3.92 -9.08 -3.18
N ARG C 244 4.53 -7.91 -2.97
CA ARG C 244 4.27 -7.14 -1.77
C ARG C 244 2.82 -6.68 -1.71
N GLN C 245 2.25 -6.28 -2.85
CA GLN C 245 0.87 -5.82 -2.87
C GLN C 245 -0.11 -6.93 -2.53
N GLU C 246 0.28 -8.19 -2.73
CA GLU C 246 -0.51 -9.34 -2.32
C GLU C 246 -0.36 -9.67 -0.84
N GLY C 247 0.51 -8.97 -0.12
CA GLY C 247 0.74 -9.26 1.28
C GLY C 247 1.89 -10.18 1.57
N MET C 248 2.76 -10.47 0.60
CA MET C 248 3.95 -11.25 0.90
C MET C 248 4.94 -10.44 1.70
N ILE C 249 5.74 -11.13 2.53
CA ILE C 249 6.90 -10.54 3.15
C ILE C 249 8.07 -10.75 2.20
N VAL C 250 8.48 -9.68 1.52
CA VAL C 250 9.41 -9.75 0.41
C VAL C 250 10.79 -9.30 0.87
N LYS C 251 11.79 -10.15 0.64
CA LYS C 251 13.20 -9.80 0.78
C LYS C 251 13.82 -9.71 -0.62
N VAL C 252 14.78 -8.81 -0.78
CA VAL C 252 15.38 -8.52 -2.08
C VAL C 252 16.88 -8.74 -2.01
N ALA C 253 17.43 -9.37 -3.05
CA ALA C 253 18.87 -9.52 -3.20
C ALA C 253 19.35 -8.73 -4.40
N GLU C 254 20.56 -8.17 -4.28
CA GLU C 254 21.12 -7.35 -5.35
C GLU C 254 22.64 -7.38 -5.27
N VAL C 255 23.28 -7.18 -6.42
CA VAL C 255 24.70 -6.87 -6.47
C VAL C 255 24.96 -5.39 -6.73
N ASP C 256 23.94 -4.63 -7.15
CA ASP C 256 24.09 -3.22 -7.42
C ASP C 256 23.66 -2.46 -6.18
N PRO C 257 24.57 -1.77 -5.48
CA PRO C 257 24.17 -1.09 -4.24
C PRO C 257 23.16 0.02 -4.44
N ILE C 258 23.13 0.65 -5.62
CA ILE C 258 22.14 1.70 -5.85
C ILE C 258 20.74 1.11 -5.90
N CYS C 259 20.57 0.03 -6.68
CA CYS C 259 19.29 -0.67 -6.68
C CYS C 259 18.95 -1.20 -5.29
N ALA C 260 19.97 -1.68 -4.56
CA ALA C 260 19.74 -2.14 -3.19
C ALA C 260 19.25 -1.01 -2.29
N MET C 261 19.80 0.19 -2.47
N MET C 261 19.81 0.20 -2.47
CA MET C 261 19.34 1.35 -1.72
CA MET C 261 19.34 1.35 -1.72
C MET C 261 17.88 1.64 -2.00
C MET C 261 17.87 1.62 -2.00
N GLN C 262 17.48 1.55 -3.28
CA GLN C 262 16.09 1.76 -3.63
C GLN C 262 15.19 0.72 -2.94
N ALA C 263 15.64 -0.54 -2.90
CA ALA C 263 14.83 -1.57 -2.25
C ALA C 263 14.63 -1.27 -0.77
N CYS C 264 15.69 -0.86 -0.08
CA CYS C 264 15.56 -0.45 1.31
C CYS C 264 14.54 0.66 1.45
N MET C 265 14.69 1.74 0.68
CA MET C 265 13.76 2.86 0.77
C MET C 265 12.34 2.45 0.39
N ASP C 266 12.19 1.50 -0.53
CA ASP C 266 10.87 1.01 -0.90
C ASP C 266 10.25 0.11 0.17
N GLY C 267 10.92 -0.12 1.29
CA GLY C 267 10.32 -0.89 2.36
C GLY C 267 10.65 -2.36 2.37
N PHE C 268 11.74 -2.78 1.73
CA PHE C 268 12.14 -4.18 1.69
C PHE C 268 13.45 -4.39 2.45
N GLU C 269 13.55 -5.57 3.04
CA GLU C 269 14.80 -6.00 3.65
C GLU C 269 15.70 -6.57 2.56
N VAL C 270 16.96 -6.14 2.54
CA VAL C 270 17.93 -6.55 1.52
C VAL C 270 18.83 -7.62 2.12
N VAL C 271 18.83 -8.81 1.52
CA VAL C 271 19.56 -9.95 2.03
C VAL C 271 20.32 -10.59 0.89
N SER C 272 21.30 -11.42 1.26
CA SER C 272 22.03 -12.22 0.30
C SER C 272 21.82 -13.69 0.57
N PRO C 273 21.69 -14.52 -0.47
CA PRO C 273 21.66 -15.98 -0.24
C PRO C 273 22.93 -16.51 0.39
N TYR C 274 24.02 -15.75 0.34
CA TYR C 274 25.32 -16.17 0.83
C TYR C 274 25.73 -15.34 2.04
N LYS C 275 26.42 -15.99 2.97
CA LYS C 275 26.92 -15.32 4.16
C LYS C 275 27.87 -14.20 3.77
N ASN C 276 27.57 -12.99 4.25
CA ASN C 276 28.29 -11.77 3.90
C ASN C 276 28.29 -11.50 2.40
N GLY C 277 27.35 -12.09 1.67
CA GLY C 277 27.26 -11.88 0.25
C GLY C 277 28.34 -12.53 -0.58
N ILE C 278 29.19 -13.37 0.01
CA ILE C 278 30.34 -13.96 -0.67
C ILE C 278 29.95 -15.35 -1.15
N ASN C 279 29.90 -15.52 -2.47
CA ASN C 279 29.52 -16.78 -3.12
C ASN C 279 30.81 -17.48 -3.55
N ASP C 280 31.33 -18.35 -2.68
CA ASP C 280 32.60 -19.04 -2.92
C ASP C 280 32.42 -20.47 -3.43
N GLY C 281 31.20 -20.85 -3.82
CA GLY C 281 30.96 -22.14 -4.42
C GLY C 281 30.70 -23.28 -3.44
N THR C 282 30.79 -23.04 -2.15
CA THR C 282 30.64 -24.08 -1.15
C THR C 282 29.24 -24.05 -0.54
N GLU C 283 28.80 -25.21 -0.04
CA GLU C 283 27.55 -25.24 0.71
C GLU C 283 27.65 -24.43 2.00
N ALA C 284 28.85 -24.35 2.58
CA ALA C 284 29.02 -23.59 3.82
C ALA C 284 28.68 -22.12 3.64
N SER C 285 28.84 -21.58 2.42
CA SER C 285 28.56 -20.18 2.18
C SER C 285 27.07 -19.87 2.15
N ILE C 286 26.22 -20.88 1.97
CA ILE C 286 24.79 -20.65 1.91
C ILE C 286 24.27 -20.25 3.29
N ASP C 287 23.45 -19.20 3.33
CA ASP C 287 22.69 -18.85 4.54
C ASP C 287 21.49 -19.78 4.59
N ALA C 288 21.69 -20.95 5.22
CA ALA C 288 20.64 -21.96 5.25
C ALA C 288 19.47 -21.52 6.13
N ALA C 289 19.73 -20.72 7.16
CA ALA C 289 18.63 -20.22 7.99
C ALA C 289 17.70 -19.33 7.17
N LEU C 290 18.27 -18.44 6.35
CA LEU C 290 17.44 -17.60 5.48
C LEU C 290 16.67 -18.43 4.47
N LEU C 291 17.37 -19.29 3.72
CA LEU C 291 16.72 -20.01 2.64
C LEU C 291 15.72 -21.03 3.16
N GLY C 292 15.93 -21.56 4.36
CA GLY C 292 14.98 -22.48 4.97
C GLY C 292 13.66 -21.87 5.37
N LYS C 293 13.52 -20.54 5.21
CA LYS C 293 12.29 -19.83 5.56
C LYS C 293 11.57 -19.27 4.35
N ILE C 294 12.11 -19.45 3.14
CA ILE C 294 11.58 -18.80 1.94
C ILE C 294 10.56 -19.72 1.28
N ASP C 295 9.36 -19.18 1.02
CA ASP C 295 8.29 -19.91 0.36
C ASP C 295 8.28 -19.74 -1.15
N LEU C 296 8.97 -18.72 -1.65
CA LEU C 296 8.92 -18.38 -3.07
C LEU C 296 10.19 -17.62 -3.44
N ILE C 297 10.86 -18.06 -4.50
CA ILE C 297 12.01 -17.36 -5.03
C ILE C 297 11.73 -17.02 -6.49
N VAL C 298 12.07 -15.78 -6.87
CA VAL C 298 11.85 -15.26 -8.22
C VAL C 298 13.16 -14.63 -8.68
N THR C 299 13.68 -15.11 -9.80
CA THR C 299 14.89 -14.53 -10.38
C THR C 299 14.51 -13.52 -11.45
N THR C 300 15.20 -12.36 -11.44
CA THR C 300 14.86 -11.26 -12.33
C THR C 300 16.09 -10.58 -12.92
N THR C 301 17.24 -11.26 -12.98
CA THR C 301 18.52 -10.58 -13.16
C THR C 301 18.98 -10.50 -14.60
N GLY C 302 18.64 -11.47 -15.44
CA GLY C 302 19.33 -11.59 -16.70
C GLY C 302 20.75 -12.08 -16.57
N ASN C 303 21.14 -12.55 -15.40
CA ASN C 303 22.44 -13.13 -15.14
C ASN C 303 22.32 -14.66 -15.11
N VAL C 304 23.44 -15.34 -14.86
CA VAL C 304 23.48 -16.79 -14.89
C VAL C 304 23.61 -17.32 -13.46
N ASN C 305 22.83 -18.35 -13.14
CA ASN C 305 23.02 -19.15 -11.93
C ASN C 305 22.90 -18.30 -10.66
N VAL C 306 21.86 -17.45 -10.63
CA VAL C 306 21.61 -16.64 -9.44
C VAL C 306 20.74 -17.36 -8.42
N CYS C 307 20.08 -18.46 -8.81
CA CYS C 307 19.46 -19.41 -7.89
C CYS C 307 20.16 -20.73 -8.15
N ASP C 308 21.27 -20.97 -7.44
CA ASP C 308 22.17 -22.06 -7.83
C ASP C 308 21.79 -23.37 -7.12
N ALA C 309 22.58 -24.41 -7.39
CA ALA C 309 22.29 -25.73 -6.86
C ALA C 309 22.30 -25.75 -5.34
N ASN C 310 23.28 -25.09 -4.71
CA ASN C 310 23.35 -25.11 -3.26
C ASN C 310 22.17 -24.35 -2.65
N MET C 311 21.69 -23.30 -3.32
CA MET C 311 20.49 -22.61 -2.85
C MET C 311 19.26 -23.50 -2.94
N LEU C 312 19.12 -24.24 -4.05
CA LEU C 312 17.96 -25.11 -4.22
C LEU C 312 17.92 -26.22 -3.19
N LYS C 313 19.09 -26.70 -2.76
CA LYS C 313 19.15 -27.75 -1.75
C LYS C 313 18.75 -27.22 -0.38
N ALA C 314 18.98 -25.93 -0.12
CA ALA C 314 18.71 -25.35 1.18
C ALA C 314 17.31 -24.76 1.30
N LEU C 315 16.58 -24.65 0.19
CA LEU C 315 15.28 -24.00 0.21
C LEU C 315 14.30 -24.74 1.09
N LYS C 316 13.39 -23.97 1.69
CA LYS C 316 12.29 -24.54 2.47
C LYS C 316 11.51 -25.55 1.64
N LYS C 317 11.13 -26.66 2.28
CA LYS C 317 10.31 -27.66 1.62
C LYS C 317 9.05 -27.01 1.04
N ARG C 318 8.71 -27.42 -0.18
CA ARG C 318 7.50 -27.01 -0.90
C ARG C 318 7.53 -25.57 -1.34
N ALA C 319 8.71 -24.96 -1.39
CA ALA C 319 8.84 -23.61 -1.94
C ALA C 319 8.61 -23.62 -3.45
N VAL C 320 8.14 -22.49 -3.96
CA VAL C 320 7.94 -22.28 -5.38
C VAL C 320 9.17 -21.57 -5.94
N VAL C 321 9.64 -22.03 -7.10
CA VAL C 321 10.81 -21.48 -7.77
C VAL C 321 10.39 -21.09 -9.19
N CYS C 322 10.67 -19.84 -9.57
CA CYS C 322 10.36 -19.39 -10.91
C CYS C 322 11.33 -18.30 -11.34
N ASN C 323 11.35 -18.06 -12.65
CA ASN C 323 12.25 -17.12 -13.30
C ASN C 323 11.43 -16.25 -14.24
N ILE C 324 11.60 -14.94 -14.11
CA ILE C 324 10.95 -14.01 -15.02
C ILE C 324 11.97 -13.21 -15.85
N GLY C 325 13.25 -13.56 -15.73
CA GLY C 325 14.25 -13.09 -16.67
C GLY C 325 14.10 -13.78 -18.02
N HIS C 326 14.95 -13.40 -18.95
CA HIS C 326 14.74 -13.83 -20.34
C HIS C 326 15.13 -15.29 -20.57
N PHE C 327 16.21 -15.75 -19.95
CA PHE C 327 16.73 -17.09 -20.21
C PHE C 327 16.61 -17.95 -18.96
N ASP C 328 16.46 -19.26 -19.19
CA ASP C 328 16.15 -20.21 -18.13
C ASP C 328 17.38 -20.68 -17.37
N ASN C 329 18.53 -20.07 -17.58
CA ASN C 329 19.73 -20.41 -16.83
C ASN C 329 19.92 -19.55 -15.59
N GLU C 330 18.94 -18.71 -15.24
CA GLU C 330 19.01 -17.98 -13.97
C GLU C 330 18.89 -18.97 -12.81
N ILE C 331 18.06 -20.00 -12.95
CA ILE C 331 17.96 -21.10 -12.01
C ILE C 331 18.79 -22.25 -12.57
N ASP C 332 19.49 -22.97 -11.70
CA ASP C 332 20.25 -24.13 -12.14
C ASP C 332 19.29 -25.31 -12.33
N THR C 333 18.51 -25.22 -13.40
CA THR C 333 17.57 -26.30 -13.71
C THR C 333 18.28 -27.55 -14.21
N ALA C 334 19.49 -27.40 -14.77
CA ALA C 334 20.25 -28.57 -15.21
C ALA C 334 20.64 -29.45 -14.03
N PHE C 335 21.05 -28.83 -12.92
CA PHE C 335 21.33 -29.60 -11.71
C PHE C 335 20.09 -30.39 -11.26
N MET C 336 18.92 -29.77 -11.34
CA MET C 336 17.70 -30.44 -10.92
C MET C 336 17.32 -31.56 -11.87
N ARG C 337 17.52 -31.36 -13.18
CA ARG C 337 17.28 -32.45 -14.12
C ARG C 337 18.23 -33.60 -13.87
N LYS C 338 19.45 -33.31 -13.44
CA LYS C 338 20.46 -34.35 -13.27
C LYS C 338 20.25 -35.16 -12.00
N ASN C 339 19.70 -34.56 -10.95
CA ASN C 339 19.73 -35.16 -9.62
C ASN C 339 18.37 -35.46 -9.01
N TRP C 340 17.30 -34.80 -9.45
CA TRP C 340 16.00 -34.91 -8.78
C TRP C 340 14.93 -35.39 -9.76
N ALA C 341 13.89 -35.99 -9.19
CA ALA C 341 12.81 -36.57 -9.98
C ALA C 341 11.69 -35.56 -10.19
N TRP C 342 11.27 -35.38 -11.44
CA TRP C 342 10.26 -34.41 -11.80
C TRP C 342 8.89 -35.09 -11.90
N GLU C 343 7.91 -34.53 -11.22
CA GLU C 343 6.52 -34.98 -11.29
C GLU C 343 5.69 -33.83 -11.85
N GLU C 344 5.13 -34.04 -13.05
CA GLU C 344 4.30 -33.00 -13.65
C GLU C 344 2.96 -32.92 -12.92
N VAL C 345 2.66 -31.75 -12.34
CA VAL C 345 1.31 -31.52 -11.81
C VAL C 345 0.35 -31.27 -12.95
N LYS C 346 0.71 -30.34 -13.82
CA LYS C 346 0.00 -29.98 -15.03
C LYS C 346 1.00 -29.27 -15.93
N PRO C 347 0.63 -28.95 -17.17
CA PRO C 347 1.60 -28.27 -18.05
C PRO C 347 2.21 -27.03 -17.39
N GLN C 348 3.53 -26.94 -17.47
CA GLN C 348 4.33 -25.83 -16.95
C GLN C 348 4.33 -25.76 -15.42
N VAL C 349 3.99 -26.85 -14.75
CA VAL C 349 4.05 -26.95 -13.29
C VAL C 349 4.60 -28.31 -12.93
N HIS C 350 5.77 -28.35 -12.28
CA HIS C 350 6.43 -29.60 -11.92
C HIS C 350 6.81 -29.57 -10.45
N LYS C 351 6.46 -30.64 -9.74
CA LYS C 351 7.03 -30.90 -8.42
C LYS C 351 8.38 -31.58 -8.61
N ILE C 352 9.42 -31.05 -7.97
CA ILE C 352 10.77 -31.55 -8.12
C ILE C 352 11.16 -32.20 -6.79
N HIS C 353 11.21 -33.53 -6.78
CA HIS C 353 11.39 -34.30 -5.56
C HIS C 353 12.89 -34.43 -5.23
N ARG C 354 13.28 -33.83 -4.11
CA ARG C 354 14.67 -33.81 -3.68
C ARG C 354 15.10 -35.09 -2.98
N THR C 355 14.26 -36.13 -3.03
CA THR C 355 14.59 -37.41 -2.42
C THR C 355 15.49 -38.27 -3.29
N GLY C 356 15.60 -37.97 -4.56
CA GLY C 356 16.42 -38.76 -5.46
C GLY C 356 16.04 -38.52 -6.90
N LYS C 357 16.71 -39.27 -7.78
CA LYS C 357 16.61 -39.09 -9.22
C LYS C 357 15.63 -40.05 -9.87
N ASP C 358 15.67 -41.33 -9.51
CA ASP C 358 14.85 -42.36 -10.13
C ASP C 358 13.61 -42.61 -9.27
N GLY C 359 12.47 -42.11 -9.72
CA GLY C 359 11.22 -42.32 -9.01
C GLY C 359 11.06 -41.41 -7.82
N PHE C 360 9.83 -41.40 -7.30
CA PHE C 360 9.49 -40.55 -6.17
C PHE C 360 8.28 -41.16 -5.46
N ASP C 361 8.14 -40.82 -4.18
CA ASP C 361 6.93 -41.14 -3.45
C ASP C 361 5.86 -40.09 -3.73
N ALA C 362 4.69 -40.53 -4.19
CA ALA C 362 3.63 -39.60 -4.54
C ALA C 362 3.22 -38.70 -3.37
N HIS C 363 3.52 -39.11 -2.14
CA HIS C 363 3.18 -38.33 -0.96
C HIS C 363 4.42 -37.75 -0.28
N ASN C 364 5.56 -37.77 -0.95
CA ASN C 364 6.76 -37.15 -0.41
C ASN C 364 6.50 -35.67 -0.14
N ASP C 365 6.97 -35.20 1.02
CA ASP C 365 6.81 -33.80 1.39
C ASP C 365 8.02 -32.94 1.04
N ASP C 366 9.13 -33.55 0.63
CA ASP C 366 10.37 -32.82 0.35
C ASP C 366 10.48 -32.59 -1.16
N TYR C 367 9.76 -31.58 -1.64
CA TYR C 367 9.81 -31.20 -3.05
C TYR C 367 9.78 -29.69 -3.17
N LEU C 368 10.17 -29.22 -4.35
CA LEU C 368 9.99 -27.83 -4.76
C LEU C 368 9.03 -27.80 -5.94
N ILE C 369 8.35 -26.69 -6.13
CA ILE C 369 7.47 -26.50 -7.29
C ILE C 369 8.15 -25.54 -8.25
N LEU C 370 8.49 -26.02 -9.43
CA LEU C 370 9.11 -25.22 -10.48
C LEU C 370 8.05 -24.85 -11.50
N LEU C 371 8.00 -23.58 -11.87
CA LEU C 371 7.04 -23.08 -12.84
C LEU C 371 7.71 -22.90 -14.21
N ALA C 372 7.03 -23.37 -15.25
CA ALA C 372 7.45 -23.17 -16.64
C ALA C 372 8.85 -23.71 -16.92
N GLU C 373 9.28 -24.69 -16.12
CA GLU C 373 10.61 -25.29 -16.28
C GLU C 373 11.70 -24.23 -16.27
N GLY C 374 11.53 -23.20 -15.45
CA GLY C 374 12.51 -22.14 -15.33
C GLY C 374 12.47 -21.09 -16.43
N ARG C 375 11.56 -21.20 -17.38
CA ARG C 375 11.39 -20.20 -18.44
C ARG C 375 10.53 -19.05 -17.93
N LEU C 376 10.48 -17.97 -18.73
CA LEU C 376 9.72 -16.76 -18.39
C LEU C 376 8.36 -17.08 -17.81
N VAL C 377 8.20 -16.88 -16.49
CA VAL C 377 7.02 -17.42 -15.83
C VAL C 377 5.76 -16.66 -16.21
N ASN C 378 5.86 -15.36 -16.48
CA ASN C 378 4.64 -14.61 -16.76
C ASN C 378 4.03 -15.06 -18.08
N LEU C 379 4.87 -15.33 -19.09
CA LEU C 379 4.35 -15.83 -20.36
C LEU C 379 4.10 -17.33 -20.33
N GLY C 380 4.83 -18.08 -19.52
CA GLY C 380 4.70 -19.52 -19.47
C GLY C 380 3.47 -20.03 -18.74
N ASN C 381 3.15 -19.40 -17.61
CA ASN C 381 2.03 -19.82 -16.77
C ASN C 381 0.86 -18.87 -16.82
N ALA C 382 0.98 -17.74 -17.52
CA ALA C 382 -0.17 -16.86 -17.74
C ALA C 382 -0.13 -16.33 -19.16
N THR C 383 -0.38 -15.04 -19.35
CA THR C 383 -0.41 -14.45 -20.69
C THR C 383 0.55 -13.27 -20.82
N GLY C 384 1.55 -13.18 -19.95
CA GLY C 384 2.48 -12.08 -19.98
C GLY C 384 1.80 -10.75 -19.70
N HIS C 385 2.39 -9.69 -20.25
CA HIS C 385 1.94 -8.33 -19.97
C HIS C 385 0.58 -8.05 -20.61
N PRO C 386 -0.23 -7.18 -19.99
CA PRO C 386 -1.52 -6.83 -20.58
C PRO C 386 -1.37 -5.89 -21.77
N SER C 387 -2.42 -5.87 -22.61
CA SER C 387 -2.39 -5.10 -23.85
C SER C 387 -2.08 -3.63 -23.61
N ARG C 388 -2.70 -3.02 -22.60
CA ARG C 388 -2.49 -1.60 -22.37
C ARG C 388 -1.05 -1.28 -22.00
N ILE C 389 -0.32 -2.24 -21.44
CA ILE C 389 1.10 -2.03 -21.16
C ILE C 389 1.93 -2.29 -22.42
N MET C 390 1.67 -3.40 -23.11
CA MET C 390 2.42 -3.72 -24.32
C MET C 390 2.22 -2.66 -25.40
N ASP C 391 1.11 -1.91 -25.32
CA ASP C 391 0.87 -0.79 -26.23
C ASP C 391 2.07 0.16 -26.29
N GLY C 392 2.68 0.45 -25.13
CA GLY C 392 3.82 1.36 -25.13
C GLY C 392 5.02 0.79 -25.85
N SER C 393 5.41 -0.44 -25.50
CA SER C 393 6.56 -1.08 -26.15
C SER C 393 6.36 -1.18 -27.65
N PHE C 394 5.16 -1.59 -28.07
CA PHE C 394 4.94 -1.91 -29.48
C PHE C 394 4.72 -0.66 -30.34
N ALA C 395 4.25 0.44 -29.75
CA ALA C 395 4.23 1.70 -30.50
C ALA C 395 5.65 2.16 -30.79
N ASN C 396 6.55 2.01 -29.82
CA ASN C 396 7.96 2.30 -30.05
C ASN C 396 8.52 1.42 -31.16
N GLN C 397 8.15 0.14 -31.17
CA GLN C 397 8.63 -0.80 -32.18
C GLN C 397 8.24 -0.36 -33.58
N VAL C 398 6.98 0.05 -33.76
CA VAL C 398 6.52 0.47 -35.08
C VAL C 398 7.29 1.71 -35.54
N LEU C 399 7.46 2.69 -34.65
CA LEU C 399 8.19 3.89 -35.00
C LEU C 399 9.63 3.59 -35.39
N ALA C 400 10.28 2.67 -34.67
CA ALA C 400 11.67 2.34 -34.97
C ALA C 400 11.78 1.63 -36.31
N GLN C 401 10.82 0.75 -36.62
CA GLN C 401 10.80 0.10 -37.94
C GLN C 401 10.61 1.14 -39.04
N ILE C 402 9.70 2.08 -38.85
CA ILE C 402 9.50 3.15 -39.83
C ILE C 402 10.81 3.92 -40.04
N HIS C 403 11.49 4.26 -38.94
CA HIS C 403 12.67 5.11 -39.04
C HIS C 403 13.81 4.39 -39.78
N LEU C 404 14.09 3.15 -39.39
CA LEU C 404 15.19 2.43 -40.03
C LEU C 404 14.88 2.09 -41.48
N PHE C 405 13.62 1.75 -41.78
CA PHE C 405 13.28 1.39 -43.15
C PHE C 405 13.39 2.60 -44.08
N GLU C 406 13.00 3.77 -43.60
CA GLU C 406 13.11 4.97 -44.43
C GLU C 406 14.55 5.44 -44.57
N GLN C 407 15.42 5.08 -43.62
CA GLN C 407 16.84 5.41 -43.73
C GLN C 407 17.51 4.65 -44.87
N LYS C 408 17.09 3.40 -45.11
CA LYS C 408 17.55 2.60 -46.24
C LYS C 408 19.07 2.38 -46.18
N TYR C 409 19.52 1.83 -45.04
CA TYR C 409 20.95 1.61 -44.82
C TYR C 409 21.55 0.69 -45.86
N ALA C 410 20.81 -0.34 -46.28
CA ALA C 410 21.36 -1.32 -47.22
C ALA C 410 21.64 -0.74 -48.59
N ASP C 411 21.08 0.44 -48.89
CA ASP C 411 21.28 1.08 -50.20
C ASP C 411 22.31 2.18 -50.17
N LEU C 412 23.05 2.35 -49.04
CA LEU C 412 24.01 3.43 -48.92
C LEU C 412 25.37 3.02 -49.44
N PRO C 413 26.17 3.97 -49.95
CA PRO C 413 27.55 3.66 -50.31
C PRO C 413 28.36 3.28 -49.08
N ALA C 414 29.39 2.45 -49.32
CA ALA C 414 30.13 1.81 -48.22
C ALA C 414 30.63 2.84 -47.19
N ALA C 415 31.12 3.99 -47.65
CA ALA C 415 31.61 5.00 -46.72
C ALA C 415 30.48 5.58 -45.88
N GLU C 416 29.30 5.72 -46.48
CA GLU C 416 28.16 6.23 -45.72
C GLU C 416 27.64 5.20 -44.72
N LYS C 417 27.88 3.91 -44.99
CA LYS C 417 27.46 2.85 -44.08
C LYS C 417 28.27 2.88 -42.79
N ALA C 418 29.58 3.11 -42.89
CA ALA C 418 30.44 3.08 -41.72
C ALA C 418 30.03 4.14 -40.69
N LYS C 419 29.50 5.27 -41.16
CA LYS C 419 29.02 6.31 -40.25
C LYS C 419 27.61 6.04 -39.74
N ARG C 420 26.90 5.08 -40.33
CA ARG C 420 25.52 4.78 -39.96
C ARG C 420 25.37 3.54 -39.09
N LEU C 421 26.44 2.77 -38.91
CA LEU C 421 26.38 1.52 -38.15
C LEU C 421 26.46 1.84 -36.67
N SER C 422 25.30 1.90 -36.01
CA SER C 422 25.26 2.20 -34.58
C SER C 422 24.00 1.62 -33.97
N VAL C 423 23.91 1.71 -32.64
CA VAL C 423 22.73 1.32 -31.88
C VAL C 423 22.20 2.60 -31.24
N GLU C 424 21.12 3.14 -31.78
CA GLU C 424 20.56 4.40 -31.32
C GLU C 424 19.21 4.18 -30.66
N VAL C 425 18.71 5.23 -30.02
CA VAL C 425 17.39 5.23 -29.42
C VAL C 425 16.52 6.23 -30.17
N LEU C 426 15.21 6.18 -29.91
CA LEU C 426 14.30 7.14 -30.50
C LEU C 426 14.40 8.48 -29.76
N PRO C 427 14.15 9.59 -30.45
CA PRO C 427 14.18 10.89 -29.77
C PRO C 427 13.11 11.00 -28.71
N LYS C 428 13.40 11.79 -27.68
CA LYS C 428 12.48 11.91 -26.53
C LYS C 428 11.11 12.41 -26.96
N LYS C 429 11.05 13.23 -28.02
CA LYS C 429 9.77 13.73 -28.50
C LYS C 429 8.82 12.59 -28.86
N LEU C 430 9.33 11.57 -29.56
CA LEU C 430 8.48 10.44 -29.91
C LEU C 430 8.10 9.63 -28.67
N ASP C 431 9.06 9.45 -27.76
CA ASP C 431 8.81 8.82 -26.48
C ASP C 431 7.64 9.51 -25.77
N GLU C 432 7.68 10.85 -25.74
CA GLU C 432 6.62 11.63 -25.11
C GLU C 432 5.30 11.49 -25.87
N GLU C 433 5.36 11.44 -27.20
CA GLU C 433 4.12 11.31 -27.96
C GLU C 433 3.45 9.96 -27.76
N VAL C 434 4.23 8.90 -27.56
CA VAL C 434 3.64 7.60 -27.20
C VAL C 434 3.00 7.68 -25.83
N ALA C 435 3.70 8.30 -24.86
CA ALA C 435 3.16 8.45 -23.52
C ALA C 435 1.83 9.21 -23.54
N LEU C 436 1.76 10.29 -24.32
CA LEU C 436 0.53 11.08 -24.36
C LEU C 436 -0.67 10.23 -24.78
N GLU C 437 -0.47 9.34 -25.75
CA GLU C 437 -1.58 8.49 -26.16
C GLU C 437 -1.95 7.49 -25.06
N MET C 438 -0.95 6.98 -24.33
CA MET C 438 -1.25 6.09 -23.21
C MET C 438 -2.03 6.81 -22.12
N VAL C 439 -1.63 8.05 -21.81
CA VAL C 439 -2.32 8.82 -20.77
C VAL C 439 -3.78 9.05 -21.17
N LYS C 440 -4.03 9.39 -22.43
CA LYS C 440 -5.41 9.58 -22.87
C LYS C 440 -6.21 8.29 -22.77
N GLY C 441 -5.55 7.14 -22.93
CA GLY C 441 -6.25 5.87 -22.78
C GLY C 441 -6.80 5.66 -21.38
N PHE C 442 -6.17 6.26 -20.37
CA PHE C 442 -6.69 6.24 -19.02
C PHE C 442 -7.73 7.31 -18.77
N GLY C 443 -7.99 8.19 -19.74
CA GLY C 443 -8.78 9.37 -19.49
C GLY C 443 -8.06 10.48 -18.79
N GLY C 444 -6.72 10.40 -18.69
CA GLY C 444 -5.97 11.47 -18.06
C GLY C 444 -5.84 12.69 -18.95
N VAL C 445 -5.73 13.86 -18.32
CA VAL C 445 -5.66 15.13 -19.02
C VAL C 445 -4.33 15.79 -18.67
N VAL C 446 -3.47 15.95 -19.67
CA VAL C 446 -2.17 16.60 -19.49
C VAL C 446 -2.35 18.11 -19.61
N THR C 447 -1.73 18.85 -18.69
CA THR C 447 -1.80 20.31 -18.72
C THR C 447 -0.81 20.87 -19.74
N GLN C 448 -1.19 21.98 -20.37
CA GLN C 448 -0.32 22.65 -21.31
C GLN C 448 0.34 23.86 -20.63
N LEU C 449 1.65 23.97 -20.78
CA LEU C 449 2.37 25.11 -20.23
C LEU C 449 1.94 26.41 -20.93
N THR C 450 1.92 27.50 -20.16
CA THR C 450 1.86 28.81 -20.76
C THR C 450 3.22 29.16 -21.36
N PRO C 451 3.26 30.11 -22.29
CA PRO C 451 4.58 30.56 -22.81
C PRO C 451 5.52 31.04 -21.72
N LYS C 452 5.01 31.79 -20.75
CA LYS C 452 5.87 32.26 -19.65
C LYS C 452 6.40 31.09 -18.84
N GLN C 453 5.56 30.09 -18.59
CA GLN C 453 6.00 28.92 -17.82
C GLN C 453 7.06 28.13 -18.58
N ALA C 454 6.87 27.94 -19.88
CA ALA C 454 7.86 27.22 -20.66
C ALA C 454 9.21 27.94 -20.66
N GLU C 455 9.19 29.27 -20.80
CA GLU C 455 10.43 30.04 -20.73
C GLU C 455 11.06 29.93 -19.35
N TYR C 456 10.23 29.92 -18.31
CA TYR C 456 10.75 29.91 -16.94
C TYR C 456 11.55 28.65 -16.65
N ILE C 457 11.08 27.49 -17.12
CA ILE C 457 11.81 26.25 -16.89
C ILE C 457 12.67 25.85 -18.09
N GLY C 458 12.74 26.69 -19.11
CA GLY C 458 13.64 26.48 -20.24
C GLY C 458 13.29 25.35 -21.18
N VAL C 459 12.01 25.16 -21.47
CA VAL C 459 11.56 24.15 -22.43
C VAL C 459 10.63 24.84 -23.44
N SER C 460 10.29 24.09 -24.48
CA SER C 460 9.25 24.49 -25.40
C SER C 460 7.90 24.01 -24.89
N VAL C 461 6.85 24.78 -25.21
CA VAL C 461 5.49 24.34 -24.88
C VAL C 461 5.20 22.99 -25.51
N GLU C 462 5.78 22.74 -26.69
CA GLU C 462 5.62 21.48 -27.40
C GLU C 462 6.42 20.34 -26.75
N GLY C 463 7.47 20.66 -26.01
CA GLY C 463 8.38 19.65 -25.50
C GLY C 463 9.53 19.44 -26.46
N PRO C 464 10.50 18.58 -26.11
CA PRO C 464 10.59 17.70 -24.94
C PRO C 464 10.74 18.45 -23.63
N PHE C 465 10.23 17.87 -22.55
CA PHE C 465 10.13 18.56 -21.28
C PHE C 465 11.28 18.22 -20.34
N LYS C 466 12.14 17.28 -20.70
CA LYS C 466 13.27 16.87 -19.88
C LYS C 466 14.52 16.76 -20.73
N PRO C 467 15.69 16.99 -20.15
CA PRO C 467 16.94 16.70 -20.87
C PRO C 467 17.12 15.21 -21.01
N ASP C 468 17.98 14.83 -21.96
CA ASP C 468 18.21 13.41 -22.21
C ASP C 468 18.84 12.70 -21.02
N THR C 469 19.39 13.43 -20.06
CA THR C 469 19.97 12.84 -18.86
C THR C 469 18.93 12.46 -17.82
N TYR C 470 17.68 12.91 -17.97
CA TYR C 470 16.67 12.72 -16.93
C TYR C 470 16.30 11.24 -16.79
N ARG C 471 16.18 10.78 -15.54
CA ARG C 471 15.96 9.37 -15.26
C ARG C 471 14.51 9.01 -14.95
N TYR C 472 13.63 10.00 -14.73
CA TYR C 472 12.23 9.74 -14.35
C TYR C 472 12.12 8.82 -13.14
N ALA D 11 -14.05 -49.93 -8.07
CA ALA D 11 -14.34 -51.18 -8.75
C ALA D 11 -15.84 -51.47 -8.73
N GLY D 12 -16.51 -51.16 -9.84
CA GLY D 12 -17.95 -51.27 -9.92
C GLY D 12 -18.71 -50.04 -9.46
N PHE D 13 -18.01 -48.98 -9.09
CA PHE D 13 -18.66 -47.78 -8.57
C PHE D 13 -19.21 -46.95 -9.71
N THR D 14 -20.52 -46.69 -9.68
CA THR D 14 -21.18 -45.86 -10.70
C THR D 14 -22.04 -44.75 -10.11
N ASP D 15 -22.06 -44.60 -8.78
CA ASP D 15 -22.97 -43.68 -8.10
C ASP D 15 -22.40 -42.26 -8.10
N TYR D 16 -22.25 -41.70 -9.31
CA TYR D 16 -21.72 -40.35 -9.46
C TYR D 16 -22.07 -39.83 -10.86
N LYS D 17 -21.78 -38.55 -11.08
CA LYS D 17 -21.90 -37.97 -12.42
C LYS D 17 -20.97 -36.77 -12.48
N VAL D 18 -19.88 -36.89 -13.25
CA VAL D 18 -18.92 -35.82 -13.42
C VAL D 18 -18.64 -35.64 -14.91
N ALA D 19 -17.94 -34.56 -15.23
CA ALA D 19 -17.69 -34.22 -16.63
C ALA D 19 -16.74 -35.21 -17.30
N ASP D 20 -15.74 -35.70 -16.56
CA ASP D 20 -14.67 -36.50 -17.14
C ASP D 20 -13.87 -37.19 -16.05
N ILE D 21 -14.15 -38.48 -15.83
CA ILE D 21 -13.50 -39.23 -14.77
C ILE D 21 -12.01 -39.38 -15.00
N THR D 22 -11.56 -39.28 -16.26
CA THR D 22 -10.14 -39.45 -16.55
C THR D 22 -9.29 -38.29 -16.00
N LEU D 23 -9.92 -37.23 -15.50
CA LEU D 23 -9.20 -36.13 -14.86
C LEU D 23 -8.83 -36.43 -13.42
N ALA D 24 -9.08 -37.65 -12.95
CA ALA D 24 -8.97 -37.94 -11.52
C ALA D 24 -7.52 -37.89 -11.04
N ALA D 25 -6.58 -38.40 -11.84
CA ALA D 25 -5.19 -38.40 -11.41
C ALA D 25 -4.66 -36.98 -11.25
N TRP D 26 -5.03 -36.10 -12.17
CA TRP D 26 -4.68 -34.68 -12.07
C TRP D 26 -5.26 -34.07 -10.80
N GLY D 27 -6.54 -34.36 -10.52
CA GLY D 27 -7.15 -33.83 -9.32
C GLY D 27 -6.49 -34.36 -8.06
N ARG D 28 -6.15 -35.65 -8.04
CA ARG D 28 -5.47 -36.23 -6.89
C ARG D 28 -4.11 -35.56 -6.66
N ARG D 29 -3.41 -35.19 -7.73
CA ARG D 29 -2.15 -34.48 -7.56
C ARG D 29 -2.38 -33.13 -6.90
N GLU D 30 -3.45 -32.43 -7.28
CA GLU D 30 -3.73 -31.13 -6.69
C GLU D 30 -4.27 -31.27 -5.27
N LEU D 31 -5.02 -32.34 -4.99
CA LEU D 31 -5.46 -32.59 -3.62
C LEU D 31 -4.28 -32.78 -2.69
N ILE D 32 -3.25 -33.49 -3.15
CA ILE D 32 -2.07 -33.75 -2.32
C ILE D 32 -1.33 -32.45 -2.04
N ILE D 33 -1.23 -31.56 -3.03
CA ILE D 33 -0.67 -30.24 -2.80
C ILE D 33 -1.55 -29.45 -1.83
N ALA D 34 -2.86 -29.48 -2.02
CA ALA D 34 -3.76 -28.71 -1.19
C ALA D 34 -3.69 -29.14 0.27
N GLU D 35 -3.54 -30.44 0.52
CA GLU D 35 -3.38 -30.92 1.89
C GLU D 35 -2.20 -30.24 2.58
N SER D 36 -1.10 -30.01 1.85
CA SER D 36 0.03 -29.32 2.46
C SER D 36 -0.27 -27.86 2.75
N GLU D 37 -1.30 -27.29 2.12
CA GLU D 37 -1.69 -25.90 2.32
C GLU D 37 -2.82 -25.73 3.34
N MET D 38 -3.32 -26.82 3.93
CA MET D 38 -4.48 -26.77 4.81
C MET D 38 -4.14 -27.42 6.14
N PRO D 39 -3.28 -26.78 6.95
CA PRO D 39 -2.84 -27.43 8.20
C PRO D 39 -3.93 -27.58 9.25
N ALA D 40 -4.89 -26.66 9.32
CA ALA D 40 -5.96 -26.80 10.30
C ALA D 40 -6.86 -27.98 9.97
N LEU D 41 -7.24 -28.11 8.70
CA LEU D 41 -8.05 -29.23 8.26
C LEU D 41 -7.31 -30.56 8.43
N MET D 42 -6.07 -30.60 7.96
N MET D 42 -6.05 -30.60 7.99
CA MET D 42 -5.22 -31.78 8.15
CA MET D 42 -5.27 -31.83 8.15
C MET D 42 -5.05 -32.11 9.63
C MET D 42 -4.96 -32.11 9.61
N GLY D 43 -4.89 -31.07 10.45
CA GLY D 43 -4.72 -31.29 11.88
C GLY D 43 -5.92 -31.96 12.50
N LEU D 44 -7.13 -31.59 12.05
CA LEU D 44 -8.33 -32.26 12.54
C LEU D 44 -8.37 -33.72 12.11
N ARG D 45 -7.89 -34.02 10.90
CA ARG D 45 -7.79 -35.40 10.44
C ARG D 45 -6.93 -36.22 11.38
N ARG D 46 -5.73 -35.74 11.70
CA ARG D 46 -4.84 -36.48 12.58
C ARG D 46 -5.38 -36.55 14.00
N LYS D 47 -6.07 -35.50 14.46
CA LYS D 47 -6.51 -35.48 15.85
C LYS D 47 -7.69 -36.42 16.09
N TYR D 48 -8.61 -36.52 15.12
CA TYR D 48 -9.85 -37.25 15.31
C TYR D 48 -9.94 -38.56 14.55
N ALA D 49 -8.89 -38.96 13.82
CA ALA D 49 -8.96 -40.17 13.00
C ALA D 49 -9.24 -41.39 13.86
N GLY D 50 -8.54 -41.52 14.99
CA GLY D 50 -8.76 -42.68 15.84
C GLY D 50 -10.10 -42.66 16.52
N GLN D 51 -10.58 -41.48 16.92
CA GLN D 51 -11.85 -41.37 17.62
C GLN D 51 -13.03 -41.65 16.70
N GLN D 52 -12.89 -41.39 15.41
CA GLN D 52 -13.97 -41.54 14.44
C GLN D 52 -15.24 -40.82 14.91
N PRO D 53 -15.17 -39.52 15.19
CA PRO D 53 -16.36 -38.84 15.76
C PRO D 53 -17.53 -38.76 14.80
N LEU D 54 -17.30 -38.90 13.50
CA LEU D 54 -18.39 -38.89 12.51
C LEU D 54 -18.81 -40.28 12.08
N LYS D 55 -18.39 -41.32 12.79
CA LYS D 55 -18.85 -42.67 12.47
C LYS D 55 -20.36 -42.75 12.62
N GLY D 56 -21.05 -43.13 11.53
CA GLY D 56 -22.48 -43.12 11.50
C GLY D 56 -23.11 -41.87 10.92
N ALA D 57 -22.32 -40.81 10.72
CA ALA D 57 -22.85 -39.62 10.07
C ALA D 57 -23.07 -39.87 8.58
N LYS D 58 -24.18 -39.35 8.08
CA LYS D 58 -24.53 -39.46 6.66
C LYS D 58 -24.87 -38.05 6.18
N ILE D 59 -23.91 -37.41 5.51
CA ILE D 59 -23.96 -35.96 5.27
C ILE D 59 -24.37 -35.70 3.84
N LEU D 60 -25.44 -34.92 3.69
CA LEU D 60 -25.76 -34.28 2.42
C LEU D 60 -24.97 -32.98 2.32
N GLY D 61 -24.10 -32.89 1.32
N GLY D 61 -24.12 -32.87 1.31
CA GLY D 61 -23.27 -31.72 1.14
CA GLY D 61 -23.25 -31.71 1.13
C GLY D 61 -23.56 -30.99 -0.15
C GLY D 61 -23.58 -31.00 -0.16
N CYS D 62 -23.69 -29.66 -0.07
CA CYS D 62 -23.93 -28.83 -1.23
C CYS D 62 -23.04 -27.59 -1.14
N ILE D 63 -21.88 -27.64 -1.80
CA ILE D 63 -20.94 -26.51 -1.82
C ILE D 63 -19.99 -26.72 -2.99
N HIS D 64 -19.55 -25.61 -3.60
CA HIS D 64 -18.63 -25.57 -4.73
C HIS D 64 -17.66 -26.75 -4.77
N MET D 65 -17.75 -27.59 -5.80
CA MET D 65 -16.96 -28.81 -5.88
C MET D 65 -15.56 -28.48 -6.42
N THR D 66 -14.79 -27.79 -5.58
CA THR D 66 -13.42 -27.39 -5.84
C THR D 66 -12.43 -28.37 -5.20
N ILE D 67 -11.15 -28.16 -5.51
CA ILE D 67 -10.08 -28.90 -4.85
C ILE D 67 -10.16 -28.73 -3.33
N GLN D 68 -10.44 -27.50 -2.88
CA GLN D 68 -10.53 -27.24 -1.45
C GLN D 68 -11.68 -28.01 -0.82
N THR D 69 -12.83 -28.05 -1.50
CA THR D 69 -13.94 -28.86 -1.02
C THR D 69 -13.58 -30.34 -1.02
N GLY D 70 -12.74 -30.77 -1.95
CA GLY D 70 -12.29 -32.16 -1.95
C GLY D 70 -11.56 -32.53 -0.68
N VAL D 71 -10.73 -31.62 -0.16
CA VAL D 71 -10.01 -31.90 1.09
C VAL D 71 -10.99 -31.92 2.26
N LEU D 72 -12.01 -31.06 2.23
CA LEU D 72 -13.06 -31.10 3.24
C LEU D 72 -13.80 -32.44 3.20
N ILE D 73 -14.24 -32.86 2.01
CA ILE D 73 -14.99 -34.11 1.88
C ILE D 73 -14.18 -35.28 2.43
N GLU D 74 -12.91 -35.39 2.03
CA GLU D 74 -12.11 -36.51 2.49
C GLU D 74 -11.76 -36.41 3.97
N THR D 75 -11.75 -35.21 4.55
CA THR D 75 -11.60 -35.08 6.00
C THR D 75 -12.81 -35.65 6.71
N LEU D 76 -14.01 -35.29 6.24
CA LEU D 76 -15.23 -35.84 6.83
C LEU D 76 -15.26 -37.36 6.71
N VAL D 77 -14.88 -37.88 5.54
CA VAL D 77 -14.85 -39.34 5.35
C VAL D 77 -13.81 -39.98 6.24
N ALA D 78 -12.64 -39.33 6.41
CA ALA D 78 -11.61 -39.90 7.26
C ALA D 78 -12.06 -39.98 8.71
N LEU D 79 -12.95 -39.09 9.14
CA LEU D 79 -13.45 -39.09 10.50
C LEU D 79 -14.66 -40.02 10.69
N GLY D 80 -15.06 -40.74 9.65
CA GLY D 80 -16.09 -41.76 9.76
C GLY D 80 -17.34 -41.53 8.94
N ALA D 81 -17.54 -40.35 8.37
CA ALA D 81 -18.83 -40.05 7.74
C ALA D 81 -18.95 -40.70 6.36
N GLU D 82 -20.18 -40.84 5.91
CA GLU D 82 -20.51 -41.05 4.50
C GLU D 82 -21.18 -39.78 3.98
N VAL D 83 -20.97 -39.48 2.70
CA VAL D 83 -21.50 -38.25 2.12
C VAL D 83 -22.07 -38.54 0.74
N ARG D 84 -22.95 -37.62 0.31
CA ARG D 84 -23.38 -37.48 -1.08
C ARG D 84 -23.32 -36.00 -1.40
N TRP D 85 -22.60 -35.64 -2.46
CA TRP D 85 -22.17 -34.26 -2.67
C TRP D 85 -22.68 -33.68 -3.98
N SER D 86 -22.88 -32.36 -3.96
CA SER D 86 -23.17 -31.58 -5.16
C SER D 86 -22.59 -30.18 -4.97
N SER D 87 -22.49 -29.46 -6.07
CA SER D 87 -22.04 -28.07 -6.00
C SER D 87 -23.23 -27.16 -5.75
N CYS D 88 -22.95 -25.98 -5.19
CA CYS D 88 -23.98 -24.97 -4.95
C CYS D 88 -23.95 -23.85 -5.99
N ASN D 89 -23.24 -24.05 -7.11
CA ASN D 89 -23.22 -23.08 -8.19
C ASN D 89 -22.89 -23.81 -9.49
N ILE D 90 -23.48 -23.34 -10.59
CA ILE D 90 -23.36 -24.04 -11.87
C ILE D 90 -21.97 -23.89 -12.50
N PHE D 91 -21.18 -22.91 -12.06
CA PHE D 91 -19.89 -22.63 -12.67
C PHE D 91 -18.70 -22.86 -11.76
N SER D 92 -18.91 -23.26 -10.51
CA SER D 92 -17.83 -23.24 -9.53
C SER D 92 -17.06 -24.55 -9.42
N THR D 93 -17.59 -25.65 -9.96
CA THR D 93 -16.90 -26.92 -9.88
C THR D 93 -15.58 -26.87 -10.66
N GLN D 94 -14.54 -27.44 -10.06
CA GLN D 94 -13.32 -27.79 -10.79
C GLN D 94 -13.45 -29.26 -11.19
N ASP D 95 -13.47 -29.52 -12.49
CA ASP D 95 -13.82 -30.86 -12.97
C ASP D 95 -12.79 -31.91 -12.53
N GLN D 96 -11.53 -31.53 -12.38
CA GLN D 96 -10.54 -32.50 -11.89
C GLN D 96 -10.79 -32.85 -10.43
N ALA D 97 -11.30 -31.89 -9.64
CA ALA D 97 -11.60 -32.17 -8.24
C ALA D 97 -12.77 -33.15 -8.13
N ALA D 98 -13.85 -32.89 -8.87
CA ALA D 98 -14.99 -33.80 -8.87
C ALA D 98 -14.60 -35.19 -9.35
N ALA D 99 -13.74 -35.26 -10.36
CA ALA D 99 -13.27 -36.57 -10.85
C ALA D 99 -12.52 -37.31 -9.75
N ALA D 100 -11.60 -36.62 -9.07
CA ALA D 100 -10.82 -37.27 -8.02
C ALA D 100 -11.71 -37.83 -6.92
N ILE D 101 -12.78 -37.09 -6.58
CA ILE D 101 -13.67 -37.53 -5.51
C ILE D 101 -14.49 -38.74 -5.96
N ALA D 102 -15.01 -38.71 -7.18
CA ALA D 102 -15.76 -39.86 -7.69
C ALA D 102 -14.87 -41.10 -7.79
N ALA D 103 -13.61 -40.91 -8.19
CA ALA D 103 -12.70 -42.04 -8.34
C ALA D 103 -12.33 -42.66 -6.99
N ALA D 104 -12.47 -41.91 -5.90
CA ALA D 104 -12.28 -42.45 -4.56
C ALA D 104 -13.52 -43.17 -4.04
N GLY D 105 -14.54 -43.35 -4.86
CA GLY D 105 -15.74 -44.05 -4.45
C GLY D 105 -16.73 -43.24 -3.67
N ILE D 106 -16.71 -41.92 -3.81
CA ILE D 106 -17.58 -41.00 -3.08
C ILE D 106 -18.63 -40.46 -4.04
N PRO D 107 -19.91 -40.51 -3.69
CA PRO D 107 -20.95 -40.01 -4.61
C PRO D 107 -20.90 -38.49 -4.75
N VAL D 108 -20.65 -38.03 -5.96
CA VAL D 108 -20.60 -36.60 -6.27
C VAL D 108 -21.27 -36.38 -7.62
N PHE D 109 -22.08 -35.33 -7.70
CA PHE D 109 -22.81 -34.98 -8.91
C PHE D 109 -22.55 -33.50 -9.16
N ALA D 110 -21.60 -33.20 -10.05
CA ALA D 110 -21.14 -31.83 -10.21
C ALA D 110 -20.21 -31.73 -11.41
N TRP D 111 -20.38 -30.66 -12.19
CA TRP D 111 -19.44 -30.31 -13.25
C TRP D 111 -19.52 -28.81 -13.50
N LYS D 112 -18.47 -28.27 -14.11
CA LYS D 112 -18.42 -26.86 -14.43
C LYS D 112 -19.31 -26.59 -15.64
N GLY D 113 -20.18 -25.60 -15.53
CA GLY D 113 -21.06 -25.24 -16.63
C GLY D 113 -22.33 -26.06 -16.69
N GLU D 114 -22.97 -26.26 -15.54
CA GLU D 114 -24.26 -26.93 -15.50
C GLU D 114 -25.37 -25.99 -15.98
N THR D 115 -26.44 -26.58 -16.51
CA THR D 115 -27.66 -25.81 -16.70
C THR D 115 -28.43 -25.74 -15.38
N GLU D 116 -29.42 -24.86 -15.34
CA GLU D 116 -30.26 -24.76 -14.15
C GLU D 116 -30.95 -26.10 -13.86
N GLU D 117 -31.45 -26.77 -14.90
CA GLU D 117 -32.10 -28.06 -14.70
C GLU D 117 -31.12 -29.09 -14.17
N GLU D 118 -29.89 -29.10 -14.71
CA GLU D 118 -28.88 -30.04 -14.24
C GLU D 118 -28.48 -29.75 -12.80
N TYR D 119 -28.37 -28.47 -12.44
CA TYR D 119 -28.04 -28.09 -11.07
C TYR D 119 -29.03 -28.68 -10.07
N GLU D 120 -30.33 -28.56 -10.37
CA GLU D 120 -31.33 -29.10 -9.47
C GLU D 120 -31.34 -30.62 -9.49
N TRP D 121 -31.12 -31.21 -10.67
CA TRP D 121 -30.98 -32.65 -10.77
C TRP D 121 -29.86 -33.16 -9.86
N CYS D 122 -28.74 -32.45 -9.83
CA CYS D 122 -27.59 -32.89 -9.04
C CYS D 122 -27.90 -32.90 -7.56
N ILE D 123 -28.57 -31.86 -7.06
CA ILE D 123 -28.96 -31.86 -5.65
C ILE D 123 -29.88 -33.05 -5.36
N GLU D 124 -30.82 -33.33 -6.27
CA GLU D 124 -31.74 -34.44 -6.05
CA GLU D 124 -31.73 -34.45 -6.06
C GLU D 124 -31.00 -35.78 -6.01
N GLN D 125 -29.88 -35.90 -6.75
CA GLN D 125 -29.15 -37.15 -6.75
C GLN D 125 -28.46 -37.40 -5.41
N THR D 126 -28.12 -36.34 -4.66
CA THR D 126 -27.60 -36.56 -3.33
C THR D 126 -28.72 -36.92 -2.35
N ILE D 127 -29.88 -36.30 -2.51
CA ILE D 127 -31.00 -36.54 -1.58
C ILE D 127 -31.53 -37.96 -1.72
N LEU D 128 -31.63 -38.45 -2.95
CA LEU D 128 -32.16 -39.78 -3.23
C LEU D 128 -31.03 -40.75 -3.54
N LYS D 129 -31.16 -41.97 -3.06
CA LYS D 129 -30.30 -43.07 -3.46
C LYS D 129 -31.17 -44.23 -3.89
N ASP D 130 -30.96 -44.71 -5.13
CA ASP D 130 -31.76 -45.79 -5.70
C ASP D 130 -33.25 -45.44 -5.69
N GLY D 131 -33.55 -44.16 -5.93
CA GLY D 131 -34.92 -43.70 -6.09
C GLY D 131 -35.67 -43.40 -4.82
N GLN D 132 -35.08 -43.64 -3.66
CA GLN D 132 -35.70 -43.41 -2.36
C GLN D 132 -34.84 -42.46 -1.53
N PRO D 133 -35.42 -41.81 -0.53
CA PRO D 133 -34.63 -40.92 0.34
C PRO D 133 -33.47 -41.66 0.99
N TRP D 134 -32.26 -41.13 0.78
CA TRP D 134 -31.09 -41.59 1.49
C TRP D 134 -31.29 -41.45 2.99
N ASP D 135 -30.61 -42.30 3.76
CA ASP D 135 -30.71 -42.26 5.23
C ASP D 135 -29.79 -41.18 5.78
N ALA D 136 -30.01 -39.96 5.29
CA ALA D 136 -29.22 -38.81 5.71
C ALA D 136 -29.54 -38.43 7.16
N ASN D 137 -28.52 -37.91 7.84
CA ASN D 137 -28.74 -37.38 9.19
C ASN D 137 -27.96 -36.10 9.46
N MET D 138 -27.29 -35.54 8.45
CA MET D 138 -26.56 -34.29 8.58
C MET D 138 -26.59 -33.55 7.25
N VAL D 139 -26.52 -32.22 7.32
CA VAL D 139 -26.56 -31.36 6.14
C VAL D 139 -25.42 -30.36 6.23
N LEU D 140 -24.63 -30.27 5.15
CA LEU D 140 -23.63 -29.22 5.00
C LEU D 140 -24.01 -28.42 3.78
N ASP D 141 -24.24 -27.12 3.96
CA ASP D 141 -24.81 -26.29 2.92
C ASP D 141 -24.04 -24.98 2.78
N ASP D 142 -24.11 -24.40 1.58
CA ASP D 142 -23.44 -23.14 1.24
C ASP D 142 -24.43 -22.37 0.36
N GLY D 143 -25.23 -21.53 0.99
CA GLY D 143 -26.19 -20.71 0.28
C GLY D 143 -27.64 -21.05 0.53
N GLY D 144 -27.91 -22.22 1.14
CA GLY D 144 -29.25 -22.57 1.55
C GLY D 144 -30.12 -23.24 0.50
N ASP D 145 -29.59 -23.53 -0.69
CA ASP D 145 -30.40 -24.16 -1.72
C ASP D 145 -30.81 -25.58 -1.32
N LEU D 146 -29.85 -26.39 -0.86
CA LEU D 146 -30.17 -27.73 -0.39
C LEU D 146 -31.08 -27.69 0.82
N THR D 147 -30.84 -26.76 1.73
CA THR D 147 -31.69 -26.60 2.90
C THR D 147 -33.13 -26.28 2.49
N GLU D 148 -33.30 -25.42 1.49
CA GLU D 148 -34.66 -25.04 1.09
C GLU D 148 -35.39 -26.22 0.46
N ILE D 149 -34.70 -27.01 -0.35
CA ILE D 149 -35.33 -28.16 -1.00
C ILE D 149 -35.77 -29.19 0.03
N LEU D 150 -34.97 -29.39 1.08
CA LEU D 150 -35.34 -30.35 2.12
C LEU D 150 -36.58 -29.91 2.87
N HIS D 151 -36.66 -28.62 3.24
CA HIS D 151 -37.82 -28.15 3.99
C HIS D 151 -39.09 -28.17 3.14
N LYS D 152 -38.98 -27.82 1.86
CA LYS D 152 -40.18 -27.73 1.02
C LYS D 152 -40.62 -29.09 0.50
N LYS D 153 -39.67 -29.97 0.16
CA LYS D 153 -39.99 -31.19 -0.58
C LYS D 153 -39.74 -32.48 0.17
N TYR D 154 -38.92 -32.48 1.22
CA TYR D 154 -38.58 -33.71 1.93
C TYR D 154 -38.62 -33.50 3.44
N PRO D 155 -39.75 -33.05 3.99
CA PRO D 155 -39.82 -32.83 5.45
C PRO D 155 -39.65 -34.11 6.25
N GLN D 156 -40.02 -35.27 5.71
CA GLN D 156 -39.84 -36.51 6.45
C GLN D 156 -38.36 -36.83 6.66
N MET D 157 -37.51 -36.42 5.73
CA MET D 157 -36.07 -36.64 5.89
C MET D 157 -35.50 -35.77 7.01
N LEU D 158 -36.01 -34.54 7.16
CA LEU D 158 -35.50 -33.66 8.21
C LEU D 158 -35.80 -34.20 9.61
N GLU D 159 -36.82 -35.06 9.76
CA GLU D 159 -37.11 -35.65 11.06
C GLU D 159 -35.93 -36.43 11.60
N ARG D 160 -35.11 -37.02 10.74
CA ARG D 160 -33.98 -37.82 11.16
C ARG D 160 -32.65 -37.10 10.97
N ILE D 161 -32.66 -35.79 10.77
CA ILE D 161 -31.45 -35.01 10.53
C ILE D 161 -31.12 -34.22 11.79
N HIS D 162 -29.87 -34.33 12.24
CA HIS D 162 -29.48 -33.73 13.52
C HIS D 162 -29.09 -32.25 13.40
N GLY D 163 -28.73 -31.77 12.21
CA GLY D 163 -28.31 -30.38 12.12
C GLY D 163 -27.85 -30.00 10.73
N ILE D 164 -27.74 -28.68 10.54
CA ILE D 164 -27.25 -28.05 9.31
C ILE D 164 -26.04 -27.20 9.69
N THR D 165 -24.98 -27.27 8.89
CA THR D 165 -23.83 -26.38 9.04
C THR D 165 -23.74 -25.53 7.79
N GLU D 166 -24.04 -24.23 7.91
CA GLU D 166 -24.20 -23.33 6.77
C GLU D 166 -22.97 -22.45 6.60
N GLU D 167 -22.48 -22.37 5.36
CA GLU D 167 -21.17 -21.80 5.07
C GLU D 167 -21.19 -20.28 4.98
N THR D 168 -22.22 -19.70 4.36
CA THR D 168 -22.09 -18.35 3.84
C THR D 168 -23.21 -17.44 4.33
N THR D 169 -22.93 -16.14 4.21
CA THR D 169 -23.80 -15.10 4.78
C THR D 169 -25.22 -15.21 4.26
N THR D 170 -25.39 -15.41 2.95
CA THR D 170 -26.73 -15.51 2.37
C THR D 170 -27.48 -16.71 2.92
N GLY D 171 -26.80 -17.84 3.08
CA GLY D 171 -27.47 -19.01 3.65
C GLY D 171 -27.88 -18.80 5.09
N VAL D 172 -27.06 -18.07 5.85
CA VAL D 172 -27.39 -17.81 7.25
C VAL D 172 -28.63 -16.93 7.34
N HIS D 173 -28.71 -15.90 6.50
CA HIS D 173 -29.89 -15.05 6.51
C HIS D 173 -31.16 -15.85 6.23
N ARG D 174 -31.09 -16.79 5.28
CA ARG D 174 -32.26 -17.63 5.00
C ARG D 174 -32.61 -18.52 6.19
N LEU D 175 -31.60 -19.03 6.90
CA LEU D 175 -31.87 -19.82 8.11
C LEU D 175 -32.57 -18.98 9.18
N LEU D 176 -32.07 -17.76 9.41
CA LEU D 176 -32.67 -16.90 10.43
C LEU D 176 -34.09 -16.51 10.06
N ASP D 177 -34.38 -16.38 8.76
CA ASP D 177 -35.76 -16.14 8.34
C ASP D 177 -36.65 -17.33 8.66
N MET D 178 -36.16 -18.55 8.42
CA MET D 178 -36.94 -19.73 8.78
C MET D 178 -37.20 -19.78 10.27
N LEU D 179 -36.14 -19.55 11.07
CA LEU D 179 -36.29 -19.56 12.52
C LEU D 179 -37.30 -18.54 12.99
N LYS D 180 -37.24 -17.32 12.42
CA LYS D 180 -38.20 -16.28 12.79
C LYS D 180 -39.63 -16.71 12.48
N ASN D 181 -39.85 -17.30 11.30
CA ASN D 181 -41.19 -17.72 10.90
C ASN D 181 -41.58 -19.08 11.47
N GLY D 182 -40.73 -19.67 12.31
CA GLY D 182 -41.06 -20.95 12.90
C GLY D 182 -41.10 -22.12 11.95
N THR D 183 -40.39 -22.04 10.82
CA THR D 183 -40.38 -23.11 9.83
C THR D 183 -39.08 -23.90 9.79
N LEU D 184 -38.04 -23.47 10.52
CA LEU D 184 -36.81 -24.24 10.58
C LEU D 184 -37.05 -25.52 11.38
N LYS D 185 -36.68 -26.66 10.80
CA LYS D 185 -37.00 -27.95 11.40
C LYS D 185 -35.84 -28.58 12.16
N VAL D 186 -34.61 -28.18 11.89
CA VAL D 186 -33.45 -28.72 12.60
C VAL D 186 -32.49 -27.59 12.94
N PRO D 187 -31.73 -27.76 14.02
CA PRO D 187 -30.82 -26.69 14.44
C PRO D 187 -29.68 -26.51 13.44
N ALA D 188 -29.05 -25.35 13.51
CA ALA D 188 -27.98 -25.03 12.58
C ALA D 188 -26.83 -24.36 13.31
N ILE D 189 -25.64 -24.50 12.73
CA ILE D 189 -24.47 -23.75 13.14
C ILE D 189 -24.12 -22.78 12.02
N ASN D 190 -24.05 -21.50 12.37
CA ASN D 190 -23.62 -20.44 11.48
C ASN D 190 -22.11 -20.53 11.41
N VAL D 191 -21.62 -21.26 10.39
CA VAL D 191 -20.17 -21.35 10.20
C VAL D 191 -19.61 -20.03 9.70
N ASN D 192 -20.44 -19.21 9.05
CA ASN D 192 -19.93 -17.99 8.43
C ASN D 192 -19.30 -17.06 9.46
N ASP D 193 -19.87 -17.01 10.67
CA ASP D 193 -19.52 -15.96 11.62
C ASP D 193 -18.45 -16.38 12.63
N SER D 194 -17.79 -17.51 12.41
CA SER D 194 -16.48 -17.69 13.02
C SER D 194 -15.54 -16.64 12.44
N VAL D 195 -14.68 -16.08 13.29
CA VAL D 195 -13.76 -15.06 12.78
C VAL D 195 -12.79 -15.67 11.78
N THR D 196 -12.37 -16.92 12.01
CA THR D 196 -11.53 -17.62 11.04
C THR D 196 -12.32 -18.04 9.79
N LYS D 197 -13.59 -17.70 9.70
CA LYS D 197 -14.32 -17.79 8.43
C LYS D 197 -14.61 -16.40 7.89
N SER D 198 -15.53 -15.65 8.52
CA SER D 198 -15.97 -14.37 7.99
C SER D 198 -14.82 -13.42 7.70
N LYS D 199 -13.91 -13.24 8.66
CA LYS D 199 -12.83 -12.26 8.52
C LYS D 199 -11.58 -12.86 7.91
N ASN D 200 -11.70 -14.03 7.28
CA ASN D 200 -10.61 -14.73 6.61
C ASN D 200 -11.07 -15.05 5.19
N ASP D 201 -12.09 -15.90 5.11
CA ASP D 201 -12.69 -16.29 3.83
C ASP D 201 -13.32 -15.10 3.13
N ASN D 202 -14.33 -14.48 3.75
CA ASN D 202 -15.12 -13.48 3.03
C ASN D 202 -14.27 -12.28 2.62
N LYS D 203 -13.28 -11.90 3.44
CA LYS D 203 -12.47 -10.70 3.16
C LYS D 203 -11.20 -11.07 2.40
N TYR D 204 -10.29 -11.79 3.05
CA TYR D 204 -9.00 -12.08 2.44
C TYR D 204 -9.12 -13.01 1.24
N GLY D 205 -10.12 -13.89 1.22
CA GLY D 205 -10.31 -14.75 0.06
C GLY D 205 -10.63 -13.95 -1.20
N CYS D 206 -11.61 -13.04 -1.10
CA CYS D 206 -11.94 -12.19 -2.24
C CYS D 206 -10.79 -11.26 -2.60
N ARG D 207 -9.97 -10.86 -1.63
CA ARG D 207 -8.79 -10.06 -1.97
CA ARG D 207 -8.79 -10.06 -1.97
C ARG D 207 -7.89 -10.82 -2.94
N HIS D 208 -7.69 -12.12 -2.69
CA HIS D 208 -6.86 -12.95 -3.56
C HIS D 208 -7.56 -13.23 -4.88
N SER D 209 -8.84 -13.63 -4.84
CA SER D 209 -9.42 -14.27 -6.01
C SER D 209 -10.22 -13.33 -6.91
N LEU D 210 -10.52 -12.10 -6.47
CA LEU D 210 -11.26 -11.19 -7.35
C LEU D 210 -10.40 -10.75 -8.53
N ASN D 211 -9.27 -10.08 -8.28
CA ASN D 211 -8.43 -9.64 -9.39
CA ASN D 211 -8.43 -9.65 -9.38
C ASN D 211 -7.92 -10.85 -10.17
N ASP D 212 -7.75 -11.98 -9.50
CA ASP D 212 -7.38 -13.24 -10.16
C ASP D 212 -8.39 -13.58 -11.27
N ALA D 213 -9.68 -13.61 -10.92
CA ALA D 213 -10.71 -13.95 -11.89
C ALA D 213 -10.80 -12.91 -12.99
N ILE D 214 -10.65 -11.63 -12.64
CA ILE D 214 -10.75 -10.58 -13.65
C ILE D 214 -9.60 -10.70 -14.65
N LYS D 215 -8.39 -10.98 -14.17
CA LYS D 215 -7.26 -11.15 -15.09
C LYS D 215 -7.45 -12.37 -15.98
N ARG D 216 -7.95 -13.49 -15.42
CA ARG D 216 -8.11 -14.68 -16.25
C ARG D 216 -9.16 -14.48 -17.33
N GLY D 217 -10.23 -13.76 -17.00
CA GLY D 217 -11.32 -13.56 -17.94
C GLY D 217 -11.04 -12.53 -19.02
N THR D 218 -10.35 -11.44 -18.67
CA THR D 218 -10.13 -10.32 -19.58
C THR D 218 -8.67 -10.01 -19.87
N ASP D 219 -7.75 -10.38 -18.98
CA ASP D 219 -6.34 -10.00 -19.06
C ASP D 219 -6.18 -8.47 -19.16
N HIS D 220 -7.16 -7.74 -18.62
CA HIS D 220 -7.10 -6.29 -18.62
C HIS D 220 -6.10 -5.79 -17.59
N LEU D 221 -5.30 -4.80 -18.00
CA LEU D 221 -4.59 -4.00 -17.02
C LEU D 221 -5.60 -3.34 -16.08
N LEU D 222 -5.35 -3.43 -14.78
CA LEU D 222 -6.21 -2.79 -13.80
C LEU D 222 -5.64 -1.48 -13.27
N SER D 223 -4.31 -1.36 -13.17
CA SER D 223 -3.69 -0.15 -12.66
C SER D 223 -4.13 1.08 -13.44
N GLY D 224 -4.45 2.14 -12.73
CA GLY D 224 -4.81 3.40 -13.36
C GLY D 224 -6.25 3.50 -13.85
N LYS D 225 -7.03 2.44 -13.75
CA LYS D 225 -8.42 2.45 -14.21
C LYS D 225 -9.37 2.65 -13.03
N GLN D 226 -10.62 2.97 -13.36
CA GLN D 226 -11.63 3.35 -12.37
C GLN D 226 -12.53 2.16 -12.07
N ALA D 227 -12.66 1.85 -10.78
CA ALA D 227 -13.55 0.79 -10.33
C ALA D 227 -14.62 1.35 -9.41
N LEU D 228 -15.79 0.71 -9.44
CA LEU D 228 -16.88 0.96 -8.51
C LEU D 228 -17.24 -0.36 -7.83
N VAL D 229 -17.05 -0.41 -6.51
CA VAL D 229 -17.46 -1.57 -5.71
C VAL D 229 -18.76 -1.22 -5.02
N ILE D 230 -19.80 -2.02 -5.27
CA ILE D 230 -21.09 -1.87 -4.58
C ILE D 230 -21.03 -2.74 -3.34
N GLY D 231 -20.97 -2.12 -2.17
CA GLY D 231 -20.91 -2.86 -0.92
C GLY D 231 -19.55 -2.77 -0.27
N TYR D 232 -19.55 -2.71 1.07
CA TYR D 232 -18.30 -2.65 1.83
C TYR D 232 -18.45 -3.46 3.11
N GLY D 233 -19.13 -4.60 3.02
CA GLY D 233 -19.10 -5.62 4.05
C GLY D 233 -17.79 -6.37 3.98
N ASP D 234 -17.80 -7.63 4.44
CA ASP D 234 -16.56 -8.40 4.41
C ASP D 234 -16.10 -8.64 2.97
N VAL D 235 -17.01 -9.06 2.11
CA VAL D 235 -16.67 -9.28 0.71
C VAL D 235 -16.29 -7.97 0.03
N GLY D 236 -17.04 -6.91 0.28
CA GLY D 236 -16.73 -5.62 -0.33
C GLY D 236 -15.41 -5.05 0.15
N LYS D 237 -15.07 -5.24 1.42
CA LYS D 237 -13.76 -4.83 1.92
C LYS D 237 -12.64 -5.55 1.18
N GLY D 238 -12.71 -6.88 1.13
CA GLY D 238 -11.67 -7.64 0.45
C GLY D 238 -11.64 -7.39 -1.05
N SER D 239 -12.81 -7.16 -1.67
CA SER D 239 -12.84 -6.87 -3.09
C SER D 239 -12.20 -5.52 -3.40
N SER D 240 -12.52 -4.49 -2.59
CA SER D 240 -11.95 -3.17 -2.83
C SER D 240 -10.44 -3.19 -2.69
N GLN D 241 -9.92 -3.97 -1.74
CA GLN D 241 -8.48 -4.12 -1.58
C GLN D 241 -7.87 -4.89 -2.75
N SER D 242 -8.58 -5.92 -3.25
CA SER D 242 -8.10 -6.67 -4.41
C SER D 242 -7.85 -5.75 -5.59
N LEU D 243 -8.72 -4.76 -5.78
CA LEU D 243 -8.55 -3.84 -6.91
C LEU D 243 -7.58 -2.71 -6.57
N ARG D 244 -7.67 -2.15 -5.35
CA ARG D 244 -6.79 -1.03 -5.00
C ARG D 244 -5.32 -1.46 -4.97
N GLN D 245 -5.03 -2.66 -4.47
CA GLN D 245 -3.65 -3.11 -4.42
C GLN D 245 -3.07 -3.32 -5.82
N GLU D 246 -3.92 -3.46 -6.84
CA GLU D 246 -3.47 -3.52 -8.22
C GLU D 246 -3.28 -2.14 -8.84
N GLY D 247 -3.57 -1.06 -8.10
CA GLY D 247 -3.48 0.28 -8.62
C GLY D 247 -4.77 0.88 -9.16
N MET D 248 -5.91 0.20 -9.01
CA MET D 248 -7.16 0.80 -9.46
C MET D 248 -7.54 1.99 -8.59
N ILE D 249 -8.21 2.96 -9.19
CA ILE D 249 -8.85 4.04 -8.46
C ILE D 249 -10.25 3.54 -8.11
N VAL D 250 -10.43 3.16 -6.84
CA VAL D 250 -11.63 2.46 -6.40
C VAL D 250 -12.55 3.43 -5.69
N LYS D 251 -13.80 3.49 -6.14
CA LYS D 251 -14.88 4.16 -5.43
C LYS D 251 -15.81 3.11 -4.86
N VAL D 252 -16.44 3.43 -3.73
CA VAL D 252 -17.21 2.48 -2.94
C VAL D 252 -18.62 3.02 -2.74
N ALA D 253 -19.61 2.15 -2.89
CA ALA D 253 -21.00 2.48 -2.60
C ALA D 253 -21.50 1.63 -1.43
N GLU D 254 -22.43 2.19 -0.65
CA GLU D 254 -22.91 1.51 0.55
C GLU D 254 -24.24 2.12 0.96
N VAL D 255 -25.08 1.29 1.60
CA VAL D 255 -26.26 1.79 2.30
C VAL D 255 -26.02 1.88 3.80
N ASP D 256 -25.01 1.19 4.32
CA ASP D 256 -24.71 1.21 5.75
C ASP D 256 -23.69 2.31 6.02
N PRO D 257 -24.05 3.35 6.78
CA PRO D 257 -23.10 4.46 6.97
C PRO D 257 -21.87 4.06 7.76
N ILE D 258 -21.98 3.05 8.63
CA ILE D 258 -20.81 2.57 9.38
C ILE D 258 -19.81 1.93 8.43
N CYS D 259 -20.30 1.04 7.55
CA CYS D 259 -19.40 0.47 6.55
C CYS D 259 -18.88 1.55 5.60
N ALA D 260 -19.69 2.56 5.31
CA ALA D 260 -19.23 3.68 4.49
C ALA D 260 -18.15 4.47 5.22
N MET D 261 -18.30 4.65 6.54
N MET D 261 -18.30 4.66 6.53
CA MET D 261 -17.26 5.32 7.33
CA MET D 261 -17.26 5.32 7.32
C MET D 261 -15.94 4.57 7.23
C MET D 261 -15.94 4.57 7.21
N GLN D 262 -15.99 3.24 7.25
CA GLN D 262 -14.76 2.45 7.13
C GLN D 262 -14.13 2.64 5.76
N ALA D 263 -14.93 2.67 4.70
CA ALA D 263 -14.41 2.92 3.36
C ALA D 263 -13.70 4.26 3.29
N CYS D 264 -14.30 5.31 3.86
CA CYS D 264 -13.65 6.61 3.87
C CYS D 264 -12.31 6.54 4.58
N MET D 265 -12.31 6.02 5.81
CA MET D 265 -11.08 5.95 6.58
C MET D 265 -10.05 5.04 5.95
N ASP D 266 -10.49 4.03 5.20
CA ASP D 266 -9.57 3.16 4.47
C ASP D 266 -9.02 3.79 3.21
N GLY D 267 -9.42 5.02 2.89
CA GLY D 267 -8.85 5.73 1.77
C GLY D 267 -9.63 5.64 0.48
N PHE D 268 -10.91 5.32 0.52
CA PHE D 268 -11.75 5.27 -0.66
C PHE D 268 -12.72 6.43 -0.68
N GLU D 269 -13.08 6.86 -1.89
CA GLU D 269 -14.14 7.84 -2.08
C GLU D 269 -15.48 7.11 -2.11
N VAL D 270 -16.44 7.58 -1.33
CA VAL D 270 -17.74 6.94 -1.22
C VAL D 270 -18.73 7.68 -2.09
N VAL D 271 -19.34 6.97 -3.03
CA VAL D 271 -20.24 7.54 -4.02
C VAL D 271 -21.48 6.66 -4.13
N SER D 272 -22.52 7.24 -4.71
CA SER D 272 -23.72 6.46 -5.00
C SER D 272 -23.98 6.45 -6.50
N PRO D 273 -24.48 5.35 -7.05
CA PRO D 273 -24.90 5.36 -8.47
C PRO D 273 -26.04 6.31 -8.74
N TYR D 274 -26.75 6.75 -7.71
CA TYR D 274 -27.93 7.59 -7.85
C TYR D 274 -27.64 8.98 -7.29
N LYS D 275 -28.26 9.98 -7.89
CA LYS D 275 -28.07 11.36 -7.46
C LYS D 275 -28.59 11.53 -6.04
N ASN D 276 -27.71 12.01 -5.15
CA ASN D 276 -27.99 12.10 -3.71
C ASN D 276 -28.38 10.75 -3.12
N GLY D 277 -28.00 9.66 -3.78
CA GLY D 277 -28.27 8.33 -3.29
C GLY D 277 -29.71 7.90 -3.31
N ILE D 278 -30.58 8.60 -4.04
CA ILE D 278 -32.01 8.32 -4.07
C ILE D 278 -32.33 7.54 -5.34
N ASN D 279 -32.76 6.29 -5.17
CA ASN D 279 -33.04 5.37 -6.27
C ASN D 279 -34.56 5.33 -6.46
N ASP D 280 -35.07 6.20 -7.33
CA ASP D 280 -36.51 6.30 -7.54
C ASP D 280 -37.00 5.59 -8.81
N GLY D 281 -36.13 4.87 -9.50
CA GLY D 281 -36.52 4.08 -10.65
C GLY D 281 -36.40 4.78 -11.99
N THR D 282 -36.16 6.08 -12.01
CA THR D 282 -36.04 6.83 -13.26
C THR D 282 -34.59 6.88 -13.72
N GLU D 283 -34.41 6.99 -15.04
CA GLU D 283 -33.07 7.21 -15.57
C GLU D 283 -32.47 8.51 -15.07
N ALA D 284 -33.32 9.51 -14.85
CA ALA D 284 -32.84 10.82 -14.41
C ALA D 284 -32.13 10.75 -13.07
N SER D 285 -32.44 9.74 -12.26
CA SER D 285 -31.79 9.60 -10.95
C SER D 285 -30.37 9.06 -11.06
N ILE D 286 -29.98 8.55 -12.23
CA ILE D 286 -28.64 7.98 -12.38
C ILE D 286 -27.62 9.09 -12.49
N ASP D 287 -26.54 9.00 -11.72
CA ASP D 287 -25.39 9.85 -11.92
C ASP D 287 -24.66 9.37 -13.16
N ALA D 288 -25.07 9.85 -14.34
CA ALA D 288 -24.48 9.39 -15.58
C ALA D 288 -23.01 9.80 -15.70
N ALA D 289 -22.66 10.97 -15.16
CA ALA D 289 -21.28 11.43 -15.23
C ALA D 289 -20.35 10.50 -14.44
N LEU D 290 -20.84 9.97 -13.32
CA LEU D 290 -20.04 9.04 -12.53
C LEU D 290 -19.90 7.69 -13.24
N LEU D 291 -21.03 7.11 -13.66
CA LEU D 291 -20.98 5.79 -14.29
C LEU D 291 -20.31 5.82 -15.66
N GLY D 292 -20.31 6.97 -16.34
CA GLY D 292 -19.60 7.08 -17.60
C GLY D 292 -18.09 7.07 -17.48
N LYS D 293 -17.55 7.11 -16.26
CA LYS D 293 -16.12 7.05 -16.03
C LYS D 293 -15.67 5.74 -15.44
N ILE D 294 -16.59 4.79 -15.21
CA ILE D 294 -16.28 3.56 -14.50
C ILE D 294 -15.86 2.49 -15.49
N ASP D 295 -14.69 1.91 -15.27
CA ASP D 295 -14.16 0.84 -16.11
C ASP D 295 -14.54 -0.55 -15.62
N LEU D 296 -14.92 -0.66 -14.35
CA LEU D 296 -15.18 -1.96 -13.73
C LEU D 296 -16.13 -1.75 -12.57
N ILE D 297 -17.21 -2.53 -12.55
CA ILE D 297 -18.15 -2.52 -11.45
C ILE D 297 -18.24 -3.93 -10.88
N VAL D 298 -18.23 -4.02 -9.55
CA VAL D 298 -18.28 -5.29 -8.83
C VAL D 298 -19.35 -5.20 -7.76
N THR D 299 -20.28 -6.15 -7.76
CA THR D 299 -21.32 -6.21 -6.74
C THR D 299 -20.91 -7.20 -5.65
N THR D 300 -21.12 -6.79 -4.38
CA THR D 300 -20.66 -7.58 -3.25
C THR D 300 -21.70 -7.66 -2.12
N THR D 301 -22.98 -7.43 -2.40
CA THR D 301 -23.91 -7.07 -1.34
C THR D 301 -24.71 -8.24 -0.76
N GLY D 302 -24.98 -9.28 -1.53
CA GLY D 302 -26.00 -10.23 -1.11
C GLY D 302 -27.41 -9.71 -1.26
N ASN D 303 -27.59 -8.54 -1.87
CA ASN D 303 -28.88 -7.91 -2.07
C ASN D 303 -29.33 -8.09 -3.52
N VAL D 304 -30.48 -7.53 -3.86
CA VAL D 304 -31.06 -7.70 -5.18
C VAL D 304 -30.95 -6.39 -5.96
N ASN D 305 -30.55 -6.52 -7.24
CA ASN D 305 -30.64 -5.43 -8.22
C ASN D 305 -29.84 -4.20 -7.82
N VAL D 306 -28.62 -4.41 -7.30
CA VAL D 306 -27.76 -3.30 -6.93
C VAL D 306 -26.93 -2.80 -8.11
N CYS D 307 -26.93 -3.51 -9.23
CA CYS D 307 -26.46 -2.99 -10.52
C CYS D 307 -27.65 -3.14 -11.46
N ASP D 308 -28.51 -2.13 -11.50
CA ASP D 308 -29.78 -2.24 -12.19
C ASP D 308 -29.63 -1.89 -13.67
N ALA D 309 -30.76 -1.92 -14.38
CA ALA D 309 -30.75 -1.73 -15.82
C ALA D 309 -30.31 -0.32 -16.20
N ASN D 310 -30.76 0.68 -15.45
CA ASN D 310 -30.38 2.06 -15.76
C ASN D 310 -28.89 2.32 -15.49
N MET D 311 -28.34 1.68 -14.46
CA MET D 311 -26.90 1.74 -14.26
C MET D 311 -26.15 1.11 -15.42
N LEU D 312 -26.64 -0.04 -15.90
CA LEU D 312 -25.99 -0.72 -17.02
C LEU D 312 -26.05 0.11 -18.29
N LYS D 313 -27.17 0.81 -18.52
CA LYS D 313 -27.30 1.65 -19.70
C LYS D 313 -26.36 2.86 -19.66
N ALA D 314 -25.95 3.29 -18.46
CA ALA D 314 -25.13 4.49 -18.29
C ALA D 314 -23.65 4.18 -18.19
N LEU D 315 -23.26 2.93 -18.02
CA LEU D 315 -21.86 2.58 -17.84
C LEU D 315 -21.02 3.00 -19.04
N LYS D 316 -19.79 3.41 -18.75
CA LYS D 316 -18.79 3.65 -19.79
C LYS D 316 -18.74 2.48 -20.76
N LYS D 317 -18.55 2.80 -22.05
CA LYS D 317 -18.38 1.75 -23.05
C LYS D 317 -17.22 0.83 -22.69
N ARG D 318 -17.43 -0.47 -22.89
CA ARG D 318 -16.42 -1.51 -22.70
C ARG D 318 -16.05 -1.73 -21.23
N ALA D 319 -16.88 -1.27 -20.30
CA ALA D 319 -16.65 -1.57 -18.90
C ALA D 319 -16.88 -3.04 -18.61
N VAL D 320 -16.19 -3.55 -17.58
CA VAL D 320 -16.36 -4.92 -17.11
C VAL D 320 -17.37 -4.93 -15.97
N VAL D 321 -18.26 -5.92 -15.99
CA VAL D 321 -19.36 -6.07 -15.04
C VAL D 321 -19.26 -7.47 -14.44
N CYS D 322 -19.17 -7.55 -13.12
CA CYS D 322 -19.10 -8.86 -12.49
C CYS D 322 -19.69 -8.80 -11.08
N ASN D 323 -20.01 -9.98 -10.56
CA ASN D 323 -20.65 -10.14 -9.26
C ASN D 323 -19.87 -11.18 -8.48
N ILE D 324 -19.59 -10.88 -7.21
CA ILE D 324 -18.92 -11.80 -6.31
C ILE D 324 -19.77 -12.11 -5.08
N GLY D 325 -21.02 -11.60 -5.03
CA GLY D 325 -21.99 -12.09 -4.07
C GLY D 325 -22.54 -13.45 -4.49
N HIS D 326 -23.29 -14.08 -3.59
CA HIS D 326 -23.62 -15.49 -3.77
C HIS D 326 -24.53 -15.74 -4.97
N PHE D 327 -25.47 -14.84 -5.25
CA PHE D 327 -26.48 -15.08 -6.27
C PHE D 327 -26.35 -14.04 -7.38
N ASP D 328 -26.71 -14.46 -8.61
CA ASP D 328 -26.55 -13.62 -9.78
C ASP D 328 -27.54 -12.46 -9.85
N ASN D 329 -28.59 -12.45 -9.04
CA ASN D 329 -29.56 -11.38 -9.16
C ASN D 329 -29.06 -10.03 -8.61
N GLU D 330 -27.79 -9.89 -8.23
CA GLU D 330 -27.27 -8.57 -7.86
C GLU D 330 -27.17 -7.65 -9.08
N ILE D 331 -26.97 -8.23 -10.25
CA ILE D 331 -26.96 -7.50 -11.51
C ILE D 331 -28.22 -7.88 -12.28
N ASP D 332 -28.85 -6.89 -12.92
CA ASP D 332 -30.04 -7.14 -13.74
C ASP D 332 -29.61 -7.75 -15.08
N THR D 333 -29.22 -9.01 -15.01
CA THR D 333 -28.82 -9.72 -16.24
C THR D 333 -30.03 -10.09 -17.08
N ALA D 334 -31.20 -10.26 -16.44
CA ALA D 334 -32.41 -10.56 -17.20
C ALA D 334 -32.73 -9.42 -18.18
N PHE D 335 -32.59 -8.17 -17.73
CA PHE D 335 -32.76 -7.04 -18.64
C PHE D 335 -31.82 -7.15 -19.83
N MET D 336 -30.57 -7.54 -19.58
CA MET D 336 -29.60 -7.62 -20.66
C MET D 336 -29.90 -8.76 -21.62
N ARG D 337 -30.45 -9.87 -21.12
CA ARG D 337 -30.85 -10.96 -22.00
C ARG D 337 -32.01 -10.57 -22.89
N LYS D 338 -32.91 -9.72 -22.39
CA LYS D 338 -34.11 -9.34 -23.14
C LYS D 338 -33.82 -8.29 -24.19
N ASN D 339 -32.83 -7.43 -23.96
CA ASN D 339 -32.67 -6.23 -24.78
C ASN D 339 -31.38 -6.18 -25.58
N TRP D 340 -30.32 -6.85 -25.16
CA TRP D 340 -29.01 -6.71 -25.79
C TRP D 340 -28.50 -8.04 -26.31
N ALA D 341 -27.62 -7.96 -27.30
CA ALA D 341 -27.09 -9.15 -27.96
C ALA D 341 -25.82 -9.61 -27.27
N TRP D 342 -25.76 -10.90 -26.94
CA TRP D 342 -24.64 -11.49 -26.22
C TRP D 342 -23.68 -12.15 -27.20
N GLU D 343 -22.41 -11.78 -27.13
CA GLU D 343 -21.36 -12.41 -27.91
C GLU D 343 -20.39 -13.08 -26.95
N GLU D 344 -20.29 -14.40 -27.04
CA GLU D 344 -19.33 -15.11 -26.20
C GLU D 344 -17.92 -14.88 -26.72
N VAL D 345 -17.06 -14.31 -25.86
CA VAL D 345 -15.63 -14.28 -26.17
C VAL D 345 -15.02 -15.65 -25.96
N LYS D 346 -15.26 -16.22 -24.78
CA LYS D 346 -14.81 -17.54 -24.39
C LYS D 346 -15.69 -17.96 -23.21
N PRO D 347 -15.57 -19.21 -22.74
CA PRO D 347 -16.41 -19.64 -21.62
C PRO D 347 -16.39 -18.66 -20.45
N GLN D 348 -17.59 -18.32 -19.96
CA GLN D 348 -17.80 -17.41 -18.84
C GLN D 348 -17.34 -15.98 -19.13
N VAL D 349 -17.22 -15.61 -20.41
CA VAL D 349 -16.85 -14.24 -20.79
C VAL D 349 -17.73 -13.84 -21.97
N HIS D 350 -18.61 -12.86 -21.76
CA HIS D 350 -19.56 -12.43 -22.78
C HIS D 350 -19.47 -10.92 -22.99
N LYS D 351 -19.42 -10.49 -24.25
CA LYS D 351 -19.65 -9.10 -24.60
C LYS D 351 -21.14 -8.87 -24.79
N ILE D 352 -21.68 -7.87 -24.11
CA ILE D 352 -23.10 -7.52 -24.19
C ILE D 352 -23.22 -6.27 -25.04
N HIS D 353 -23.69 -6.42 -26.27
CA HIS D 353 -23.75 -5.31 -27.22
C HIS D 353 -25.02 -4.50 -27.00
N ARG D 354 -24.86 -3.25 -26.59
CA ARG D 354 -26.00 -2.40 -26.22
C ARG D 354 -26.64 -1.71 -27.41
N THR D 355 -26.32 -2.15 -28.63
CA THR D 355 -26.91 -1.59 -29.83
C THR D 355 -28.23 -2.24 -30.22
N GLY D 356 -28.56 -3.38 -29.64
CA GLY D 356 -29.80 -4.05 -29.99
C GLY D 356 -29.78 -5.50 -29.57
N LYS D 357 -30.96 -6.11 -29.66
CA LYS D 357 -31.17 -7.50 -29.27
C LYS D 357 -30.87 -8.48 -30.39
N ASP D 358 -31.14 -8.10 -31.64
CA ASP D 358 -31.01 -9.01 -32.77
C ASP D 358 -29.71 -8.71 -33.52
N GLY D 359 -28.71 -9.55 -33.31
CA GLY D 359 -27.44 -9.42 -33.99
C GLY D 359 -26.57 -8.31 -33.43
N PHE D 360 -25.31 -8.30 -33.89
CA PHE D 360 -24.35 -7.30 -33.48
C PHE D 360 -23.31 -7.13 -34.58
N ASP D 361 -22.67 -5.98 -34.58
CA ASP D 361 -21.50 -5.74 -35.41
C ASP D 361 -20.27 -6.23 -34.65
N ALA D 362 -19.44 -7.06 -35.31
CA ALA D 362 -18.29 -7.63 -34.65
C ALA D 362 -17.29 -6.58 -34.20
N HIS D 363 -17.33 -5.39 -34.79
CA HIS D 363 -16.45 -4.29 -34.41
C HIS D 363 -17.19 -3.16 -33.68
N ASN D 364 -18.42 -3.43 -33.24
CA ASN D 364 -19.12 -2.48 -32.39
C ASN D 364 -18.30 -2.15 -31.16
N ASP D 365 -18.23 -0.87 -30.81
CA ASP D 365 -17.49 -0.44 -29.64
C ASP D 365 -18.37 -0.21 -28.42
N ASP D 366 -19.69 -0.30 -28.56
CA ASP D 366 -20.62 -0.04 -27.46
C ASP D 366 -21.09 -1.37 -26.89
N TYR D 367 -20.24 -1.98 -26.07
CA TYR D 367 -20.56 -3.22 -25.39
C TYR D 367 -20.05 -3.17 -23.96
N LEU D 368 -20.60 -4.06 -23.14
CA LEU D 368 -20.05 -4.36 -21.83
C LEU D 368 -19.50 -5.78 -21.83
N ILE D 369 -18.56 -6.05 -20.94
CA ILE D 369 -18.02 -7.39 -20.74
C ILE D 369 -18.56 -7.92 -19.43
N LEU D 370 -19.37 -8.98 -19.51
CA LEU D 370 -19.95 -9.63 -18.34
C LEU D 370 -19.20 -10.92 -18.04
N LEU D 371 -18.83 -11.12 -16.78
CA LEU D 371 -18.08 -12.29 -16.35
C LEU D 371 -19.00 -13.30 -15.65
N ALA D 372 -18.82 -14.58 -15.99
CA ALA D 372 -19.56 -15.70 -15.38
C ALA D 372 -21.07 -15.52 -15.45
N GLU D 373 -21.54 -14.79 -16.47
CA GLU D 373 -22.97 -14.51 -16.65
C GLU D 373 -23.60 -13.95 -15.37
N GLY D 374 -22.82 -13.23 -14.56
CA GLY D 374 -23.30 -12.64 -13.33
C GLY D 374 -23.16 -13.51 -12.10
N ARG D 375 -22.73 -14.77 -12.25
CA ARG D 375 -22.51 -15.63 -11.09
C ARG D 375 -21.19 -15.29 -10.40
N LEU D 376 -20.99 -15.87 -9.22
CA LEU D 376 -19.77 -15.73 -8.42
C LEU D 376 -18.53 -15.71 -9.31
N VAL D 377 -17.92 -14.53 -9.48
CA VAL D 377 -16.89 -14.38 -10.51
C VAL D 377 -15.60 -15.07 -10.09
N ASN D 378 -15.28 -15.05 -8.79
CA ASN D 378 -14.02 -15.66 -8.35
C ASN D 378 -14.02 -17.17 -8.60
N LEU D 379 -15.16 -17.83 -8.35
CA LEU D 379 -15.28 -19.24 -8.66
C LEU D 379 -15.65 -19.47 -10.13
N GLY D 380 -16.32 -18.51 -10.76
CA GLY D 380 -16.73 -18.69 -12.14
C GLY D 380 -15.60 -18.58 -13.13
N ASN D 381 -14.71 -17.60 -12.94
CA ASN D 381 -13.65 -17.32 -13.88
C ASN D 381 -12.27 -17.67 -13.35
N ALA D 382 -12.15 -18.12 -12.10
CA ALA D 382 -10.88 -18.60 -11.58
C ALA D 382 -11.14 -19.85 -10.73
N THR D 383 -10.45 -20.00 -9.59
CA THR D 383 -10.64 -21.18 -8.75
C THR D 383 -11.15 -20.82 -7.35
N GLY D 384 -11.81 -19.68 -7.19
CA GLY D 384 -12.22 -19.28 -5.86
C GLY D 384 -11.03 -19.00 -4.94
N HIS D 385 -11.30 -19.08 -3.64
CA HIS D 385 -10.29 -18.80 -2.65
C HIS D 385 -9.20 -19.87 -2.65
N PRO D 386 -7.98 -19.53 -2.26
CA PRO D 386 -6.91 -20.53 -2.20
C PRO D 386 -7.04 -21.44 -0.98
N SER D 387 -6.36 -22.60 -1.08
CA SER D 387 -6.49 -23.64 -0.07
C SER D 387 -6.18 -23.12 1.34
N ARG D 388 -5.13 -22.31 1.49
CA ARG D 388 -4.73 -21.89 2.83
C ARG D 388 -5.76 -20.99 3.50
N ILE D 389 -6.58 -20.28 2.72
CA ILE D 389 -7.70 -19.53 3.29
C ILE D 389 -8.88 -20.46 3.57
N MET D 390 -9.26 -21.28 2.59
CA MET D 390 -10.35 -22.23 2.80
C MET D 390 -10.06 -23.19 3.95
N ASP D 391 -8.79 -23.36 4.30
CA ASP D 391 -8.41 -24.14 5.48
C ASP D 391 -9.22 -23.72 6.70
N GLY D 392 -9.32 -22.40 6.94
CA GLY D 392 -10.03 -21.92 8.10
C GLY D 392 -11.52 -22.23 8.03
N SER D 393 -12.15 -21.88 6.91
CA SER D 393 -13.58 -22.12 6.75
C SER D 393 -13.92 -23.60 6.92
N PHE D 394 -13.12 -24.48 6.32
CA PHE D 394 -13.52 -25.88 6.33
C PHE D 394 -13.11 -26.58 7.62
N ALA D 395 -12.12 -26.08 8.35
CA ALA D 395 -11.90 -26.58 9.70
C ALA D 395 -13.10 -26.27 10.59
N ASN D 396 -13.66 -25.06 10.46
CA ASN D 396 -14.90 -24.73 11.16
C ASN D 396 -16.03 -25.68 10.75
N GLN D 397 -16.14 -25.97 9.45
CA GLN D 397 -17.19 -26.87 9.00
C GLN D 397 -17.09 -28.23 9.67
N VAL D 398 -15.88 -28.79 9.74
CA VAL D 398 -15.70 -30.11 10.33
C VAL D 398 -16.06 -30.06 11.82
N LEU D 399 -15.59 -29.04 12.53
CA LEU D 399 -15.93 -28.91 13.96
C LEU D 399 -17.42 -28.71 14.16
N ALA D 400 -18.10 -28.04 13.22
CA ALA D 400 -19.54 -27.82 13.37
C ALA D 400 -20.31 -29.11 13.11
N GLN D 401 -19.89 -29.89 12.09
CA GLN D 401 -20.48 -31.21 11.86
C GLN D 401 -20.33 -32.10 13.08
N ILE D 402 -19.12 -32.14 13.67
CA ILE D 402 -18.89 -32.96 14.85
C ILE D 402 -19.83 -32.56 15.98
N HIS D 403 -19.95 -31.25 16.23
CA HIS D 403 -20.75 -30.79 17.37
C HIS D 403 -22.21 -31.18 17.21
N LEU D 404 -22.79 -30.91 16.04
CA LEU D 404 -24.21 -31.17 15.85
C LEU D 404 -24.51 -32.66 15.74
N PHE D 405 -23.61 -33.42 15.11
CA PHE D 405 -23.81 -34.86 15.04
C PHE D 405 -23.77 -35.48 16.44
N GLU D 406 -22.86 -35.01 17.29
CA GLU D 406 -22.79 -35.55 18.64
C GLU D 406 -23.96 -35.11 19.50
N GLN D 407 -24.60 -33.97 19.18
CA GLN D 407 -25.77 -33.54 19.93
C GLN D 407 -26.99 -34.42 19.66
N LYS D 408 -27.08 -35.00 18.46
CA LYS D 408 -28.13 -35.99 18.14
C LYS D 408 -29.53 -35.40 18.33
N TYR D 409 -29.75 -34.21 17.76
CA TYR D 409 -31.03 -33.52 17.90
C TYR D 409 -32.21 -34.40 17.50
N ALA D 410 -32.09 -35.15 16.40
CA ALA D 410 -33.22 -35.95 15.92
C ALA D 410 -33.65 -37.02 16.90
N ASP D 411 -32.76 -37.43 17.81
CA ASP D 411 -33.09 -38.45 18.79
C ASP D 411 -33.64 -37.88 20.10
N LEU D 412 -33.69 -36.56 20.23
CA LEU D 412 -34.12 -35.97 21.50
C LEU D 412 -35.65 -35.96 21.60
N PRO D 413 -36.19 -36.01 22.83
CA PRO D 413 -37.63 -35.81 23.00
C PRO D 413 -38.06 -34.44 22.52
N ALA D 414 -39.37 -34.31 22.25
CA ALA D 414 -39.90 -33.06 21.73
C ALA D 414 -39.57 -31.88 22.65
N ALA D 415 -39.72 -32.08 23.96
CA ALA D 415 -39.47 -30.99 24.91
C ALA D 415 -38.01 -30.56 24.86
N GLU D 416 -37.09 -31.49 24.64
CA GLU D 416 -35.68 -31.13 24.54
C GLU D 416 -35.33 -30.55 23.18
N LYS D 417 -36.00 -30.98 22.11
CA LYS D 417 -35.75 -30.39 20.80
C LYS D 417 -36.06 -28.89 20.82
N ALA D 418 -37.19 -28.51 21.44
CA ALA D 418 -37.60 -27.12 21.47
C ALA D 418 -36.54 -26.23 22.12
N LYS D 419 -35.79 -26.78 23.09
CA LYS D 419 -34.75 -26.02 23.77
C LYS D 419 -33.46 -25.92 22.97
N ARG D 420 -33.31 -26.72 21.91
CA ARG D 420 -32.09 -26.75 21.12
C ARG D 420 -32.28 -26.24 19.70
N LEU D 421 -33.51 -25.90 19.31
CA LEU D 421 -33.78 -25.46 17.95
C LEU D 421 -33.32 -24.01 17.81
N SER D 422 -32.14 -23.82 17.24
CA SER D 422 -31.54 -22.49 17.20
C SER D 422 -30.49 -22.46 16.09
N VAL D 423 -29.98 -21.26 15.83
CA VAL D 423 -28.88 -21.02 14.91
C VAL D 423 -27.75 -20.42 15.74
N GLU D 424 -26.70 -21.20 15.97
CA GLU D 424 -25.61 -20.82 16.87
C GLU D 424 -24.29 -20.75 16.11
N VAL D 425 -23.31 -20.14 16.75
CA VAL D 425 -21.94 -20.15 16.25
C VAL D 425 -21.12 -21.11 17.11
N LEU D 426 -19.93 -21.45 16.63
CA LEU D 426 -19.01 -22.25 17.42
C LEU D 426 -18.42 -21.42 18.56
N PRO D 427 -18.06 -22.06 19.67
CA PRO D 427 -17.43 -21.32 20.77
C PRO D 427 -16.13 -20.67 20.32
N LYS D 428 -15.80 -19.54 20.97
CA LYS D 428 -14.61 -18.79 20.60
C LYS D 428 -13.34 -19.62 20.80
N LYS D 429 -13.32 -20.48 21.81
CA LYS D 429 -12.15 -21.33 22.02
C LYS D 429 -11.80 -22.12 20.76
N LEU D 430 -12.81 -22.69 20.10
CA LEU D 430 -12.56 -23.44 18.87
C LEU D 430 -12.15 -22.51 17.74
N ASP D 431 -12.78 -21.33 17.65
CA ASP D 431 -12.35 -20.32 16.69
C ASP D 431 -10.85 -20.07 16.80
N GLU D 432 -10.37 -19.93 18.05
CA GLU D 432 -8.96 -19.66 18.29
C GLU D 432 -8.09 -20.85 17.94
N GLU D 433 -8.59 -22.07 18.19
CA GLU D 433 -7.80 -23.26 17.90
C GLU D 433 -7.59 -23.41 16.39
N VAL D 434 -8.60 -23.08 15.59
CA VAL D 434 -8.41 -23.03 14.13
C VAL D 434 -7.39 -21.98 13.76
N ALA D 435 -7.51 -20.79 14.36
CA ALA D 435 -6.62 -19.68 14.01
C ALA D 435 -5.17 -20.04 14.30
N LEU D 436 -4.91 -20.71 15.43
CA LEU D 436 -3.55 -21.04 15.79
C LEU D 436 -2.91 -21.96 14.75
N GLU D 437 -3.66 -22.95 14.26
CA GLU D 437 -3.12 -23.84 13.24
C GLU D 437 -2.83 -23.08 11.95
N MET D 438 -3.67 -22.11 11.60
CA MET D 438 -3.40 -21.26 10.44
C MET D 438 -2.11 -20.48 10.64
N VAL D 439 -1.95 -19.87 11.83
CA VAL D 439 -0.75 -19.09 12.12
C VAL D 439 0.49 -19.95 12.06
N LYS D 440 0.42 -21.16 12.62
CA LYS D 440 1.56 -22.07 12.56
C LYS D 440 1.90 -22.43 11.12
N GLY D 441 0.87 -22.50 10.26
CA GLY D 441 1.12 -22.75 8.85
C GLY D 441 1.96 -21.68 8.17
N PHE D 442 1.84 -20.43 8.64
CA PHE D 442 2.70 -19.37 8.14
C PHE D 442 4.08 -19.36 8.78
N GLY D 443 4.31 -20.20 9.78
CA GLY D 443 5.51 -20.10 10.58
C GLY D 443 5.43 -19.08 11.68
N GLY D 444 4.24 -18.57 11.98
CA GLY D 444 4.11 -17.59 13.05
C GLY D 444 4.29 -18.22 14.42
N VAL D 445 4.73 -17.41 15.37
CA VAL D 445 4.99 -17.86 16.73
C VAL D 445 4.18 -16.97 17.67
N VAL D 446 3.13 -17.53 18.25
CA VAL D 446 2.30 -16.83 19.22
C VAL D 446 3.00 -16.83 20.58
N THR D 447 2.89 -15.72 21.29
CA THR D 447 3.43 -15.62 22.64
C THR D 447 2.46 -16.21 23.64
N GLN D 448 3.00 -16.84 24.69
CA GLN D 448 2.20 -17.36 25.78
C GLN D 448 2.20 -16.37 26.93
N LEU D 449 1.00 -16.02 27.41
CA LEU D 449 0.87 -15.16 28.57
C LEU D 449 1.51 -15.80 29.79
N THR D 450 2.15 -15.00 30.63
CA THR D 450 2.47 -15.44 31.97
C THR D 450 1.18 -15.55 32.77
N PRO D 451 1.19 -16.28 33.89
CA PRO D 451 -0.01 -16.29 34.74
C PRO D 451 -0.41 -14.91 35.23
N LYS D 452 0.56 -14.05 35.53
CA LYS D 452 0.21 -12.70 35.99
C LYS D 452 -0.41 -11.89 34.85
N GLN D 453 0.11 -12.03 33.63
CA GLN D 453 -0.45 -11.29 32.50
C GLN D 453 -1.87 -11.75 32.18
N ALA D 454 -2.08 -13.07 32.15
CA ALA D 454 -3.43 -13.60 31.97
C ALA D 454 -4.38 -13.08 33.04
N GLU D 455 -3.93 -13.10 34.30
CA GLU D 455 -4.74 -12.54 35.39
C GLU D 455 -5.02 -11.05 35.17
N TYR D 456 -4.01 -10.30 34.70
CA TYR D 456 -4.15 -8.86 34.57
C TYR D 456 -5.27 -8.48 33.61
N ILE D 457 -5.36 -9.18 32.48
CA ILE D 457 -6.42 -8.89 31.51
C ILE D 457 -7.62 -9.83 31.67
N GLY D 458 -7.57 -10.74 32.65
CA GLY D 458 -8.74 -11.53 33.00
C GLY D 458 -9.06 -12.68 32.07
N VAL D 459 -8.05 -13.44 31.65
CA VAL D 459 -8.26 -14.59 30.77
C VAL D 459 -7.51 -15.79 31.31
N SER D 460 -7.92 -16.98 30.86
CA SER D 460 -7.08 -18.16 30.99
C SER D 460 -5.88 -18.05 30.06
N VAL D 461 -4.74 -18.59 30.50
CA VAL D 461 -3.55 -18.56 29.67
C VAL D 461 -3.81 -19.20 28.31
N GLU D 462 -4.60 -20.28 28.29
CA GLU D 462 -4.89 -20.98 27.04
C GLU D 462 -6.03 -20.34 26.25
N GLY D 463 -6.63 -19.26 26.74
CA GLY D 463 -7.76 -18.66 26.07
C GLY D 463 -9.09 -19.24 26.54
N PRO D 464 -10.21 -18.67 26.05
CA PRO D 464 -10.28 -17.59 25.06
C PRO D 464 -9.79 -16.23 25.58
N PHE D 465 -9.33 -15.40 24.65
CA PHE D 465 -8.62 -14.17 25.00
C PHE D 465 -9.47 -12.92 24.86
N LYS D 466 -10.67 -13.02 24.30
CA LYS D 466 -11.53 -11.88 24.05
C LYS D 466 -12.95 -12.20 24.52
N PRO D 467 -13.68 -11.20 24.99
CA PRO D 467 -15.12 -11.41 25.26
C PRO D 467 -15.85 -11.66 23.96
N ASP D 468 -17.03 -12.28 24.09
CA ASP D 468 -17.80 -12.63 22.90
C ASP D 468 -18.21 -11.40 22.10
N THR D 469 -18.25 -10.22 22.73
CA THR D 469 -18.59 -8.99 22.04
C THR D 469 -17.47 -8.45 21.15
N TYR D 470 -16.26 -8.97 21.27
CA TYR D 470 -15.12 -8.40 20.53
C TYR D 470 -15.31 -8.56 19.03
N ARG D 471 -14.98 -7.50 18.29
CA ARG D 471 -15.22 -7.46 16.86
C ARG D 471 -13.98 -7.72 16.00
N TYR D 472 -12.79 -7.73 16.58
CA TYR D 472 -11.53 -7.90 15.83
C TYR D 472 -11.41 -6.89 14.69
PA NAD E . -7.53 -4.76 22.24
O1A NAD E . -8.37 -4.68 21.03
O2A NAD E . -8.09 -5.73 23.25
O5B NAD E . -5.98 -5.17 21.86
C5B NAD E . -4.94 -5.51 22.81
C4B NAD E . -4.25 -6.70 22.23
O4B NAD E . -3.03 -6.99 22.94
C3B NAD E . -5.09 -7.99 22.26
O3B NAD E . -5.38 -8.44 20.94
C2B NAD E . -4.23 -8.99 23.04
O2B NAD E . -4.29 -10.31 22.52
C1B NAD E . -2.83 -8.39 22.89
N9A NAD E . -1.90 -8.76 23.94
C8A NAD E . -2.15 -8.82 25.29
N7A NAD E . -1.13 -9.21 26.02
C5A NAD E . -0.14 -9.44 25.07
C6A NAD E . 1.20 -9.88 25.20
N6A NAD E . 1.76 -10.23 26.35
N1A NAD E . 1.92 -9.98 24.06
C2A NAD E . 1.35 -9.67 22.90
N3A NAD E . 0.11 -9.26 22.66
C4A NAD E . -0.60 -9.16 23.79
O3 NAD E . -7.39 -3.30 22.87
PN NAD E . -7.16 -1.90 22.14
O1N NAD E . -8.48 -1.28 21.88
O2N NAD E . -6.22 -2.09 21.01
O5D NAD E . -6.41 -1.07 23.28
C5D NAD E . -5.06 -1.39 23.67
C4D NAD E . -4.59 -0.34 24.66
O4D NAD E . -4.44 0.94 23.98
C3D NAD E . -5.52 -0.08 25.84
O3D NAD E . -4.74 0.21 26.98
C2D NAD E . -6.32 1.13 25.36
O2D NAD E . -6.90 1.87 26.44
C1D NAD E . -5.20 1.90 24.65
N1N NAD E . -5.67 2.90 23.66
C2N NAD E . -4.82 3.91 23.37
C3N NAD E . -5.18 4.86 22.43
C7N NAD E . -4.24 5.98 22.09
O7N NAD E . -4.62 6.90 21.35
N7N NAD E . -3.02 5.96 22.63
C4N NAD E . -6.42 4.76 21.82
C5N NAD E . -7.28 3.72 22.14
C6N NAD E . -6.88 2.79 23.08
N9 ADE F . -7.33 10.09 22.66
C8 ADE F . -6.50 9.93 21.58
N7 ADE F . -6.29 11.05 20.91
C5 ADE F . -7.01 12.00 21.61
C6 ADE F . -7.20 13.38 21.41
N6 ADE F . -6.63 14.07 20.41
N1 ADE F . -7.98 14.03 22.30
C2 ADE F . -8.55 13.34 23.30
N3 ADE F . -8.45 12.05 23.58
C4 ADE F . -7.66 11.43 22.69
C01 UHL G . -9.78 -4.66 4.08
C03 UHL G . -10.75 -4.52 6.21
C04 UHL G . -10.25 -4.00 7.56
C05 UHL G . -11.06 -2.79 7.98
C08 UHL G . -12.00 -1.25 9.19
N06 UHL G . -11.76 -2.02 7.16
N07 UHL G . -12.34 -1.05 7.93
N09 UHL G . -12.40 -0.42 10.32
O02 UHL G . -10.05 -3.85 5.19
O10 UHL G . -11.20 -2.33 9.23
K K H . -4.83 16.19 17.46
P PO4 I . 23.16 -4.92 21.77
O1 PO4 I . 22.30 -6.12 21.45
O2 PO4 I . 22.61 -3.72 21.06
O3 PO4 I . 24.59 -5.16 21.34
O4 PO4 I . 23.13 -4.67 23.25
P PO4 J . -16.24 29.14 18.82
O1 PO4 J . -17.48 28.79 19.61
O2 PO4 J . -16.49 28.91 17.36
O3 PO4 J . -15.08 28.31 19.31
O4 PO4 J . -15.90 30.60 19.04
P PO4 K . -9.02 7.30 23.30
O1 PO4 K . -9.43 5.90 23.73
O2 PO4 K . -10.23 8.08 22.85
O3 PO4 K . -8.07 7.22 22.12
O4 PO4 K . -8.33 8.00 24.44
P PO4 L . -31.29 -6.26 11.63
O1 PO4 L . -32.80 -6.38 11.61
O2 PO4 L . -30.68 -7.59 11.99
O3 PO4 L . -30.81 -5.86 10.26
O4 PO4 L . -30.89 -5.22 12.64
P PO4 M . 30.36 15.28 18.02
O1 PO4 M . 30.16 13.78 17.98
O2 PO4 M . 30.55 15.68 19.47
O3 PO4 M . 29.16 16.01 17.49
O4 PO4 M . 31.57 15.65 17.20
C1 GOL N . 13.64 19.19 16.50
O1 GOL N . 13.76 18.51 17.72
C2 GOL N . 12.52 20.27 16.64
O2 GOL N . 11.26 19.70 16.77
C3 GOL N . 12.62 21.17 15.36
O3 GOL N . 13.92 21.64 15.27
PA NAD O . 11.62 17.52 -11.68
O1A NAD O . 12.02 16.08 -11.66
O2A NAD O . 12.08 18.20 -12.97
O5B NAD O . 10.02 17.64 -11.52
C5B NAD O . 9.23 18.82 -11.76
C4B NAD O . 8.04 18.34 -12.53
O4B NAD O . 7.04 19.38 -12.60
C3B NAD O . 8.33 17.92 -13.98
O3B NAD O . 7.99 16.55 -14.18
C2B NAD O . 7.45 18.86 -14.83
O2B NAD O . 6.91 18.20 -15.97
C1B NAD O . 6.38 19.26 -13.84
N9A NAD O . 5.70 20.51 -14.13
C8A NAD O . 6.27 21.68 -14.57
N7A NAD O . 5.40 22.64 -14.78
C5A NAD O . 4.17 22.07 -14.46
C6A NAD O . 2.86 22.56 -14.47
N6A NAD O . 2.54 23.80 -14.85
N1A NAD O . 1.87 21.72 -14.10
C2A NAD O . 2.19 20.47 -13.74
N3A NAD O . 3.39 19.90 -13.68
C4A NAD O . 4.35 20.75 -14.06
O3 NAD O . 12.26 18.26 -10.43
PN NAD O . 12.26 17.78 -8.90
O1N NAD O . 10.99 17.07 -8.65
O2N NAD O . 13.54 17.11 -8.64
O5D NAD O . 12.26 19.18 -8.14
C5D NAD O . 11.07 19.99 -8.09
C4D NAD O . 11.31 21.22 -7.24
O4D NAD O . 11.43 20.86 -5.85
C3D NAD O . 12.58 22.01 -7.57
O3D NAD O . 12.36 23.38 -7.28
C2D NAD O . 13.58 21.41 -6.57
O2D NAD O . 14.68 22.28 -6.32
C1D NAD O . 12.68 21.26 -5.36
N1N NAD O . 13.14 20.27 -4.36
C2N NAD O . 12.66 20.40 -3.11
C3N NAD O . 13.03 19.50 -2.14
C7N NAD O . 12.47 19.63 -0.75
O7N NAD O . 12.94 18.95 0.17
N7N NAD O . 11.54 20.56 -0.54
C4N NAD O . 13.89 18.45 -2.47
C5N NAD O . 14.37 18.34 -3.77
C6N NAD O . 13.98 19.27 -4.70
N9 ADE P . 16.67 19.67 2.09
C8 ADE P . 15.59 18.91 2.46
N7 ADE P . 15.64 18.47 3.69
C5 ADE P . 16.83 18.97 4.17
C6 ADE P . 17.47 18.87 5.44
N6 ADE P . 16.96 18.18 6.47
N1 ADE P . 18.65 19.50 5.58
C2 ADE P . 19.16 20.18 4.56
N3 ADE P . 18.65 20.34 3.33
C4 ADE P . 17.48 19.71 3.21
C1 GOL Q . 36.00 -0.49 -12.84
O1 GOL Q . 35.88 0.23 -11.66
C2 GOL Q . 37.36 -1.22 -12.77
O2 GOL Q . 37.26 -2.55 -13.14
C3 GOL Q . 38.28 -0.42 -13.72
O3 GOL Q . 39.00 -1.37 -14.46
C1 GOL R . 27.79 22.94 21.86
O1 GOL R . 27.47 22.57 23.17
C2 GOL R . 29.25 22.46 21.59
O2 GOL R . 29.34 21.08 21.44
C3 GOL R . 29.69 23.21 20.30
O3 GOL R . 28.71 22.97 19.33
K K S . 15.21 16.48 9.64
P PO4 T . -15.90 27.76 -2.99
O1 PO4 T . -17.29 28.21 -2.62
O2 PO4 T . -15.15 28.94 -3.57
O3 PO4 T . -15.96 26.64 -4.00
O4 PO4 T . -15.20 27.27 -1.75
P PO4 U . 17.38 19.36 -1.18
O1 PO4 U . 16.16 18.60 -0.71
O2 PO4 U . 17.38 19.48 -2.68
O3 PO4 U . 18.60 18.60 -0.73
O4 PO4 U . 17.36 20.73 -0.54
P PO4 V . 28.83 -1.08 -17.51
O1 PO4 V . 27.70 -1.98 -17.11
O2 PO4 V . 28.37 -0.25 -18.70
O3 PO4 V . 30.04 -1.91 -17.91
O4 PO4 V . 29.20 -0.17 -16.37
C01 UHL W . 7.31 6.83 -5.73
C03 UHL W . 8.33 6.37 -7.79
C04 UHL W . 8.82 5.16 -8.57
C05 UHL W . 8.22 5.19 -9.98
C08 UHL W . 7.83 4.80 -12.07
N06 UHL W . 7.17 5.92 -10.33
N07 UHL W . 6.94 5.68 -11.64
N09 UHL W . 7.91 4.29 -13.42
O02 UHL W . 7.43 5.94 -6.80
O10 UHL W . 8.63 4.49 -11.04
PA NAD X . 18.06 -4.56 -15.29
O1A NAD X . 17.39 -3.26 -15.16
O2A NAD X . 19.51 -4.40 -15.72
O5B NAD X . 18.01 -5.37 -13.89
C5B NAD X . 18.69 -6.60 -13.60
C4B NAD X . 19.20 -6.45 -12.19
O4B NAD X . 19.73 -7.69 -11.69
C3B NAD X . 20.32 -5.39 -12.03
O3B NAD X . 19.92 -4.36 -11.13
C2B NAD X . 21.50 -6.21 -11.50
O2B NAD X . 22.29 -5.48 -10.57
C1B NAD X . 20.80 -7.39 -10.84
N9A NAD X . 21.62 -8.58 -10.68
C8A NAD X . 22.51 -9.10 -11.58
N7A NAD X . 23.14 -10.17 -11.14
C5A NAD X . 22.63 -10.36 -9.88
C6A NAD X . 22.88 -11.33 -8.89
N6A NAD X . 23.80 -12.30 -9.00
N1A NAD X . 22.17 -11.25 -7.74
C2A NAD X . 21.30 -10.26 -7.59
N3A NAD X . 20.98 -9.28 -8.45
C4A NAD X . 21.69 -9.39 -9.58
O3 NAD X . 17.27 -5.45 -16.36
PN NAD X . 15.69 -5.67 -16.46
O1N NAD X . 15.14 -5.70 -15.08
O2N NAD X . 15.12 -4.71 -17.44
O5D NAD X . 15.64 -7.12 -17.11
C5D NAD X . 15.98 -8.29 -16.34
C4D NAD X . 15.73 -9.52 -17.17
O4D NAD X . 14.30 -9.70 -17.38
C3D NAD X . 16.35 -9.52 -18.56
O3D NAD X . 16.75 -10.84 -18.91
C2D NAD X . 15.20 -9.06 -19.44
O2D NAD X . 15.34 -9.48 -20.80
C1D NAD X . 14.04 -9.77 -18.75
N1N NAD X . 12.71 -9.19 -19.01
C2N NAD X . 11.65 -10.01 -18.88
C3N NAD X . 10.38 -9.53 -19.13
C7N NAD X . 9.19 -10.45 -18.98
O7N NAD X . 8.07 -10.07 -19.35
N7N NAD X . 9.41 -11.67 -18.52
C4N NAD X . 10.23 -8.20 -19.51
C5N NAD X . 11.34 -7.38 -19.60
C6N NAD X . 12.58 -7.90 -19.35
N9 ADE Y . 6.55 -9.67 -23.33
C8 ADE Y . 5.90 -9.72 -22.13
N7 ADE Y . 4.60 -9.86 -22.22
C5 ADE Y . 4.37 -9.91 -23.58
C6 ADE Y . 3.19 -10.06 -24.35
N6 ADE Y . 1.98 -10.18 -23.81
N1 ADE Y . 3.31 -10.08 -25.70
C2 ADE Y . 4.54 -9.98 -26.23
N3 ADE Y . 5.72 -9.83 -25.61
C4 ADE Y . 5.55 -9.81 -24.28
K K Z . -1.71 -10.52 -21.92
P PO4 AA . 14.95 -28.30 3.79
O1 PO4 AA . 13.80 -28.17 2.82
O2 PO4 AA . 14.68 -29.41 4.76
O3 PO4 AA . 16.20 -28.58 3.00
O4 PO4 AA . 15.12 -26.99 4.53
P PO4 BA . 9.38 -7.95 -23.30
O1 PO4 BA . 8.54 -7.53 -24.49
O2 PO4 BA . 8.58 -7.67 -22.04
O3 PO4 BA . 9.71 -9.42 -23.41
O4 PO4 BA . 10.65 -7.13 -23.25
P PO4 CA . 15.18 20.23 -22.47
O1 PO4 CA . 14.95 19.21 -23.54
O2 PO4 CA . 14.35 19.90 -21.25
O3 PO4 CA . 14.80 21.60 -22.99
O4 PO4 CA . 16.65 20.22 -22.07
P PO4 DA . -9.88 -6.21 -36.57
O1 PO4 DA . -10.93 -7.04 -37.28
O2 PO4 DA . -8.98 -5.54 -37.60
O3 PO4 DA . -9.05 -7.09 -35.69
O4 PO4 DA . -10.58 -5.16 -35.75
S DMS EA . -21.00 -9.28 18.64
O DMS EA . -21.21 -9.36 20.12
C1 DMS EA . -19.68 -10.42 18.14
C2 DMS EA . -20.27 -7.68 18.20
PA NAD FA . -22.08 -8.37 4.55
O1A NAD FA . -23.37 -8.34 5.28
O2A NAD FA . -20.88 -8.29 5.50
O5B NAD FA . -21.89 -7.23 3.46
C5B NAD FA . -22.86 -6.88 2.44
C4B NAD FA . -22.86 -5.38 2.41
O4B NAD FA . -23.65 -4.90 1.30
C3B NAD FA . -23.43 -4.70 3.67
O3B NAD FA . -22.43 -3.92 4.31
C2B NAD FA . -24.62 -3.88 3.15
O2B NAD FA . -24.77 -2.64 3.82
C1B NAD FA . -24.22 -3.67 1.69
N9A NAD FA . -25.33 -3.36 0.80
C8A NAD FA . -26.59 -3.90 0.81
N7A NAD FA . -27.40 -3.40 -0.10
C5A NAD FA . -26.60 -2.47 -0.76
C6A NAD FA . -26.88 -1.60 -1.83
N6A NAD FA . -28.05 -1.54 -2.47
N1A NAD FA . -25.88 -0.79 -2.24
C2A NAD FA . -24.70 -0.85 -1.62
N3A NAD FA . -24.32 -1.64 -0.61
C4A NAD FA . -25.34 -2.43 -0.23
O3 NAD FA . -21.95 -9.75 3.77
PN NAD FA . -20.66 -10.48 3.18
O1N NAD FA . -20.18 -11.46 4.18
O2N NAD FA . -19.73 -9.46 2.66
O5D NAD FA . -21.29 -11.28 1.95
C5D NAD FA . -21.81 -10.61 0.77
C4D NAD FA . -22.24 -11.66 -0.24
O4D NAD FA . -21.08 -12.35 -0.76
C3D NAD FA . -23.17 -12.74 0.30
O3D NAD FA . -24.05 -13.14 -0.75
C2D NAD FA . -22.19 -13.86 0.64
O2D NAD FA . -22.80 -15.15 0.73
C1D NAD FA . -21.24 -13.73 -0.55
N1N NAD FA . -19.90 -14.34 -0.34
C2N NAD FA . -19.20 -14.65 -1.44
C3N NAD FA . -17.94 -15.22 -1.31
C7N NAD FA . -17.14 -15.57 -2.54
O7N NAD FA . -16.12 -16.27 -2.42
N7N NAD FA . -17.61 -15.20 -3.72
C4N NAD FA . -17.41 -15.41 -0.04
C5N NAD FA . -18.16 -15.06 1.07
C6N NAD FA . -19.42 -14.54 0.90
N9 ADE GA . -15.87 -20.40 -1.59
C8 ADE GA . -14.92 -19.51 -2.04
N7 ADE GA . -13.85 -20.08 -2.53
C5 ADE GA . -14.11 -21.43 -2.42
C6 ADE GA . -13.36 -22.58 -2.76
N6 ADE GA . -12.14 -22.53 -3.33
N1 ADE GA . -13.92 -23.80 -2.51
C2 ADE GA . -15.12 -23.84 -1.95
N3 ADE GA . -15.92 -22.84 -1.58
C4 ADE GA . -15.35 -21.65 -1.84
C1 GOL HA . -8.52 -24.65 -12.85
O1 GOL HA . -9.12 -25.68 -12.11
C2 GOL HA . -7.03 -25.00 -13.07
O2 GOL HA . -6.32 -23.90 -13.54
C3 GOL HA . -6.49 -25.51 -11.70
O3 GOL HA . -5.20 -26.05 -11.90
K K IA . -8.63 -22.25 -5.30
P PO4 JA . -21.98 5.50 -22.73
O1 PO4 JA . -23.43 5.09 -22.63
O2 PO4 JA . -21.75 6.24 -24.02
O3 PO4 JA . -21.11 4.27 -22.69
O4 PO4 JA . -21.63 6.39 -21.56
P PO4 KA . -17.75 -19.10 0.81
O1 PO4 KA . -18.45 -19.90 -0.28
O2 PO4 KA . -18.74 -18.24 1.55
O3 PO4 KA . -17.06 -20.04 1.76
O4 PO4 KA . -16.70 -18.22 0.18
P PO4 LA . -13.05 -13.65 28.42
O1 PO4 LA . -13.90 -14.66 27.69
O2 PO4 LA . -13.00 -14.01 29.89
O3 PO4 LA . -13.64 -12.27 28.25
O4 PO4 LA . -11.66 -13.67 27.86
P PO4 MA . -4.00 -38.29 -0.34
O1 PO4 MA . -4.87 -38.89 0.75
O2 PO4 MA . -4.79 -37.25 -1.10
O3 PO4 MA . -3.56 -39.36 -1.31
O4 PO4 MA . -2.77 -37.68 0.29
#